data_4CIW
# 
_entry.id   4CIW 
# 
_audit_conform.dict_name       mmcif_pdbx.dic 
_audit_conform.dict_version    5.383 
_audit_conform.dict_location   http://mmcif.pdb.org/dictionaries/ascii/mmcif_pdbx.dic 
# 
loop_
_database_2.database_id 
_database_2.database_code 
_database_2.pdbx_database_accession 
_database_2.pdbx_DOI 
PDB   4CIW         pdb_00004ciw 10.2210/pdb4ciw/pdb 
PDBE  EBI-59109    ?            ?                   
WWPDB D_1290059109 ?            ?                   
# 
loop_
_pdbx_database_related.db_name 
_pdbx_database_related.db_id 
_pdbx_database_related.content_type 
_pdbx_database_related.details 
PDB 4CIV unspecified 
;CRYSTAL STRUCTURE OF MYCOBACTERIUM TUBERCULOSIS TYPE 2 DEHYDROQUINASE IN COMPLEX WITH (1R,4S,5R)-1,4,5- TRIHYDROXY-3-HYDROXYMETHYLCYCLOHEX-2-ENE-1-CARBOXYLIC ACID
;
PDB 4CIX unspecified 
;CRYSTAL STRUCTURE OF MYCOBACTERIUM TUBERCULOSIS TYPE 2 DEHYDROQUINASE IN COMPLEX WITH(1R,4R,5R)-1,4,5- TRIHYDROXY-3-((1S)-1-HYDROXY-2-PHENYL)ETHYLCYCLOHEX-2 -EN-1-CARBOXYLIC ACID
;
PDB 4CIY unspecified 
;CRYSTAL STRUCTURE OF MYCOBACTERIUM TUBERCULOSIS TYPE 2 DEHYDROQUINASE IN COMPLEX WITH (1R,4R,5R)-1,4,5- TRIHYDROXY-3-((1R)-1-HYDROXY-2-PHENYL)ETHYLCYCLOHEX-2 -EN-1-CARBOXYLIC ACID
;
# 
_pdbx_database_status.status_code                     REL 
_pdbx_database_status.entry_id                        4CIW 
_pdbx_database_status.deposit_site                    PDBE 
_pdbx_database_status.process_site                    PDBE 
_pdbx_database_status.SG_entry                        . 
_pdbx_database_status.recvd_initial_deposition_date   2013-12-17 
_pdbx_database_status.pdb_format_compatible           Y 
_pdbx_database_status.status_code_sf                  REL 
_pdbx_database_status.status_code_mr                  ? 
_pdbx_database_status.status_code_cs                  ? 
_pdbx_database_status.methods_development_category    ? 
_pdbx_database_status.status_code_nmr_data            ? 
# 
loop_
_audit_author.name 
_audit_author.pdbx_ordinal 
_audit_author.identifier_ORCID 
'Otero, J.M.'        1 ? 
'Llamas-Saiz, A.L.'  2 ? 
'Lamb, H.'           3 ? 
'Hawkins, A.R.'      4 ? 
'Blanco, B.'         5 ? 
'Sedes, A.'          6 ? 
'Peon, A.'           7 ? 
'Gonzalez-Bello, C.' 8 ? 
'van Raaij, M.J.'    9 ? 
# 
_citation.id                        primary 
_citation.title                     
'Exploring the water-binding pocket of the type II dehydroquinase enzyme in the structure-based design of inhibitors.' 
_citation.journal_abbrev            'J. Med. Chem.' 
_citation.journal_volume            57 
_citation.page_first                3494 
_citation.page_last                 3510 
_citation.year                      2014 
_citation.journal_id_ASTM           JMCMAR 
_citation.country                   US 
_citation.journal_id_ISSN           1520-4804 
_citation.journal_id_CSD            0151 
_citation.book_publisher            ? 
_citation.pdbx_database_id_PubMed   24689821 
_citation.pdbx_database_id_DOI      10.1021/jm500175z 
# 
loop_
_citation_author.citation_id 
_citation_author.name 
_citation_author.ordinal 
_citation_author.identifier_ORCID 
primary 'Blanco, B.'         1 ? 
primary 'Sedes, A.'          2 ? 
primary 'Peon, A.'           3 ? 
primary 'Otero, J.M.'        4 ? 
primary 'van Raaij, M.J.'    5 ? 
primary 'Thompson, P.'       6 ? 
primary 'Hawkins, A.R.'      7 ? 
primary 'Gonzalez-Bello, C.' 8 ? 
# 
_cell.entry_id           4CIW 
_cell.length_a           126.380 
_cell.length_b           126.380 
_cell.length_c           126.380 
_cell.angle_alpha        90.00 
_cell.angle_beta         90.00 
_cell.angle_gamma        90.00 
_cell.Z_PDB              48 
_cell.pdbx_unique_axis   ? 
# 
_symmetry.entry_id                         4CIW 
_symmetry.space_group_name_H-M             'F 2 3' 
_symmetry.pdbx_full_space_group_name_H-M   ? 
_symmetry.cell_setting                     ? 
_symmetry.Int_Tables_number                196 
# 
loop_
_entity.id 
_entity.type 
_entity.src_method 
_entity.pdbx_description 
_entity.formula_weight 
_entity.pdbx_number_of_molecules 
_entity.pdbx_ec 
_entity.pdbx_mutation 
_entity.pdbx_fragment 
_entity.details 
1 polymer     man '3-DEHYDROQUINATE DEHYDRATASE'                                                   15676.737 1  4.2.1.10 ? ? ? 
2 non-polymer syn 'SULFATE ION'                                                                    96.063    1  ?        ? ? ? 
3 non-polymer syn 'SODIUM ION'                                                                     22.990    3  ?        ? ? ? 
4 non-polymer syn '(1R,4R,5R)-1,4,5-trihydroxy-3-(2-hydroxy)ethylcyclohex-2-ene-1-carboxylic acid' 218.204   1  ?        ? ? ? 
5 water       nat water                                                                            18.015    81 ?        ? ? ? 
# 
_entity_name_com.entity_id   1 
_entity_name_com.name        '3-DEHYDROQUINASE, TYPE II DHQASE' 
# 
_entity_poly.entity_id                      1 
_entity_poly.type                           'polypeptide(L)' 
_entity_poly.nstd_linkage                   no 
_entity_poly.nstd_monomer                   no 
_entity_poly.pdbx_seq_one_letter_code       
;SELIVNVINGPNLGRLGRREPAVYGGTTHDELVALIEREAAELGLKAVVRQSDSEAQLLDWIHQAADAAEPVILNAGGLT
HTSVALRDACAELSAPLIEVHISNVHAREEFRRHSYLSPIATGVIVGLGIQGYLLALRYLAEHVGT
;
_entity_poly.pdbx_seq_one_letter_code_can   
;SELIVNVINGPNLGRLGRREPAVYGGTTHDELVALIEREAAELGLKAVVRQSDSEAQLLDWIHQAADAAEPVILNAGGLT
HTSVALRDACAELSAPLIEVHISNVHAREEFRRHSYLSPIATGVIVGLGIQGYLLALRYLAEHVGT
;
_entity_poly.pdbx_strand_id                 A 
_entity_poly.pdbx_target_identifier         ? 
# 
loop_
_entity_poly_seq.entity_id 
_entity_poly_seq.num 
_entity_poly_seq.mon_id 
_entity_poly_seq.hetero 
1 1   SER n 
1 2   GLU n 
1 3   LEU n 
1 4   ILE n 
1 5   VAL n 
1 6   ASN n 
1 7   VAL n 
1 8   ILE n 
1 9   ASN n 
1 10  GLY n 
1 11  PRO n 
1 12  ASN n 
1 13  LEU n 
1 14  GLY n 
1 15  ARG n 
1 16  LEU n 
1 17  GLY n 
1 18  ARG n 
1 19  ARG n 
1 20  GLU n 
1 21  PRO n 
1 22  ALA n 
1 23  VAL n 
1 24  TYR n 
1 25  GLY n 
1 26  GLY n 
1 27  THR n 
1 28  THR n 
1 29  HIS n 
1 30  ASP n 
1 31  GLU n 
1 32  LEU n 
1 33  VAL n 
1 34  ALA n 
1 35  LEU n 
1 36  ILE n 
1 37  GLU n 
1 38  ARG n 
1 39  GLU n 
1 40  ALA n 
1 41  ALA n 
1 42  GLU n 
1 43  LEU n 
1 44  GLY n 
1 45  LEU n 
1 46  LYS n 
1 47  ALA n 
1 48  VAL n 
1 49  VAL n 
1 50  ARG n 
1 51  GLN n 
1 52  SER n 
1 53  ASP n 
1 54  SER n 
1 55  GLU n 
1 56  ALA n 
1 57  GLN n 
1 58  LEU n 
1 59  LEU n 
1 60  ASP n 
1 61  TRP n 
1 62  ILE n 
1 63  HIS n 
1 64  GLN n 
1 65  ALA n 
1 66  ALA n 
1 67  ASP n 
1 68  ALA n 
1 69  ALA n 
1 70  GLU n 
1 71  PRO n 
1 72  VAL n 
1 73  ILE n 
1 74  LEU n 
1 75  ASN n 
1 76  ALA n 
1 77  GLY n 
1 78  GLY n 
1 79  LEU n 
1 80  THR n 
1 81  HIS n 
1 82  THR n 
1 83  SER n 
1 84  VAL n 
1 85  ALA n 
1 86  LEU n 
1 87  ARG n 
1 88  ASP n 
1 89  ALA n 
1 90  CYS n 
1 91  ALA n 
1 92  GLU n 
1 93  LEU n 
1 94  SER n 
1 95  ALA n 
1 96  PRO n 
1 97  LEU n 
1 98  ILE n 
1 99  GLU n 
1 100 VAL n 
1 101 HIS n 
1 102 ILE n 
1 103 SER n 
1 104 ASN n 
1 105 VAL n 
1 106 HIS n 
1 107 ALA n 
1 108 ARG n 
1 109 GLU n 
1 110 GLU n 
1 111 PHE n 
1 112 ARG n 
1 113 ARG n 
1 114 HIS n 
1 115 SER n 
1 116 TYR n 
1 117 LEU n 
1 118 SER n 
1 119 PRO n 
1 120 ILE n 
1 121 ALA n 
1 122 THR n 
1 123 GLY n 
1 124 VAL n 
1 125 ILE n 
1 126 VAL n 
1 127 GLY n 
1 128 LEU n 
1 129 GLY n 
1 130 ILE n 
1 131 GLN n 
1 132 GLY n 
1 133 TYR n 
1 134 LEU n 
1 135 LEU n 
1 136 ALA n 
1 137 LEU n 
1 138 ARG n 
1 139 TYR n 
1 140 LEU n 
1 141 ALA n 
1 142 GLU n 
1 143 HIS n 
1 144 VAL n 
1 145 GLY n 
1 146 THR n 
# 
_entity_src_gen.entity_id                          1 
_entity_src_gen.pdbx_src_id                        1 
_entity_src_gen.pdbx_alt_source_flag               sample 
_entity_src_gen.pdbx_seq_type                      ? 
_entity_src_gen.pdbx_beg_seq_num                   ? 
_entity_src_gen.pdbx_end_seq_num                   ? 
_entity_src_gen.gene_src_common_name               ? 
_entity_src_gen.gene_src_genus                     ? 
_entity_src_gen.pdbx_gene_src_gene                 ? 
_entity_src_gen.gene_src_species                   ? 
_entity_src_gen.gene_src_strain                    ? 
_entity_src_gen.gene_src_tissue                    ? 
_entity_src_gen.gene_src_tissue_fraction           ? 
_entity_src_gen.gene_src_details                   ? 
_entity_src_gen.pdbx_gene_src_fragment             ? 
_entity_src_gen.pdbx_gene_src_scientific_name      'MYCOBACTERIUM TUBERCULOSIS' 
_entity_src_gen.pdbx_gene_src_ncbi_taxonomy_id     1773 
_entity_src_gen.pdbx_gene_src_variant              ? 
_entity_src_gen.pdbx_gene_src_cell_line            ? 
_entity_src_gen.pdbx_gene_src_atcc                 27294 
_entity_src_gen.pdbx_gene_src_organ                ? 
_entity_src_gen.pdbx_gene_src_organelle            ? 
_entity_src_gen.pdbx_gene_src_cell                 ? 
_entity_src_gen.pdbx_gene_src_cellular_location    ? 
_entity_src_gen.host_org_common_name               ? 
_entity_src_gen.pdbx_host_org_scientific_name      'ESCHERICHIA COLI' 
_entity_src_gen.pdbx_host_org_ncbi_taxonomy_id     83333 
_entity_src_gen.host_org_genus                     ? 
_entity_src_gen.pdbx_host_org_gene                 ? 
_entity_src_gen.pdbx_host_org_organ                ? 
_entity_src_gen.host_org_species                   ? 
_entity_src_gen.pdbx_host_org_tissue               ? 
_entity_src_gen.pdbx_host_org_tissue_fraction      ? 
_entity_src_gen.pdbx_host_org_strain               K-12 
_entity_src_gen.pdbx_host_org_variant              SK3430 
_entity_src_gen.pdbx_host_org_cell_line            ? 
_entity_src_gen.pdbx_host_org_atcc                 ? 
_entity_src_gen.pdbx_host_org_culture_collection   ? 
_entity_src_gen.pdbx_host_org_cell                 ? 
_entity_src_gen.pdbx_host_org_organelle            ? 
_entity_src_gen.pdbx_host_org_cellular_location    ? 
_entity_src_gen.pdbx_host_org_vector_type          PLASMID 
_entity_src_gen.pdbx_host_org_vector               ? 
_entity_src_gen.host_org_details                   ? 
_entity_src_gen.expression_system_id               ? 
_entity_src_gen.plasmid_name                       PKK233-2 
_entity_src_gen.plasmid_details                    ? 
_entity_src_gen.pdbx_description                   ? 
# 
_struct_ref.id                         1 
_struct_ref.db_name                    UNP 
_struct_ref.db_code                    AROQ_MYCTU 
_struct_ref.entity_id                  1 
_struct_ref.pdbx_seq_one_letter_code   ? 
_struct_ref.pdbx_align_begin           ? 
_struct_ref.pdbx_db_accession          P0A4Z6 
_struct_ref.pdbx_db_isoform            ? 
# 
_struct_ref_seq.align_id                      1 
_struct_ref_seq.ref_id                        1 
_struct_ref_seq.pdbx_PDB_id_code              4CIW 
_struct_ref_seq.pdbx_strand_id                A 
_struct_ref_seq.seq_align_beg                 1 
_struct_ref_seq.pdbx_seq_align_beg_ins_code   ? 
_struct_ref_seq.seq_align_end                 146 
_struct_ref_seq.pdbx_seq_align_end_ins_code   ? 
_struct_ref_seq.pdbx_db_accession             P0A4Z6 
_struct_ref_seq.db_align_beg                  2 
_struct_ref_seq.pdbx_db_align_beg_ins_code    ? 
_struct_ref_seq.db_align_end                  147 
_struct_ref_seq.pdbx_db_align_end_ins_code    ? 
_struct_ref_seq.pdbx_auth_seq_align_beg       1 
_struct_ref_seq.pdbx_auth_seq_align_end       146 
# 
loop_
_chem_comp.id 
_chem_comp.type 
_chem_comp.mon_nstd_flag 
_chem_comp.name 
_chem_comp.pdbx_synonyms 
_chem_comp.formula 
_chem_comp.formula_weight 
ALA 'L-peptide linking' y ALANINE                                                                          ? 'C3 H7 N O2'     
89.093  
ARG 'L-peptide linking' y ARGININE                                                                         ? 'C6 H15 N4 O2 1' 
175.209 
ASN 'L-peptide linking' y ASPARAGINE                                                                       ? 'C4 H8 N2 O3'    
132.118 
ASP 'L-peptide linking' y 'ASPARTIC ACID'                                                                  ? 'C4 H7 N O4'     
133.103 
CYS 'L-peptide linking' y CYSTEINE                                                                         ? 'C3 H7 N O2 S'   
121.158 
GLN 'L-peptide linking' y GLUTAMINE                                                                        ? 'C5 H10 N2 O3'   
146.144 
GLU 'L-peptide linking' y 'GLUTAMIC ACID'                                                                  ? 'C5 H9 N O4'     
147.129 
GLY 'peptide linking'   y GLYCINE                                                                          ? 'C2 H5 N O2'     
75.067  
HIS 'L-peptide linking' y HISTIDINE                                                                        ? 'C6 H10 N3 O2 1' 
156.162 
HOH non-polymer         . WATER                                                                            ? 'H2 O'           
18.015  
ILE 'L-peptide linking' y ISOLEUCINE                                                                       ? 'C6 H13 N O2'    
131.173 
LEU 'L-peptide linking' y LEUCINE                                                                          ? 'C6 H13 N O2'    
131.173 
LYS 'L-peptide linking' y LYSINE                                                                           ? 'C6 H15 N2 O2 1' 
147.195 
NA  non-polymer         . 'SODIUM ION'                                                                     ? 'Na 1'           
22.990  
PHE 'L-peptide linking' y PHENYLALANINE                                                                    ? 'C9 H11 N O2'    
165.189 
PRO 'L-peptide linking' y PROLINE                                                                          ? 'C5 H9 N O2'     
115.130 
SER 'L-peptide linking' y SERINE                                                                           ? 'C3 H7 N O3'     
105.093 
SO4 non-polymer         . 'SULFATE ION'                                                                    ? 'O4 S -2'        
96.063  
THR 'L-peptide linking' y THREONINE                                                                        ? 'C4 H9 N O3'     
119.119 
TRP 'L-peptide linking' y TRYPTOPHAN                                                                       ? 'C11 H12 N2 O2'  
204.225 
TYR 'L-peptide linking' y TYROSINE                                                                         ? 'C9 H11 N O3'    
181.189 
VAL 'L-peptide linking' y VALINE                                                                           ? 'C5 H11 N O2'    
117.146 
XH2 non-polymer         . '(1R,4R,5R)-1,4,5-trihydroxy-3-(2-hydroxy)ethylcyclohex-2-ene-1-carboxylic acid' ? 'C9 H14 O6'      
218.204 
# 
_exptl.entry_id          4CIW 
_exptl.method            'X-RAY DIFFRACTION' 
_exptl.crystals_number   1 
# 
_exptl_crystal.id                    1 
_exptl_crystal.density_meas          ? 
_exptl_crystal.density_Matthews      2.8 
_exptl_crystal.density_percent_sol   56 
_exptl_crystal.description           NONE 
# 
_exptl_crystal_grow.crystal_id      1 
_exptl_crystal_grow.method          ? 
_exptl_crystal_grow.temp            ? 
_exptl_crystal_grow.temp_details    ? 
_exptl_crystal_grow.pH              7.5 
_exptl_crystal_grow.pdbx_pH_range   ? 
_exptl_crystal_grow.pdbx_details    
;32% (V/V) 2-METHYL-2, 4-PENTANEDIOL, 0.3 M AMMONIUM SULFATE, 0.1 M 4-(2-HYDROXYETHYL)-PIPERAZINE-1-ETHANESULFONIC ACID SODIUM SALT (HEPES) PH 7.5
;
# 
_diffrn.id                     1 
_diffrn.ambient_temp           100 
_diffrn.ambient_temp_details   ? 
_diffrn.crystal_id             1 
# 
_diffrn_detector.diffrn_id              1 
_diffrn_detector.detector               PIXEL 
_diffrn_detector.type                   'DECTRIS PILATUS 6M' 
_diffrn_detector.pdbx_collection_date   2013-02-08 
_diffrn_detector.details                'PLANE-ELLIPSOIDAL MIRRORS (SI, RH, IR)' 
# 
_diffrn_radiation.diffrn_id                        1 
_diffrn_radiation.wavelength_id                    1 
_diffrn_radiation.pdbx_monochromatic_or_laue_m_l   M 
_diffrn_radiation.monochromator                    'CHANNEL-CUT DOUBLE CRYSTAL MONOCHROMATOR' 
_diffrn_radiation.pdbx_diffrn_protocol             'SINGLE WAVELENGTH' 
_diffrn_radiation.pdbx_scattering_type             x-ray 
# 
_diffrn_radiation_wavelength.id           1 
_diffrn_radiation_wavelength.wavelength   1.00614 
_diffrn_radiation_wavelength.wt           1.0 
# 
_diffrn_source.diffrn_id                   1 
_diffrn_source.source                      SYNCHROTRON 
_diffrn_source.type                        'ALBA BEAMLINE XALOC' 
_diffrn_source.pdbx_synchrotron_site       ALBA 
_diffrn_source.pdbx_synchrotron_beamline   XALOC 
_diffrn_source.pdbx_wavelength             1.00614 
_diffrn_source.pdbx_wavelength_list        ? 
# 
_reflns.pdbx_diffrn_id               1 
_reflns.pdbx_ordinal                 1 
_reflns.entry_id                     4CIW 
_reflns.observed_criterion_sigma_I   -3.0 
_reflns.observed_criterion_sigma_F   ? 
_reflns.d_resolution_low             38.11 
_reflns.d_resolution_high            2.20 
_reflns.number_obs                   8562 
_reflns.number_all                   ? 
_reflns.percent_possible_obs         99.2 
_reflns.pdbx_Rmerge_I_obs            0.09 
_reflns.pdbx_Rsym_value              ? 
_reflns.pdbx_netI_over_sigmaI        11.00 
_reflns.B_iso_Wilson_estimate        17.7 
_reflns.pdbx_redundancy              4.3 
# 
_reflns_shell.pdbx_diffrn_id         1 
_reflns_shell.pdbx_ordinal           1 
_reflns_shell.d_res_high             2.20 
_reflns_shell.d_res_low              2.32 
_reflns_shell.percent_possible_all   95.4 
_reflns_shell.Rmerge_I_obs           0.25 
_reflns_shell.pdbx_Rsym_value        ? 
_reflns_shell.meanI_over_sigI_obs    3.80 
_reflns_shell.pdbx_redundancy        2.6 
# 
_refine.pdbx_refine_id                           'X-RAY DIFFRACTION' 
_refine.entry_id                                 4CIW 
_refine.pdbx_diffrn_id                           1 
_refine.pdbx_TLS_residual_ADP_flag               ? 
_refine.ls_number_reflns_obs                     8152 
_refine.ls_number_reflns_all                     ? 
_refine.pdbx_ls_sigma_I                          ? 
_refine.pdbx_ls_sigma_F                          . 
_refine.pdbx_data_cutoff_high_absF               ? 
_refine.pdbx_data_cutoff_low_absF                ? 
_refine.pdbx_data_cutoff_high_rms_absF           ? 
_refine.ls_d_res_low                             38.13 
_refine.ls_d_res_high                            2.20 
_refine.ls_percent_reflns_obs                    99.11 
_refine.ls_R_factor_obs                          0.14416 
_refine.ls_R_factor_all                          ? 
_refine.ls_R_factor_R_work                       0.14177 
_refine.ls_R_factor_R_free                       0.19227 
_refine.ls_R_factor_R_free_error                 ? 
_refine.ls_R_factor_R_free_error_details         ? 
_refine.ls_percent_reflns_R_free                 4.8 
_refine.ls_number_reflns_R_free                  409 
_refine.ls_number_parameters                     ? 
_refine.ls_number_restraints                     ? 
_refine.occupancy_min                            ? 
_refine.occupancy_max                            ? 
_refine.correlation_coeff_Fo_to_Fc               0.963 
_refine.correlation_coeff_Fo_to_Fc_free          0.924 
_refine.B_iso_mean                               23.361 
_refine.aniso_B[1][1]                            0.00 
_refine.aniso_B[2][2]                            0.00 
_refine.aniso_B[3][3]                            0.00 
_refine.aniso_B[1][2]                            0.00 
_refine.aniso_B[1][3]                            0.00 
_refine.aniso_B[2][3]                            0.00 
_refine.solvent_model_details                    MASK 
_refine.solvent_model_param_ksol                 ? 
_refine.solvent_model_param_bsol                 ? 
_refine.pdbx_solvent_vdw_probe_radii             1.20 
_refine.pdbx_solvent_ion_probe_radii             0.80 
_refine.pdbx_solvent_shrinkage_radii             0.80 
_refine.pdbx_ls_cross_valid_method               THROUGHOUT 
_refine.details                                  
;HYDROGENS HAVE BEEN ADDED IN THE RIDING POSITIONS. U VALUES ARE REFINED INDIVIDUALLY. INHIBITOR INCLUDED IN ENZYME ACTIVE SITE BY SOAKING OF APO- CRYSTALS IN INHIBITOR SOLUTION
;
_refine.pdbx_starting_model                      'PDB ENTRY 2Y71' 
_refine.pdbx_method_to_determine_struct          'MOLECULAR REPLACEMENT' 
_refine.pdbx_isotropic_thermal_model             ? 
_refine.pdbx_stereochemistry_target_values       'MAXIMUM LIKELIHOOD' 
_refine.pdbx_stereochem_target_val_spec_case     ? 
_refine.pdbx_R_Free_selection_details            RANDOM 
_refine.pdbx_overall_ESU_R                       0.189 
_refine.pdbx_overall_ESU_R_Free                  0.165 
_refine.overall_SU_ML                            0.112 
_refine.pdbx_overall_phase_error                 ? 
_refine.overall_SU_B                             4.383 
_refine.overall_SU_R_Cruickshank_DPI             ? 
_refine.pdbx_overall_SU_R_free_Cruickshank_DPI   ? 
_refine.pdbx_overall_SU_R_Blow_DPI               ? 
_refine.pdbx_overall_SU_R_free_Blow_DPI          ? 
# 
_refine_hist.pdbx_refine_id                   'X-RAY DIFFRACTION' 
_refine_hist.cycle_id                         LAST 
_refine_hist.pdbx_number_atoms_protein        1071 
_refine_hist.pdbx_number_atoms_nucleic_acid   0 
_refine_hist.pdbx_number_atoms_ligand         23 
_refine_hist.number_atoms_solvent             81 
_refine_hist.number_atoms_total               1175 
_refine_hist.d_res_high                       2.20 
_refine_hist.d_res_low                        38.13 
# 
loop_
_refine_ls_restr.type 
_refine_ls_restr.dev_ideal 
_refine_ls_restr.dev_ideal_target 
_refine_ls_restr.weight 
_refine_ls_restr.number 
_refine_ls_restr.pdbx_refine_id 
_refine_ls_restr.pdbx_restraint_function 
r_bond_refined_d             0.013  0.019  ? 1127 'X-RAY DIFFRACTION' ? 
r_bond_other_d               0.003  0.020  ? 1108 'X-RAY DIFFRACTION' ? 
r_angle_refined_deg          1.517  1.979  ? 1540 'X-RAY DIFFRACTION' ? 
r_angle_other_deg            0.896  3.003  ? 2533 'X-RAY DIFFRACTION' ? 
r_dihedral_angle_1_deg       6.222  5.000  ? 142  'X-RAY DIFFRACTION' ? 
r_dihedral_angle_2_deg       32.459 23.529 ? 51   'X-RAY DIFFRACTION' ? 
r_dihedral_angle_3_deg       12.727 15.000 ? 181  'X-RAY DIFFRACTION' ? 
r_dihedral_angle_4_deg       13.328 15.000 ? 10   'X-RAY DIFFRACTION' ? 
r_chiral_restr               0.087  0.200  ? 186  'X-RAY DIFFRACTION' ? 
r_gen_planes_refined         0.006  0.021  ? 1274 'X-RAY DIFFRACTION' ? 
r_gen_planes_other           0.001  0.020  ? 252  'X-RAY DIFFRACTION' ? 
r_nbd_refined                0.263  0.200  ? 284  'X-RAY DIFFRACTION' ? 
r_nbd_other                  0.178  0.200  ? 1047 'X-RAY DIFFRACTION' ? 
r_nbtor_refined              0.170  0.200  ? 547  'X-RAY DIFFRACTION' ? 
r_nbtor_other                0.083  0.200  ? 668  'X-RAY DIFFRACTION' ? 
r_xyhbond_nbd_refined        0.200  0.200  ? 25   'X-RAY DIFFRACTION' ? 
r_xyhbond_nbd_other          0.070  0.200  ? 1    'X-RAY DIFFRACTION' ? 
r_metal_ion_refined          ?      ?      ? ?    'X-RAY DIFFRACTION' ? 
r_metal_ion_other            ?      ?      ? ?    'X-RAY DIFFRACTION' ? 
r_symmetry_vdw_refined       0.342  0.200  ? 25   'X-RAY DIFFRACTION' ? 
r_symmetry_vdw_other         0.210  0.200  ? 46   'X-RAY DIFFRACTION' ? 
r_symmetry_hbond_refined     0.171  0.200  ? 9    'X-RAY DIFFRACTION' ? 
r_symmetry_hbond_other       ?      ?      ? ?    'X-RAY DIFFRACTION' ? 
r_symmetry_metal_ion_refined ?      ?      ? ?    'X-RAY DIFFRACTION' ? 
r_symmetry_metal_ion_other   ?      ?      ? ?    'X-RAY DIFFRACTION' ? 
r_mcbond_it                  1.955  2.322  ? 1127 'X-RAY DIFFRACTION' ? 
r_mcbond_other               0.362  2.319  ? 1108 'X-RAY DIFFRACTION' ? 
r_mcangle_it                 3.193  3.436  ? 1539 'X-RAY DIFFRACTION' ? 
r_mcangle_other              ?      ?      ? ?    'X-RAY DIFFRACTION' ? 
r_scbond_it                  4.770  23.345 ? 1965 'X-RAY DIFFRACTION' ? 
r_scbond_other               ?      ?      ? ?    'X-RAY DIFFRACTION' ? 
r_scangle_it                 1.514  3.461  ? 2533 'X-RAY DIFFRACTION' ? 
r_scangle_other              ?      ?      ? ?    'X-RAY DIFFRACTION' ? 
r_long_range_B_refined       ?      ?      ? ?    'X-RAY DIFFRACTION' ? 
r_long_range_B_other         ?      ?      ? ?    'X-RAY DIFFRACTION' ? 
r_rigid_bond_restr           ?      ?      ? ?    'X-RAY DIFFRACTION' ? 
r_sphericity_free            ?      ?      ? ?    'X-RAY DIFFRACTION' ? 
r_sphericity_bonded          ?      ?      ? ?    'X-RAY DIFFRACTION' ? 
# 
_refine_ls_shell.pdbx_refine_id                   'X-RAY DIFFRACTION' 
_refine_ls_shell.pdbx_total_number_of_bins_used   10 
_refine_ls_shell.d_res_high                       2.200 
_refine_ls_shell.d_res_low                        2.319 
_refine_ls_shell.number_reflns_R_work             1122 
_refine_ls_shell.R_factor_R_work                  0.181 
_refine_ls_shell.percent_reflns_obs               95.06 
_refine_ls_shell.R_factor_R_free                  0.296 
_refine_ls_shell.R_factor_R_free_error            ? 
_refine_ls_shell.percent_reflns_R_free            ? 
_refine_ls_shell.number_reflns_R_free             72 
_refine_ls_shell.number_reflns_all                ? 
_refine_ls_shell.R_factor_all                     ? 
# 
_struct.entry_id                  4CIW 
_struct.title                     
;Crystal structure of Mycobacterium tuberculosis type 2 dehydroquinase in complex with (1R,4R,5R)-1,4,5-trihydroxy-3-(2-hydroxy)ethylcyclohex-2-ene-1-carboxylic acid
;
_struct.pdbx_model_details        ? 
_struct.pdbx_CASP_flag            ? 
_struct.pdbx_model_type_details   ? 
# 
_struct_keywords.entry_id        4CIW 
_struct_keywords.pdbx_keywords   LYASE 
_struct_keywords.text            
'BACTERIAL PROTEINS, LYASE, INHIBITOR, PROTEIN BINDING, SHIKIMIS ACID PATHWAY, SUBSTRATE SPECIFICITY' 
# 
loop_
_struct_asym.id 
_struct_asym.pdbx_blank_PDB_chainid_flag 
_struct_asym.pdbx_modified 
_struct_asym.entity_id 
_struct_asym.details 
A N N 1 ? 
B N N 2 ? 
C N N 3 ? 
D N N 3 ? 
E N N 3 ? 
F N N 4 ? 
G N N 5 ? 
# 
loop_
_struct_conf.conf_type_id 
_struct_conf.id 
_struct_conf.pdbx_PDB_helix_id 
_struct_conf.beg_label_comp_id 
_struct_conf.beg_label_asym_id 
_struct_conf.beg_label_seq_id 
_struct_conf.pdbx_beg_PDB_ins_code 
_struct_conf.end_label_comp_id 
_struct_conf.end_label_asym_id 
_struct_conf.end_label_seq_id 
_struct_conf.pdbx_end_PDB_ins_code 
_struct_conf.beg_auth_comp_id 
_struct_conf.beg_auth_asym_id 
_struct_conf.beg_auth_seq_id 
_struct_conf.end_auth_comp_id 
_struct_conf.end_auth_asym_id 
_struct_conf.end_auth_seq_id 
_struct_conf.pdbx_PDB_helix_class 
_struct_conf.details 
_struct_conf.pdbx_PDB_helix_length 
HELX_P HELX_P1  1  ASN A 12  ? LEU A 16  ? ASN A 12  LEU A 16  5 ? 5  
HELX_P HELX_P2  2  GLU A 20  ? GLY A 25  ? GLU A 20  GLY A 25  1 ? 6  
HELX_P HELX_P3  3  THR A 28  ? LEU A 43  ? THR A 28  LEU A 43  1 ? 16 
HELX_P HELX_P4  4  SER A 54  ? ALA A 69  ? SER A 54  ALA A 69  1 ? 16 
HELX_P HELX_P5  5  ALA A 76  ? THR A 82  ? ALA A 76  THR A 82  5 ? 7  
HELX_P HELX_P6  6  SER A 83  ? ALA A 91  ? SER A 83  ALA A 91  1 ? 9  
HELX_P HELX_P7  7  ASN A 104 ? ARG A 108 ? ASN A 104 ARG A 108 5 ? 5  
HELX_P HELX_P8  8  GLU A 109 ? HIS A 114 ? GLU A 109 HIS A 114 5 ? 6  
HELX_P HELX_P9  9  LEU A 117 ? ALA A 121 ? LEU A 117 ALA A 121 5 ? 5  
HELX_P HELX_P10 10 ILE A 130 ? HIS A 143 ? ILE A 130 HIS A 143 1 ? 14 
# 
_struct_conf_type.id          HELX_P 
_struct_conf_type.criteria    ? 
_struct_conf_type.reference   ? 
# 
loop_
_struct_conn.id 
_struct_conn.conn_type_id 
_struct_conn.pdbx_leaving_atom_flag 
_struct_conn.pdbx_PDB_id 
_struct_conn.ptnr1_label_asym_id 
_struct_conn.ptnr1_label_comp_id 
_struct_conn.ptnr1_label_seq_id 
_struct_conn.ptnr1_label_atom_id 
_struct_conn.pdbx_ptnr1_label_alt_id 
_struct_conn.pdbx_ptnr1_PDB_ins_code 
_struct_conn.pdbx_ptnr1_standard_comp_id 
_struct_conn.ptnr1_symmetry 
_struct_conn.ptnr2_label_asym_id 
_struct_conn.ptnr2_label_comp_id 
_struct_conn.ptnr2_label_seq_id 
_struct_conn.ptnr2_label_atom_id 
_struct_conn.pdbx_ptnr2_label_alt_id 
_struct_conn.pdbx_ptnr2_PDB_ins_code 
_struct_conn.ptnr1_auth_asym_id 
_struct_conn.ptnr1_auth_comp_id 
_struct_conn.ptnr1_auth_seq_id 
_struct_conn.ptnr2_auth_asym_id 
_struct_conn.ptnr2_auth_comp_id 
_struct_conn.ptnr2_auth_seq_id 
_struct_conn.ptnr2_symmetry 
_struct_conn.pdbx_ptnr3_label_atom_id 
_struct_conn.pdbx_ptnr3_label_seq_id 
_struct_conn.pdbx_ptnr3_label_comp_id 
_struct_conn.pdbx_ptnr3_label_asym_id 
_struct_conn.pdbx_ptnr3_label_alt_id 
_struct_conn.pdbx_ptnr3_PDB_ins_code 
_struct_conn.details 
_struct_conn.pdbx_dist_value 
_struct_conn.pdbx_value_order 
_struct_conn.pdbx_role 
metalc1 metalc ? ? A ASN 6   OD1 ? ? ? 1_555 C NA  . NA ? ? A ASN 6    A NA  1145 1_555 ? ? ? ? ? ? ? 2.751 ? ? 
metalc2 metalc ? ? A GLU 70  OE1 ? ? ? 1_555 C NA  . NA ? ? A GLU 70   A NA  1145 1_555 ? ? ? ? ? ? ? 2.814 ? ? 
metalc3 metalc ? ? A LEU 128 O   ? ? ? 1_555 D NA  . NA ? ? A LEU 128  A NA  1146 1_555 ? ? ? ? ? ? ? 3.037 ? ? 
metalc4 metalc ? ? C NA  .   NA  ? ? ? 1_555 G HOH . O  ? ? A NA  1145 A HOH 2024 1_555 ? ? ? ? ? ? ? 2.541 ? ? 
metalc5 metalc ? ? C NA  .   NA  ? ? ? 1_555 G HOH . O  ? ? A NA  1145 A HOH 2038 1_555 ? ? ? ? ? ? ? 3.022 ? ? 
metalc6 metalc ? ? C NA  .   NA  ? ? ? 1_555 G HOH . O  ? ? A NA  1145 A HOH 2080 1_555 ? ? ? ? ? ? ? 2.742 ? ? 
metalc7 metalc ? ? E NA  .   NA  ? ? ? 1_555 G HOH . O  ? ? A NA  1147 A HOH 2051 1_555 ? ? ? ? ? ? ? 3.080 ? ? 
# 
_struct_conn_type.id          metalc 
_struct_conn_type.criteria    ? 
_struct_conn_type.reference   ? 
# 
_struct_sheet.id               AA 
_struct_sheet.type             ? 
_struct_sheet.number_strands   5 
_struct_sheet.details          ? 
# 
loop_
_struct_sheet_order.sheet_id 
_struct_sheet_order.range_id_1 
_struct_sheet_order.range_id_2 
_struct_sheet_order.offset 
_struct_sheet_order.sense 
AA 1 2 ? parallel 
AA 2 3 ? parallel 
AA 3 4 ? parallel 
AA 4 5 ? parallel 
# 
loop_
_struct_sheet_range.sheet_id 
_struct_sheet_range.id 
_struct_sheet_range.beg_label_comp_id 
_struct_sheet_range.beg_label_asym_id 
_struct_sheet_range.beg_label_seq_id 
_struct_sheet_range.pdbx_beg_PDB_ins_code 
_struct_sheet_range.end_label_comp_id 
_struct_sheet_range.end_label_asym_id 
_struct_sheet_range.end_label_seq_id 
_struct_sheet_range.pdbx_end_PDB_ins_code 
_struct_sheet_range.beg_auth_comp_id 
_struct_sheet_range.beg_auth_asym_id 
_struct_sheet_range.beg_auth_seq_id 
_struct_sheet_range.end_auth_comp_id 
_struct_sheet_range.end_auth_asym_id 
_struct_sheet_range.end_auth_seq_id 
AA 1 LYS A 46  ? GLN A 51  ? LYS A 46  GLN A 51  
AA 2 ILE A 4   ? ASN A 9   ? ILE A 4   ASN A 9   
AA 3 VAL A 72  ? ASN A 75  ? VAL A 72  ASN A 75  
AA 4 LEU A 97  ? HIS A 101 ? LEU A 97  HIS A 101 
AA 5 GLY A 123 ? VAL A 126 ? GLY A 123 VAL A 126 
# 
loop_
_pdbx_struct_sheet_hbond.sheet_id 
_pdbx_struct_sheet_hbond.range_id_1 
_pdbx_struct_sheet_hbond.range_id_2 
_pdbx_struct_sheet_hbond.range_1_label_atom_id 
_pdbx_struct_sheet_hbond.range_1_label_comp_id 
_pdbx_struct_sheet_hbond.range_1_label_asym_id 
_pdbx_struct_sheet_hbond.range_1_label_seq_id 
_pdbx_struct_sheet_hbond.range_1_PDB_ins_code 
_pdbx_struct_sheet_hbond.range_1_auth_atom_id 
_pdbx_struct_sheet_hbond.range_1_auth_comp_id 
_pdbx_struct_sheet_hbond.range_1_auth_asym_id 
_pdbx_struct_sheet_hbond.range_1_auth_seq_id 
_pdbx_struct_sheet_hbond.range_2_label_atom_id 
_pdbx_struct_sheet_hbond.range_2_label_comp_id 
_pdbx_struct_sheet_hbond.range_2_label_asym_id 
_pdbx_struct_sheet_hbond.range_2_label_seq_id 
_pdbx_struct_sheet_hbond.range_2_PDB_ins_code 
_pdbx_struct_sheet_hbond.range_2_auth_atom_id 
_pdbx_struct_sheet_hbond.range_2_auth_comp_id 
_pdbx_struct_sheet_hbond.range_2_auth_asym_id 
_pdbx_struct_sheet_hbond.range_2_auth_seq_id 
AA 1 2 N VAL A 48 ? N VAL A 48 O VAL A 5   ? O VAL A 5   
AA 2 3 N ILE A 8  ? N ILE A 8  O ILE A 73  ? O ILE A 73  
AA 3 4 N LEU A 74 ? N LEU A 74 O ILE A 98  ? O ILE A 98  
AA 4 5 N GLU A 99 ? N GLU A 99 O GLY A 123 ? O GLY A 123 
# 
loop_
_struct_site.id 
_struct_site.pdbx_evidence_code 
_struct_site.pdbx_auth_asym_id 
_struct_site.pdbx_auth_comp_id 
_struct_site.pdbx_auth_seq_id 
_struct_site.pdbx_auth_ins_code 
_struct_site.pdbx_num_residues 
_struct_site.details 
AC1 Software A SO4 1144 ? 8  'BINDING SITE FOR RESIDUE SO4 A 1144' 
AC2 Software A NA  1145 ? 5  'BINDING SITE FOR RESIDUE NA A 1145'  
AC3 Software A NA  1146 ? 3  'BINDING SITE FOR RESIDUE NA A 1146'  
AC4 Software A NA  1147 ? 4  'BINDING SITE FOR RESIDUE NA A 1147'  
AC5 Software A XH2 1148 ? 11 'BINDING SITE FOR RESIDUE XH2 A 1148' 
# 
loop_
_struct_site_gen.id 
_struct_site_gen.site_id 
_struct_site_gen.pdbx_num_res 
_struct_site_gen.label_comp_id 
_struct_site_gen.label_asym_id 
_struct_site_gen.label_seq_id 
_struct_site_gen.pdbx_auth_ins_code 
_struct_site_gen.auth_comp_id 
_struct_site_gen.auth_asym_id 
_struct_site_gen.auth_seq_id 
_struct_site_gen.label_atom_id 
_struct_site_gen.label_alt_id 
_struct_site_gen.symmetry 
_struct_site_gen.details 
1  AC1 8  SER A 54  ? SER A 54   . ? 9_555 ? 
2  AC1 8  SER A 54  ? SER A 54   . ? 1_555 ? 
3  AC1 8  SER A 54  ? SER A 54   . ? 5_555 ? 
4  AC1 8  HOH G .   ? HOH A 2032 . ? 5_555 ? 
5  AC1 8  HOH G .   ? HOH A 2032 . ? 9_555 ? 
6  AC1 8  HOH G .   ? HOH A 2078 . ? 9_555 ? 
7  AC1 8  HOH G .   ? HOH A 2078 . ? 5_555 ? 
8  AC1 8  HOH G .   ? HOH A 2078 . ? 1_555 ? 
9  AC2 5  ASN A 6   ? ASN A 6    . ? 1_555 ? 
10 AC2 5  GLU A 70  ? GLU A 70   . ? 1_555 ? 
11 AC2 5  HOH G .   ? HOH A 2024 . ? 1_555 ? 
12 AC2 5  HOH G .   ? HOH A 2038 . ? 1_555 ? 
13 AC2 5  HOH G .   ? HOH A 2080 . ? 1_555 ? 
14 AC3 3  LEU A 128 ? LEU A 128  . ? 1_555 ? 
15 AC3 3  ILE A 130 ? ILE A 130  . ? 1_555 ? 
16 AC3 3  GLN A 131 ? GLN A 131  . ? 1_555 ? 
17 AC4 4  ARG A 87  ? ARG A 87   . ? 1_555 ? 
18 AC4 4  ARG A 113 ? ARG A 113  . ? 2_555 ? 
19 AC4 4  HIS A 114 ? HIS A 114  . ? 1_555 ? 
20 AC4 4  HOH G .   ? HOH A 2051 . ? 1_555 ? 
21 AC5 11 ASN A 12  ? ASN A 12   . ? 1_555 ? 
22 AC5 11 TYR A 24  ? TYR A 24   . ? 1_555 ? 
23 AC5 11 ASN A 75  ? ASN A 75   . ? 1_555 ? 
24 AC5 11 GLY A 77  ? GLY A 77   . ? 1_555 ? 
25 AC5 11 GLY A 78  ? GLY A 78   . ? 1_555 ? 
26 AC5 11 HIS A 81  ? HIS A 81   . ? 1_555 ? 
27 AC5 11 ASP A 88  ? ASP A 88   . ? 9_555 ? 
28 AC5 11 HIS A 101 ? HIS A 101  . ? 1_555 ? 
29 AC5 11 ILE A 102 ? ILE A 102  . ? 1_555 ? 
30 AC5 11 SER A 103 ? SER A 103  . ? 1_555 ? 
31 AC5 11 ARG A 112 ? ARG A 112  . ? 1_555 ? 
# 
_atom_sites.entry_id                    4CIW 
_atom_sites.fract_transf_matrix[1][1]   -0.00700716 
_atom_sites.fract_transf_matrix[1][2]   0.00343396 
_atom_sites.fract_transf_matrix[1][3]   0.00131267 
_atom_sites.fract_transf_matrix[2][1]   0.00142327 
_atom_sites.fract_transf_matrix[2][2]   0.00513907 
_atom_sites.fract_transf_matrix[2][3]   -0.00584635 
_atom_sites.fract_transf_matrix[3][1]   -0.00338962 
_atom_sites.fract_transf_matrix[3][2]   -0.00494099 
_atom_sites.fract_transf_matrix[3][3]   -0.00516843 
_atom_sites.fract_transf_vector[1]      0.066680 
_atom_sites.fract_transf_vector[2]      0.063427 
_atom_sites.fract_transf_vector[3]      0.238821 
# 
loop_
_atom_type.symbol 
C  
N  
NA 
O  
S  
# 
loop_
_atom_site.group_PDB 
_atom_site.id 
_atom_site.type_symbol 
_atom_site.label_atom_id 
_atom_site.label_alt_id 
_atom_site.label_comp_id 
_atom_site.label_asym_id 
_atom_site.label_entity_id 
_atom_site.label_seq_id 
_atom_site.pdbx_PDB_ins_code 
_atom_site.Cartn_x 
_atom_site.Cartn_y 
_atom_site.Cartn_z 
_atom_site.occupancy 
_atom_site.B_iso_or_equiv 
_atom_site.pdbx_formal_charge 
_atom_site.auth_seq_id 
_atom_site.auth_comp_id 
_atom_site.auth_asym_id 
_atom_site.auth_atom_id 
_atom_site.pdbx_PDB_model_num 
ATOM   1    N  N   . LEU A 1 3   ? -14.002 -9.986  -0.944  1.00 30.15 ? 3    LEU A N   1 
ATOM   2    C  CA  . LEU A 1 3   ? -14.283 -9.615  -2.371  1.00 29.05 ? 3    LEU A CA  1 
ATOM   3    C  C   . LEU A 1 3   ? -13.565 -8.353  -2.919  1.00 26.66 ? 3    LEU A C   1 
ATOM   4    O  O   . LEU A 1 3   ? -12.784 -8.460  -3.845  1.00 27.89 ? 3    LEU A O   1 
ATOM   5    C  CB  . LEU A 1 3   ? -15.773 -9.452  -2.577  1.00 32.17 ? 3    LEU A CB  1 
ATOM   6    C  CG  . LEU A 1 3   ? -16.129 -9.041  -4.011  1.00 36.00 ? 3    LEU A CG  1 
ATOM   7    C  CD1 . LEU A 1 3   ? -15.503 -9.955  -5.079  1.00 34.42 ? 3    LEU A CD1 1 
ATOM   8    C  CD2 . LEU A 1 3   ? -17.657 -8.954  -4.132  1.00 36.08 ? 3    LEU A CD2 1 
ATOM   9    N  N   . ILE A 1 4   ? -13.871 -7.166  -2.389  1.00 23.44 ? 4    ILE A N   1 
ATOM   10   C  CA  . ILE A 1 4   ? -13.233 -5.920  -2.834  1.00 21.84 ? 4    ILE A CA  1 
ATOM   11   C  C   . ILE A 1 4   ? -12.048 -5.561  -1.944  1.00 19.35 ? 4    ILE A C   1 
ATOM   12   O  O   . ILE A 1 4   ? -12.170 -5.544  -0.726  1.00 17.99 ? 4    ILE A O   1 
ATOM   13   C  CB  . ILE A 1 4   ? -14.209 -4.729  -2.823  1.00 22.82 ? 4    ILE A CB  1 
ATOM   14   C  CG1 . ILE A 1 4   ? -15.317 -4.949  -3.841  1.00 23.29 ? 4    ILE A CG1 1 
ATOM   15   C  CG2 . ILE A 1 4   ? -13.498 -3.415  -3.169  1.00 22.38 ? 4    ILE A CG2 1 
ATOM   16   C  CD1 . ILE A 1 4   ? -16.437 -3.945  -3.722  1.00 24.46 ? 4    ILE A CD1 1 
ATOM   17   N  N   . VAL A 1 5   ? -10.933 -5.221  -2.566  1.00 18.06 ? 5    VAL A N   1 
ATOM   18   C  CA  . VAL A 1 5   ? -9.736  -4.819  -1.832  1.00 17.79 ? 5    VAL A CA  1 
ATOM   19   C  C   . VAL A 1 5   ? -9.286  -3.483  -2.375  1.00 17.26 ? 5    VAL A C   1 
ATOM   20   O  O   . VAL A 1 5   ? -9.196  -3.320  -3.589  1.00 16.12 ? 5    VAL A O   1 
ATOM   21   C  CB  . VAL A 1 5   ? -8.615  -5.831  -2.045  1.00 17.75 ? 5    VAL A CB  1 
ATOM   22   C  CG1 . VAL A 1 5   ? -7.352  -5.351  -1.368  1.00 18.93 ? 5    VAL A CG1 1 
ATOM   23   C  CG2 . VAL A 1 5   ? -9.027  -7.194  -1.497  1.00 18.58 ? 5    VAL A CG2 1 
ATOM   24   N  N   . ASN A 1 6   ? -8.985  -2.547  -1.482  1.00 16.29 ? 6    ASN A N   1 
ATOM   25   C  CA  . ASN A 1 6   ? -8.432  -1.245  -1.876  1.00 16.96 ? 6    ASN A CA  1 
ATOM   26   C  C   . ASN A 1 6   ? -6.931  -1.210  -1.778  1.00 16.45 ? 6    ASN A C   1 
ATOM   27   O  O   . ASN A 1 6   ? -6.386  -1.508  -0.733  1.00 19.60 ? 6    ASN A O   1 
ATOM   28   C  CB  . ASN A 1 6   ? -8.991  -0.186  -0.961  1.00 18.21 ? 6    ASN A CB  1 
ATOM   29   C  CG  . ASN A 1 6   ? -10.497 -0.090  -1.072  1.00 18.91 ? 6    ASN A CG  1 
ATOM   30   O  OD1 . ASN A 1 6   ? -11.013 0.301   -2.111  1.00 19.79 ? 6    ASN A OD1 1 
ATOM   31   N  ND2 . ASN A 1 6   ? -11.205 -0.509  -0.036  1.00 18.22 ? 6    ASN A ND2 1 
ATOM   32   N  N   . VAL A 1 7   ? -6.268  -0.852  -2.862  1.00 15.50 ? 7    VAL A N   1 
ATOM   33   C  CA  . VAL A 1 7   ? -4.858  -0.641  -2.854  1.00 15.71 ? 7    VAL A CA  1 
ATOM   34   C  C   . VAL A 1 7   ? -4.643  0.861   -2.990  1.00 15.68 ? 7    VAL A C   1 
ATOM   35   O  O   . VAL A 1 7   ? -5.091  1.497   -3.952  1.00 14.94 ? 7    VAL A O   1 
ATOM   36   C  CB  . VAL A 1 7   ? -4.125  -1.428  -3.952  1.00 16.49 ? 7    VAL A CB  1 
ATOM   37   C  CG1 . VAL A 1 7   ? -2.635  -1.181  -3.850  1.00 17.28 ? 7    VAL A CG1 1 
ATOM   38   C  CG2 . VAL A 1 7   ? -4.405  -2.925  -3.834  1.00 16.74 ? 7    VAL A CG2 1 
ATOM   39   N  N   . ILE A 1 8   ? -4.000  1.423   -1.971  1.00 15.10 ? 8    ILE A N   1 
ATOM   40   C  CA  . ILE A 1 8   ? -3.811  2.839   -1.860  1.00 14.88 ? 8    ILE A CA  1 
ATOM   41   C  C   . ILE A 1 8   ? -2.330  3.149   -1.793  1.00 14.61 ? 8    ILE A C   1 
ATOM   42   O  O   . ILE A 1 8   ? -1.628  2.684   -0.876  1.00 16.08 ? 8    ILE A O   1 
ATOM   43   C  CB  . ILE A 1 8   ? -4.532  3.392   -0.622  1.00 15.12 ? 8    ILE A CB  1 
ATOM   44   C  CG1 . ILE A 1 8   ? -6.031  3.180   -0.793  1.00 17.04 ? 8    ILE A CG1 1 
ATOM   45   C  CG2 . ILE A 1 8   ? -4.250  4.876   -0.469  1.00 14.99 ? 8    ILE A CG2 1 
ATOM   46   C  CD1 . ILE A 1 8   ? -6.797  3.272   0.475   1.00 17.89 ? 8    ILE A CD1 1 
ATOM   47   N  N   . ASN A 1 9   ? -1.870  3.917   -2.776  1.00 14.03 ? 9    ASN A N   1 
ATOM   48   C  CA  . ASN A 1 9   ? -0.507  4.385   -2.866  1.00 14.59 ? 9    ASN A CA  1 
ATOM   49   C  C   . ASN A 1 9   ? -0.409  5.913   -2.606  1.00 15.10 ? 9    ASN A C   1 
ATOM   50   O  O   . ASN A 1 9   ? -1.209  6.696   -3.123  1.00 15.62 ? 9    ASN A O   1 
ATOM   51   C  CB  . ASN A 1 9   ? 0.060   4.047   -4.239  1.00 14.84 ? 9    ASN A CB  1 
ATOM   52   C  CG  . ASN A 1 9   ? 0.372   2.585   -4.406  1.00 14.61 ? 9    ASN A CG  1 
ATOM   53   O  OD1 . ASN A 1 9   ? 0.720   1.888   -3.451  1.00 15.02 ? 9    ASN A OD1 1 
ATOM   54   N  ND2 . ASN A 1 9   ? 0.258   2.100   -5.632  1.00 14.97 ? 9    ASN A ND2 1 
ATOM   55   N  N   . GLY A 1 10  ? 0.571   6.305   -1.806  1.00 15.10 ? 10   GLY A N   1 
ATOM   56   C  CA  . GLY A 1 10  ? 0.749   7.698   -1.377  1.00 15.46 ? 10   GLY A CA  1 
ATOM   57   C  C   . GLY A 1 10  ? 1.833   8.409   -2.163  1.00 15.00 ? 10   GLY A C   1 
ATOM   58   O  O   . GLY A 1 10  ? 2.191   7.986   -3.250  1.00 15.43 ? 10   GLY A O   1 
ATOM   59   N  N   . PRO A 1 11  ? 2.363   9.501   -1.606  1.00 16.05 ? 11   PRO A N   1 
ATOM   60   C  CA  . PRO A 1 11  ? 3.218   10.419  -2.346  1.00 16.05 ? 11   PRO A CA  1 
ATOM   61   C  C   . PRO A 1 11  ? 4.368   9.762   -3.039  1.00 15.80 ? 11   PRO A C   1 
ATOM   62   O  O   . PRO A 1 11  ? 5.004   8.897   -2.465  1.00 15.15 ? 11   PRO A O   1 
ATOM   63   C  CB  . PRO A 1 11  ? 3.756   11.346  -1.272  1.00 16.83 ? 11   PRO A CB  1 
ATOM   64   C  CG  . PRO A 1 11  ? 2.709   11.349  -0.248  1.00 17.38 ? 11   PRO A CG  1 
ATOM   65   C  CD  . PRO A 1 11  ? 2.153   9.967   -0.230  1.00 16.51 ? 11   PRO A CD  1 
ATOM   66   N  N   . ASN A 1 12  ? 4.575   10.194  -4.284  1.00 15.89 ? 12   ASN A N   1 
ATOM   67   C  CA  . ASN A 1 12  ? 5.678   9.810   -5.148  1.00 16.46 ? 12   ASN A CA  1 
ATOM   68   C  C   . ASN A 1 12  ? 5.554   8.456   -5.787  1.00 16.00 ? 12   ASN A C   1 
ATOM   69   O  O   . ASN A 1 12  ? 6.392   8.118   -6.622  1.00 15.54 ? 12   ASN A O   1 
ATOM   70   C  CB  . ASN A 1 12  ? 7.032   9.974   -4.472  1.00 17.31 ? 12   ASN A CB  1 
ATOM   71   C  CG  . ASN A 1 12  ? 7.326   11.407  -4.141  1.00 18.77 ? 12   ASN A CG  1 
ATOM   72   O  OD1 . ASN A 1 12  ? 7.240   12.285  -5.004  1.00 20.31 ? 12   ASN A OD1 1 
ATOM   73   N  ND2 . ASN A 1 12  ? 7.658   11.670  -2.885  1.00 19.90 ? 12   ASN A ND2 1 
ATOM   74   N  N   . LEU A 1 13  ? 4.509   7.705   -5.441  1.00 15.59 ? 13   LEU A N   1 
ATOM   75   C  CA  . LEU A 1 13  ? 4.355   6.358   -5.988  1.00 15.96 ? 13   LEU A CA  1 
ATOM   76   C  C   . LEU A 1 13  ? 3.897   6.401   -7.426  1.00 16.46 ? 13   LEU A C   1 
ATOM   77   O  O   . LEU A 1 13  ? 4.112   5.429   -8.182  1.00 17.89 ? 13   LEU A O   1 
ATOM   78   C  CB  . LEU A 1 13  ? 3.396   5.487   -5.171  1.00 16.37 ? 13   LEU A CB  1 
ATOM   79   C  CG  . LEU A 1 13  ? 3.960   4.626   -4.017  1.00 17.39 ? 13   LEU A CG  1 
ATOM   80   C  CD1 . LEU A 1 13  ? 5.132   3.759   -4.483  1.00 18.23 ? 13   LEU A CD1 1 
ATOM   81   C  CD2 . LEU A 1 13  ? 4.390   5.430   -2.820  1.00 17.81 ? 13   LEU A CD2 1 
ATOM   82   N  N   . GLY A 1 14  ? 3.298   7.505   -7.839  1.00 16.33 ? 14   GLY A N   1 
ATOM   83   C  CA  . GLY A 1 14  ? 3.068   7.717   -9.259  1.00 17.95 ? 14   GLY A CA  1 
ATOM   84   C  C   . GLY A 1 14  ? 4.341   7.829   -10.114 1.00 19.36 ? 14   GLY A C   1 
ATOM   85   O  O   . GLY A 1 14  ? 4.287   7.704   -11.345 1.00 20.75 ? 14   GLY A O   1 
ATOM   86   N  N   . ARG A 1 15  ? 5.484   8.058   -9.462  1.00 20.38 ? 15   ARG A N   1 
ATOM   87   C  CA  . ARG A 1 15  ? 6.774   8.172   -10.113 1.00 21.46 ? 15   ARG A CA  1 
ATOM   88   C  C   . ARG A 1 15  ? 7.523   6.831   -10.253 1.00 23.26 ? 15   ARG A C   1 
ATOM   89   O  O   . ARG A 1 15  ? 8.673   6.829   -10.682 1.00 22.39 ? 15   ARG A O   1 
ATOM   90   C  CB  . ARG A 1 15  ? 7.672   9.128   -9.330  1.00 21.47 ? 15   ARG A CB  1 
ATOM   91   C  CG  . ARG A 1 15  ? 7.033   10.482  -9.048  1.00 22.91 ? 15   ARG A CG  1 
ATOM   92   C  CD  . ARG A 1 15  ? 6.899   11.316  -10.320 1.00 23.20 ? 15   ARG A CD  1 
ATOM   93   N  NE  . ARG A 1 15  ? 8.240   11.640  -10.810 1.00 23.38 ? 15   ARG A NE  1 
ATOM   94   C  CZ  . ARG A 1 15  ? 8.512   12.255  -11.955 1.00 22.81 ? 15   ARG A CZ  1 
ATOM   95   N  NH1 . ARG A 1 15  ? 7.528   12.614  -12.776 1.00 21.82 ? 15   ARG A NH1 1 
ATOM   96   N  NH2 . ARG A 1 15  ? 9.786   12.507  -12.278 1.00 23.36 ? 15   ARG A NH2 1 
ATOM   97   N  N   . LEU A 1 16  ? 6.911   5.705   -9.879  1.00 24.12 ? 16   LEU A N   1 
ATOM   98   C  CA  . LEU A 1 16  ? 7.545   4.401   -10.090 1.00 26.83 ? 16   LEU A CA  1 
ATOM   99   C  C   . LEU A 1 16  ? 8.068   4.205   -11.515 1.00 30.00 ? 16   LEU A C   1 
ATOM   100  O  O   . LEU A 1 16  ? 7.378   4.535   -12.498 1.00 30.10 ? 16   LEU A O   1 
ATOM   101  C  CB  . LEU A 1 16  ? 6.585   3.264   -9.789  1.00 26.21 ? 16   LEU A CB  1 
ATOM   102  C  CG  . LEU A 1 16  ? 6.373   2.926   -8.338  1.00 26.86 ? 16   LEU A CG  1 
ATOM   103  C  CD1 . LEU A 1 16  ? 5.236   1.931   -8.211  1.00 25.41 ? 16   LEU A CD1 1 
ATOM   104  C  CD2 . LEU A 1 16  ? 7.679   2.413   -7.720  1.00 27.99 ? 16   LEU A CD2 1 
ATOM   105  N  N   . GLY A 1 17  ? 9.281   3.669   -11.606 1.00 35.37 ? 17   GLY A N   1 
ATOM   106  C  CA  . GLY A 1 17  ? 9.930   3.385   -12.898 1.00 42.22 ? 17   GLY A CA  1 
ATOM   107  C  C   . GLY A 1 17  ? 10.714  4.559   -13.458 1.00 49.16 ? 17   GLY A C   1 
ATOM   108  O  O   . GLY A 1 17  ? 11.126  4.511   -14.604 1.00 56.65 ? 17   GLY A O   1 
ATOM   109  N  N   . ARG A 1 18  ? 10.913  5.617   -12.664 1.00 58.33 ? 18   ARG A N   1 
ATOM   110  C  CA  . ARG A 1 18  ? 11.622  6.825   -13.136 1.00 65.16 ? 18   ARG A CA  1 
ATOM   111  C  C   . ARG A 1 18  ? 12.971  7.094   -12.500 1.00 68.24 ? 18   ARG A C   1 
ATOM   112  O  O   . ARG A 1 18  ? 13.788  7.822   -13.082 1.00 69.60 ? 18   ARG A O   1 
ATOM   113  C  CB  . ARG A 1 18  ? 10.752  8.079   -13.010 1.00 70.17 ? 18   ARG A CB  1 
ATOM   114  C  CG  . ARG A 1 18  ? 10.280  8.590   -14.363 1.00 74.79 ? 18   ARG A CG  1 
ATOM   115  C  CD  . ARG A 1 18  ? 9.300   7.627   -15.044 1.00 76.73 ? 18   ARG A CD  1 
ATOM   116  N  NE  . ARG A 1 18  ? 7.938   7.786   -14.530 1.00 79.38 ? 18   ARG A NE  1 
ATOM   117  C  CZ  . ARG A 1 18  ? 7.178   8.873   -14.704 1.00 80.22 ? 18   ARG A CZ  1 
ATOM   118  N  NH1 . ARG A 1 18  ? 7.627   9.930   -15.394 1.00 80.30 ? 18   ARG A NH1 1 
ATOM   119  N  NH2 . ARG A 1 18  ? 5.954   8.910   -14.179 1.00 78.22 ? 18   ARG A NH2 1 
ATOM   120  N  N   . ARG A 1 19  ? 13.207  6.542   -11.313 1.00 70.92 ? 19   ARG A N   1 
ATOM   121  C  CA  . ARG A 1 19  ? 14.567  6.507   -10.766 1.00 72.93 ? 19   ARG A CA  1 
ATOM   122  C  C   . ARG A 1 19  ? 15.304  5.227   -11.182 1.00 71.83 ? 19   ARG A C   1 
ATOM   123  O  O   . ARG A 1 19  ? 14.738  4.357   -11.853 1.00 63.37 ? 19   ARG A O   1 
ATOM   124  C  CB  . ARG A 1 19  ? 14.568  6.719   -9.247  1.00 73.06 ? 19   ARG A CB  1 
ATOM   125  C  CG  . ARG A 1 19  ? 14.766  8.188   -8.901  1.00 73.61 ? 19   ARG A CG  1 
ATOM   126  C  CD  . ARG A 1 19  ? 14.828  8.425   -7.409  1.00 71.46 ? 19   ARG A CD  1 
ATOM   127  N  NE  . ARG A 1 19  ? 16.074  7.923   -6.847  1.00 67.53 ? 19   ARG A NE  1 
ATOM   128  C  CZ  . ARG A 1 19  ? 16.320  7.801   -5.548  1.00 68.23 ? 19   ARG A CZ  1 
ATOM   129  N  NH1 . ARG A 1 19  ? 15.405  8.143   -4.639  1.00 63.29 ? 19   ARG A NH1 1 
ATOM   130  N  NH2 . ARG A 1 19  ? 17.494  7.319   -5.158  1.00 75.13 ? 19   ARG A NH2 1 
ATOM   131  N  N   . GLU A 1 20  ? 16.580  5.130   -10.819 1.00 75.38 ? 20   GLU A N   1 
ATOM   132  C  CA  . GLU A 1 20  ? 17.354  3.927   -11.139 1.00 78.83 ? 20   GLU A CA  1 
ATOM   133  C  C   . GLU A 1 20  ? 16.580  2.699   -10.582 1.00 73.27 ? 20   GLU A C   1 
ATOM   134  O  O   . GLU A 1 20  ? 16.044  2.748   -9.457  1.00 62.84 ? 20   GLU A O   1 
ATOM   135  C  CB  . GLU A 1 20  ? 18.803  3.982   -10.585 1.00 79.80 ? 20   GLU A CB  1 
ATOM   136  C  CG  . GLU A 1 20  ? 19.527  5.328   -10.698 1.00 80.32 ? 20   GLU A CG  1 
ATOM   137  C  CD  . GLU A 1 20  ? 19.495  6.153   -9.410  1.00 83.93 ? 20   GLU A CD  1 
ATOM   138  O  OE1 . GLU A 1 20  ? 18.642  5.897   -8.523  1.00 82.15 ? 20   GLU A OE1 1 
ATOM   139  O  OE2 . GLU A 1 20  ? 20.336  7.071   -9.280  1.00 84.96 ? 20   GLU A OE2 1 
ATOM   140  N  N   . PRO A 1 21  ? 16.495  1.605   -11.374 1.00 69.38 ? 21   PRO A N   1 
ATOM   141  C  CA  . PRO A 1 21  ? 15.788  0.405   -10.876 1.00 67.63 ? 21   PRO A CA  1 
ATOM   142  C  C   . PRO A 1 21  ? 16.336  -0.120  -9.529  1.00 62.74 ? 21   PRO A C   1 
ATOM   143  O  O   . PRO A 1 21  ? 15.668  -0.899  -8.849  1.00 57.89 ? 21   PRO A O   1 
ATOM   144  C  CB  . PRO A 1 21  ? 15.974  -0.628  -12.011 1.00 70.09 ? 21   PRO A CB  1 
ATOM   145  C  CG  . PRO A 1 21  ? 17.027  -0.065  -12.924 1.00 69.89 ? 21   PRO A CG  1 
ATOM   146  C  CD  . PRO A 1 21  ? 17.018  1.422   -12.743 1.00 68.33 ? 21   PRO A CD  1 
ATOM   147  N  N   . ALA A 1 22  ? 17.547  0.311   -9.165  1.00 61.47 ? 22   ALA A N   1 
ATOM   148  C  CA  . ALA A 1 22  ? 18.121  0.076   -7.838  1.00 60.12 ? 22   ALA A CA  1 
ATOM   149  C  C   . ALA A 1 22  ? 17.113  0.265   -6.685  1.00 55.69 ? 22   ALA A C   1 
ATOM   150  O  O   . ALA A 1 22  ? 16.960  -0.629  -5.856  1.00 44.01 ? 22   ALA A O   1 
ATOM   151  C  CB  . ALA A 1 22  ? 19.338  0.981   -7.625  1.00 63.12 ? 22   ALA A CB  1 
ATOM   152  N  N   . VAL A 1 23  ? 16.409  1.402   -6.645  1.00 50.38 ? 23   VAL A N   1 
ATOM   153  C  CA  . VAL A 1 23  ? 15.638  1.745   -5.439  1.00 49.13 ? 23   VAL A CA  1 
ATOM   154  C  C   . VAL A 1 23  ? 14.266  1.050   -5.370  1.00 43.13 ? 23   VAL A C   1 
ATOM   155  O  O   . VAL A 1 23  ? 13.952  0.397   -4.367  1.00 38.86 ? 23   VAL A O   1 
ATOM   156  C  CB  . VAL A 1 23  ? 15.455  3.272   -5.285  1.00 52.23 ? 23   VAL A CB  1 
ATOM   157  C  CG1 . VAL A 1 23  ? 14.932  3.602   -3.879  1.00 52.30 ? 23   VAL A CG1 1 
ATOM   158  C  CG2 . VAL A 1 23  ? 16.771  3.996   -5.588  1.00 52.41 ? 23   VAL A CG2 1 
ATOM   159  N  N   . TYR A 1 24  ? 13.472  1.189   -6.440  1.00 36.72 ? 24   TYR A N   1 
ATOM   160  C  CA  . TYR A 1 24  ? 12.064  0.789   -6.428  1.00 34.04 ? 24   TYR A CA  1 
ATOM   161  C  C   . TYR A 1 24  ? 11.654  -0.191  -7.553  1.00 34.54 ? 24   TYR A C   1 
ATOM   162  O  O   . TYR A 1 24  ? 10.471  -0.503  -7.668  1.00 38.67 ? 24   TYR A O   1 
ATOM   163  C  CB  . TYR A 1 24  ? 11.150  2.038   -6.475  1.00 31.81 ? 24   TYR A CB  1 
ATOM   164  C  CG  . TYR A 1 24  ? 11.299  3.006   -5.324  1.00 31.61 ? 24   TYR A CG  1 
ATOM   165  C  CD1 . TYR A 1 24  ? 10.948  2.641   -4.031  1.00 29.94 ? 24   TYR A CD1 1 
ATOM   166  C  CD2 . TYR A 1 24  ? 11.813  4.307   -5.528  1.00 33.36 ? 24   TYR A CD2 1 
ATOM   167  C  CE1 . TYR A 1 24  ? 11.088  3.528   -2.964  1.00 30.44 ? 24   TYR A CE1 1 
ATOM   168  C  CE2 . TYR A 1 24  ? 11.953  5.214   -4.467  1.00 31.24 ? 24   TYR A CE2 1 
ATOM   169  C  CZ  . TYR A 1 24  ? 11.591  4.818   -3.175  1.00 31.95 ? 24   TYR A CZ  1 
ATOM   170  O  OH  . TYR A 1 24  ? 11.726  5.698   -2.095  1.00 29.65 ? 24   TYR A OH  1 
ATOM   171  N  N   . GLY A 1 25  ? 12.611  -0.700  -8.340  1.00 36.39 ? 25   GLY A N   1 
ATOM   172  C  CA  . GLY A 1 25  ? 12.337  -1.488  -9.592  1.00 35.75 ? 25   GLY A CA  1 
ATOM   173  C  C   . GLY A 1 25  ? 11.993  -0.676  -10.868 1.00 34.54 ? 25   GLY A C   1 
ATOM   174  O  O   . GLY A 1 25  ? 11.957  0.564   -10.822 1.00 34.31 ? 25   GLY A O   1 
ATOM   175  N  N   . GLY A 1 26  ? 11.724  -1.370  -11.988 1.00 32.74 ? 26   GLY A N   1 
ATOM   176  C  CA  . GLY A 1 26  ? 11.445  -0.718  -13.308 1.00 33.09 ? 26   GLY A CA  1 
ATOM   177  C  C   . GLY A 1 26  ? 9.978   -0.726  -13.768 1.00 33.11 ? 26   GLY A C   1 
ATOM   178  O  O   . GLY A 1 26  ? 9.613   -0.246  -14.866 1.00 31.02 ? 26   GLY A O   1 
ATOM   179  N  N   . THR A 1 27  ? 9.117   -1.267  -12.927 1.00 29.32 ? 27   THR A N   1 
ATOM   180  C  CA  . THR A 1 27  ? 7.695   -1.253  -13.188 1.00 29.33 ? 27   THR A CA  1 
ATOM   181  C  C   . THR A 1 27  ? 7.105   0.136   -12.900 1.00 28.01 ? 27   THR A C   1 
ATOM   182  O  O   . THR A 1 27  ? 7.345   0.698   -11.841 1.00 31.06 ? 27   THR A O   1 
ATOM   183  C  CB  . THR A 1 27  ? 7.039   -2.285  -12.272 1.00 27.72 ? 27   THR A CB  1 
ATOM   184  O  OG1 . THR A 1 27  ? 7.787   -3.480  -12.386 1.00 25.98 ? 27   THR A OG1 1 
ATOM   185  C  CG2 . THR A 1 27  ? 5.590   -2.560  -12.645 1.00 28.98 ? 27   THR A CG2 1 
ATOM   186  N  N   . THR A 1 28  ? 6.309   0.653   -13.820 1.00 26.54 ? 28   THR A N   1 
ATOM   187  C  CA  . THR A 1 28  ? 5.635   1.921   -13.624 1.00 26.18 ? 28   THR A CA  1 
ATOM   188  C  C   . THR A 1 28  ? 4.357   1.698   -12.823 1.00 23.87 ? 28   THR A C   1 
ATOM   189  O  O   . THR A 1 28  ? 3.903   0.557   -12.629 1.00 21.67 ? 28   THR A O   1 
ATOM   190  C  CB  . THR A 1 28  ? 5.217   2.531   -14.954 1.00 25.53 ? 28   THR A CB  1 
ATOM   191  O  OG1 . THR A 1 28  ? 4.301   1.642   -15.574 1.00 25.90 ? 28   THR A OG1 1 
ATOM   192  C  CG2 . THR A 1 28  ? 6.417   2.712   -15.867 1.00 28.97 ? 28   THR A CG2 1 
ATOM   193  N  N   . HIS A 1 29  ? 3.746   2.793   -12.398 1.00 21.92 ? 29   HIS A N   1 
ATOM   194  C  CA  . HIS A 1 29  ? 2.520   2.681   -11.621 1.00 20.98 ? 29   HIS A CA  1 
ATOM   195  C  C   . HIS A 1 29  ? 1.378   2.065   -12.456 1.00 21.22 ? 29   HIS A C   1 
ATOM   196  O  O   . HIS A 1 29  ? 0.628   1.199   -11.962 1.00 17.73 ? 29   HIS A O   1 
ATOM   197  C  CB  . HIS A 1 29  ? 2.106   4.042   -11.010 1.00 20.31 ? 29   HIS A CB  1 
ATOM   198  C  CG  . HIS A 1 29  ? 1.067   3.901   -9.950  1.00 18.74 ? 29   HIS A CG  1 
ATOM   199  N  ND1 . HIS A 1 29  ? -0.273  3.983   -10.229 1.00 18.36 ? 29   HIS A ND1 1 
ATOM   200  C  CD2 . HIS A 1 29  ? 1.160   3.586   -8.630  1.00 18.12 ? 29   HIS A CD2 1 
ATOM   201  C  CE1 . HIS A 1 29  ? -0.967  3.757   -9.127  1.00 18.11 ? 29   HIS A CE1 1 
ATOM   202  N  NE2 . HIS A 1 29  ? -0.123  3.502   -8.146  1.00 16.93 ? 29   HIS A NE2 1 
ATOM   203  N  N   . ASP A 1 30  ? 1.247   2.491   -13.722 1.00 22.32 ? 30   ASP A N   1 
ATOM   204  C  CA  . ASP A 1 30  ? 0.223   1.910   -14.612 1.00 22.76 ? 30   ASP A CA  1 
ATOM   205  C  C   . ASP A 1 30  ? 0.412   0.387   -14.755 1.00 21.90 ? 30   ASP A C   1 
ATOM   206  O  O   . ASP A 1 30  ? -0.565  -0.355  -14.731 1.00 22.64 ? 30   ASP A O   1 
ATOM   207  C  CB  . ASP A 1 30  ? 0.281   2.544   -16.005 1.00 26.19 ? 30   ASP A CB  1 
ATOM   208  C  CG  . ASP A 1 30  ? -0.399  3.912   -16.088 1.00 29.39 ? 30   ASP A CG  1 
ATOM   209  O  OD1 . ASP A 1 30  ? -1.009  4.401   -15.096 1.00 29.14 ? 30   ASP A OD1 1 
ATOM   210  O  OD2 . ASP A 1 30  ? -0.302  4.512   -17.195 1.00 34.56 ? 30   ASP A OD2 1 
ATOM   211  N  N   . GLU A 1 31  ? 1.656   -0.057  -14.929 1.00 22.15 ? 31   GLU A N   1 
ATOM   212  C  CA  . GLU A 1 31  ? 1.975   -1.504  -15.002 1.00 24.11 ? 31   GLU A CA  1 
ATOM   213  C  C   . GLU A 1 31  ? 1.596   -2.164  -13.694 1.00 21.64 ? 31   GLU A C   1 
ATOM   214  O  O   . GLU A 1 31  ? 1.025   -3.260  -13.691 1.00 20.83 ? 31   GLU A O   1 
ATOM   215  C  CB  . GLU A 1 31  ? 3.464   -1.776  -15.274 1.00 26.22 ? 31   GLU A CB  1 
ATOM   216  C  CG  . GLU A 1 31  ? 3.844   -1.972  -16.732 1.00 33.07 ? 31   GLU A CG  1 
ATOM   217  C  CD  . GLU A 1 31  ? 5.235   -1.384  -17.109 1.00 39.97 ? 31   GLU A CD  1 
ATOM   218  O  OE1 . GLU A 1 31  ? 6.202   -1.329  -16.282 1.00 36.37 ? 31   GLU A OE1 1 
ATOM   219  O  OE2 . GLU A 1 31  ? 5.363   -0.956  -18.280 1.00 47.01 ? 31   GLU A OE2 1 
ATOM   220  N  N   . LEU A 1 32  ? 1.894   -1.485  -12.588 1.00 19.69 ? 32   LEU A N   1 
ATOM   221  C  CA  . LEU A 1 32  ? 1.537   -2.005  -11.271 1.00 18.87 ? 32   LEU A CA  1 
ATOM   222  C  C   . LEU A 1 32  ? 0.039   -2.204  -11.135 1.00 17.20 ? 32   LEU A C   1 
ATOM   223  O  O   . LEU A 1 32  ? -0.400  -3.259  -10.671 1.00 15.68 ? 32   LEU A O   1 
ATOM   224  C  CB  . LEU A 1 32  ? 2.053   -1.085  -10.156 1.00 19.34 ? 32   LEU A CB  1 
ATOM   225  C  CG  . LEU A 1 32  ? 1.689   -1.488  -8.734  1.00 19.84 ? 32   LEU A CG  1 
ATOM   226  C  CD1 . LEU A 1 32  ? 2.270   -2.858  -8.425  1.00 20.33 ? 32   LEU A CD1 1 
ATOM   227  C  CD2 . LEU A 1 32  ? 2.193   -0.451  -7.733  1.00 20.68 ? 32   LEU A CD2 1 
ATOM   228  N  N   . VAL A 1 33  ? -0.742  -1.200  -11.527 1.00 15.92 ? 33   VAL A N   1 
ATOM   229  C  CA  . VAL A 1 33  ? -2.203  -1.308  -11.487 1.00 16.83 ? 33   VAL A CA  1 
ATOM   230  C  C   . VAL A 1 33  ? -2.629  -2.551  -12.260 1.00 17.57 ? 33   VAL A C   1 
ATOM   231  O  O   . VAL A 1 33  ? -3.382  -3.355  -11.747 1.00 18.26 ? 33   VAL A O   1 
ATOM   232  C  CB  . VAL A 1 33  ? -2.884  -0.040  -12.090 1.00 17.35 ? 33   VAL A CB  1 
ATOM   233  C  CG1 . VAL A 1 33  ? -4.383  -0.218  -12.226 1.00 17.62 ? 33   VAL A CG1 1 
ATOM   234  C  CG2 . VAL A 1 33  ? -2.607  1.188   -11.204 1.00 18.53 ? 33   VAL A CG2 1 
ATOM   235  N  N   . ALA A 1 34  ? -2.091  -2.708  -13.477 1.00 18.64 ? 34   ALA A N   1 
ATOM   236  C  CA  . ALA A 1 34  ? -2.396  -3.850  -14.365 1.00 19.23 ? 34   ALA A CA  1 
ATOM   237  C  C   . ALA A 1 34  ? -2.019  -5.181  -13.747 1.00 19.21 ? 34   ALA A C   1 
ATOM   238  O  O   . ALA A 1 34  ? -2.803  -6.100  -13.771 1.00 19.91 ? 34   ALA A O   1 
ATOM   239  C  CB  . ALA A 1 34  ? -1.715  -3.678  -15.728 1.00 18.78 ? 34   ALA A CB  1 
ATOM   240  N  N   . LEU A 1 35  ? -0.833  -5.277  -13.162 1.00 20.85 ? 35   LEU A N   1 
ATOM   241  C  CA  . LEU A 1 35  ? -0.423  -6.521  -12.515 1.00 21.13 ? 35   LEU A CA  1 
ATOM   242  C  C   . LEU A 1 35  ? -1.345  -6.884  -11.370 1.00 19.57 ? 35   LEU A C   1 
ATOM   243  O  O   . LEU A 1 35  ? -1.745  -8.042  -11.235 1.00 19.43 ? 35   LEU A O   1 
ATOM   244  C  CB  . LEU A 1 35  ? 1.008   -6.418  -12.009 1.00 23.15 ? 35   LEU A CB  1 
ATOM   245  C  CG  . LEU A 1 35  ? 2.027   -6.404  -13.137 1.00 26.15 ? 35   LEU A CG  1 
ATOM   246  C  CD1 . LEU A 1 35  ? 3.384   -5.886  -12.675 1.00 26.71 ? 35   LEU A CD1 1 
ATOM   247  C  CD2 . LEU A 1 35  ? 2.173   -7.796  -13.767 1.00 27.71 ? 35   LEU A CD2 1 
ATOM   248  N  N   . ILE A 1 36  ? -1.695  -5.893  -10.563 1.00 18.08 ? 36   ILE A N   1 
ATOM   249  C  CA  . ILE A 1 36  ? -2.556  -6.110  -9.408  1.00 18.55 ? 36   ILE A CA  1 
ATOM   250  C  C   . ILE A 1 36  ? -3.947  -6.567  -9.814  1.00 19.60 ? 36   ILE A C   1 
ATOM   251  O  O   . ILE A 1 36  ? -4.522  -7.488  -9.196  1.00 17.92 ? 36   ILE A O   1 
ATOM   252  C  CB  . ILE A 1 36  ? -2.660  -4.852  -8.527  1.00 17.92 ? 36   ILE A CB  1 
ATOM   253  C  CG1 . ILE A 1 36  ? -1.369  -4.632  -7.735  1.00 17.89 ? 36   ILE A CG1 1 
ATOM   254  C  CG2 . ILE A 1 36  ? -3.845  -4.961  -7.576  1.00 18.56 ? 36   ILE A CG2 1 
ATOM   255  C  CD1 . ILE A 1 36  ? -1.264  -3.265  -7.063  1.00 17.51 ? 36   ILE A CD1 1 
ATOM   256  N  N   . GLU A 1 37  ? -4.499  -5.902  -10.828 1.00 22.23 ? 37   GLU A N   1 
ATOM   257  C  CA  . GLU A 1 37  ? -5.829  -6.255  -11.352 1.00 25.00 ? 37   GLU A CA  1 
ATOM   258  C  C   . GLU A 1 37  ? -5.874  -7.679  -11.892 1.00 24.49 ? 37   GLU A C   1 
ATOM   259  O  O   . GLU A 1 37  ? -6.775  -8.435  -11.566 1.00 24.89 ? 37   GLU A O   1 
ATOM   260  C  CB  . GLU A 1 37  ? -6.253  -5.269  -12.460 1.00 26.75 ? 37   GLU A CB  1 
ATOM   261  C  CG  . GLU A 1 37  ? -6.801  -3.968  -11.895 1.00 27.54 ? 37   GLU A CG  1 
ATOM   262  C  CD  . GLU A 1 37  ? -6.983  -2.829  -12.910 1.00 29.42 ? 37   GLU A CD  1 
ATOM   263  O  OE1 . GLU A 1 37  ? -6.551  -2.886  -14.121 1.00 27.41 ? 37   GLU A OE1 1 
ATOM   264  O  OE2 . GLU A 1 37  ? -7.556  -1.825  -12.441 1.00 29.94 ? 37   GLU A OE2 1 
ATOM   265  N  N   . ARG A 1 38  ? -4.898  -8.023  -12.723 1.00 27.09 ? 38   ARG A N   1 
ATOM   266  C  CA  . ARG A 1 38  ? -4.756  -9.389  -13.227 1.00 29.39 ? 38   ARG A CA  1 
ATOM   267  C  C   . ARG A 1 38  ? -4.667  -10.417 -12.084 1.00 28.29 ? 38   ARG A C   1 
ATOM   268  O  O   . ARG A 1 38  ? -5.358  -11.415 -12.102 1.00 27.13 ? 38   ARG A O   1 
ATOM   269  C  CB  . ARG A 1 38  ? -3.538  -9.482  -14.145 1.00 31.31 ? 38   ARG A CB  1 
ATOM   270  C  CG  . ARG A 1 38  ? -3.339  -10.876 -14.740 1.00 33.14 ? 38   ARG A CG  1 
ATOM   271  C  CD  . ARG A 1 38  ? -2.286  -10.856 -15.831 1.00 34.96 ? 38   ARG A CD  1 
ATOM   272  N  NE  . ARG A 1 38  ? -0.930  -10.737 -15.286 1.00 36.83 ? 38   ARG A NE  1 
ATOM   273  C  CZ  . ARG A 1 38  ? 0.182   -10.757 -16.024 1.00 39.63 ? 38   ARG A CZ  1 
ATOM   274  N  NH1 . ARG A 1 38  ? 0.111   -10.890 -17.356 1.00 42.34 ? 38   ARG A NH1 1 
ATOM   275  N  NH2 . ARG A 1 38  ? 1.376   -10.657 -15.444 1.00 36.49 ? 38   ARG A NH2 1 
ATOM   276  N  N   . GLU A 1 39  ? -3.855  -10.142 -11.063 1.00 27.64 ? 39   GLU A N   1 
ATOM   277  C  CA  . GLU A 1 39  ? -3.705  -11.089 -9.972  1.00 28.04 ? 39   GLU A CA  1 
ATOM   278  C  C   . GLU A 1 39  ? -5.016  -11.195 -9.197  1.00 27.62 ? 39   GLU A C   1 
ATOM   279  O  O   . GLU A 1 39  ? -5.469  -12.305 -8.822  1.00 25.18 ? 39   GLU A O   1 
ATOM   280  C  CB  . GLU A 1 39  ? -2.570  -10.674 -9.035  1.00 28.99 ? 39   GLU A CB  1 
ATOM   281  C  CG  . GLU A 1 39  ? -2.334  -11.602 -7.826  1.00 32.68 ? 39   GLU A CG  1 
ATOM   282  C  CD  . GLU A 1 39  ? -1.589  -12.916 -8.146  1.00 36.15 ? 39   GLU A CD  1 
ATOM   283  O  OE1 . GLU A 1 39  ? -0.778  -12.973 -9.119  1.00 39.27 ? 39   GLU A OE1 1 
ATOM   284  O  OE2 . GLU A 1 39  ? -1.808  -13.907 -7.396  1.00 42.90 ? 39   GLU A OE2 1 
ATOM   285  N  N   . ALA A 1 40  ? -5.609  -10.039 -8.928  1.00 26.21 ? 40   ALA A N   1 
ATOM   286  C  CA  . ALA A 1 40  ? -6.867  -9.993  -8.173  1.00 26.70 ? 40   ALA A CA  1 
ATOM   287  C  C   . ALA A 1 40  ? -7.959  -10.822 -8.851  1.00 27.40 ? 40   ALA A C   1 
ATOM   288  O  O   . ALA A 1 40  ? -8.706  -11.518 -8.177  1.00 27.83 ? 40   ALA A O   1 
ATOM   289  C  CB  . ALA A 1 40  ? -7.326  -8.566  -8.020  1.00 27.45 ? 40   ALA A CB  1 
ATOM   290  N  N   . ALA A 1 41  ? -8.040  -10.754 -10.177 1.00 27.90 ? 41   ALA A N   1 
ATOM   291  C  CA  . ALA A 1 41  ? -9.068  -11.487 -10.906 1.00 31.83 ? 41   ALA A CA  1 
ATOM   292  C  C   . ALA A 1 41  ? -8.818  -12.987 -10.778 1.00 32.01 ? 41   ALA A C   1 
ATOM   293  O  O   . ALA A 1 41  ? -9.726  -13.707 -10.400 1.00 34.55 ? 41   ALA A O   1 
ATOM   294  C  CB  . ALA A 1 41  ? -9.113  -11.066 -12.372 1.00 31.51 ? 41   ALA A CB  1 
ATOM   295  N  N   . GLU A 1 42  ? -7.582  -13.430 -11.022 1.00 31.38 ? 42   GLU A N   1 
ATOM   296  C  CA  . GLU A 1 42  ? -7.181  -14.816 -10.734 1.00 34.61 ? 42   GLU A CA  1 
ATOM   297  C  C   . GLU A 1 42  ? -7.560  -15.281 -9.314  1.00 30.93 ? 42   GLU A C   1 
ATOM   298  O  O   . GLU A 1 42  ? -7.841  -16.452 -9.101  1.00 30.50 ? 42   GLU A O   1 
ATOM   299  C  CB  . GLU A 1 42  ? -5.664  -15.018 -10.958 1.00 41.45 ? 42   GLU A CB  1 
ATOM   300  C  CG  . GLU A 1 42  ? -5.254  -15.041 -12.437 1.00 49.88 ? 42   GLU A CG  1 
ATOM   301  C  CD  . GLU A 1 42  ? -3.740  -15.105 -12.653 1.00 58.06 ? 42   GLU A CD  1 
ATOM   302  O  OE1 . GLU A 1 42  ? -3.064  -15.876 -11.929 1.00 65.73 ? 42   GLU A OE1 1 
ATOM   303  O  OE2 . GLU A 1 42  ? -3.214  -14.388 -13.547 1.00 62.59 ? 42   GLU A OE2 1 
ATOM   304  N  N   . LEU A 1 43  ? -7.545  -14.378 -8.340  1.00 26.96 ? 43   LEU A N   1 
ATOM   305  C  CA  . LEU A 1 43  ? -7.889  -14.736 -6.989  1.00 25.48 ? 43   LEU A CA  1 
ATOM   306  C  C   . LEU A 1 43  ? -9.386  -14.617 -6.733  1.00 25.57 ? 43   LEU A C   1 
ATOM   307  O  O   . LEU A 1 43  ? -9.849  -14.933 -5.651  1.00 26.06 ? 43   LEU A O   1 
ATOM   308  C  CB  . LEU A 1 43  ? -7.094  -13.893 -5.991  1.00 25.92 ? 43   LEU A CB  1 
ATOM   309  C  CG  . LEU A 1 43  ? -5.584  -14.126 -6.001  1.00 26.12 ? 43   LEU A CG  1 
ATOM   310  C  CD1 . LEU A 1 43  ? -4.873  -13.026 -5.237  1.00 28.07 ? 43   LEU A CD1 1 
ATOM   311  C  CD2 . LEU A 1 43  ? -5.247  -15.503 -5.428  1.00 26.18 ? 43   LEU A CD2 1 
ATOM   312  N  N   . GLY A 1 44  ? -10.137 -14.148 -7.722  1.00 27.00 ? 44   GLY A N   1 
ATOM   313  C  CA  . GLY A 1 44  ? -11.567 -13.897 -7.531  1.00 29.14 ? 44   GLY A CA  1 
ATOM   314  C  C   . GLY A 1 44  ? -11.874 -12.709 -6.631  1.00 29.51 ? 44   GLY A C   1 
ATOM   315  O  O   . GLY A 1 44  ? -12.870 -12.734 -5.905  1.00 31.54 ? 44   GLY A O   1 
ATOM   316  N  N   . LEU A 1 45  ? -11.014 -11.681 -6.683  1.00 28.32 ? 45   LEU A N   1 
ATOM   317  C  CA  . LEU A 1 45  ? -11.175 -10.428 -5.927  1.00 26.88 ? 45   LEU A CA  1 
ATOM   318  C  C   . LEU A 1 45  ? -11.343 -9.307  -6.953  1.00 25.07 ? 45   LEU A C   1 
ATOM   319  O  O   . LEU A 1 45  ? -11.004 -9.465  -8.122  1.00 23.12 ? 45   LEU A O   1 
ATOM   320  C  CB  . LEU A 1 45  ? -9.934  -10.101 -5.061  1.00 27.84 ? 45   LEU A CB  1 
ATOM   321  C  CG  . LEU A 1 45  ? -9.445  -11.008 -3.911  1.00 30.16 ? 45   LEU A CG  1 
ATOM   322  C  CD1 . LEU A 1 45  ? -8.032  -10.641 -3.511  1.00 30.38 ? 45   LEU A CD1 1 
ATOM   323  C  CD2 . LEU A 1 45  ? -10.350 -11.000 -2.675  1.00 30.93 ? 45   LEU A CD2 1 
ATOM   324  N  N   . LYS A 1 46  ? -11.824 -8.156  -6.493  1.00 22.94 ? 46   LYS A N   1 
ATOM   325  C  CA  . LYS A 1 46  ? -11.730 -6.937  -7.261  1.00 21.44 ? 46   LYS A CA  1 
ATOM   326  C  C   . LYS A 1 46  ? -10.817 -5.963  -6.527  1.00 20.47 ? 46   LYS A C   1 
ATOM   327  O  O   . LYS A 1 46  ? -11.035 -5.638  -5.370  1.00 20.34 ? 46   LYS A O   1 
ATOM   328  C  CB  . LYS A 1 46  ? -13.106 -6.303  -7.489  1.00 22.35 ? 46   LYS A CB  1 
ATOM   329  C  CG  . LYS A 1 46  ? -13.054 -5.059  -8.362  1.00 23.98 ? 46   LYS A CG  1 
ATOM   330  C  CD  . LYS A 1 46  ? -14.438 -4.492  -8.526  1.00 27.89 ? 46   LYS A CD  1 
ATOM   331  C  CE  . LYS A 1 46  ? -14.497 -3.195  -9.358  1.00 30.49 ? 46   LYS A CE  1 
ATOM   332  N  NZ  . LYS A 1 46  ? -15.951 -2.774  -9.439  1.00 31.15 ? 46   LYS A NZ  1 
ATOM   333  N  N   . ALA A 1 47  ? -9.801  -5.490  -7.215  1.00 20.53 ? 47   ALA A N   1 
ATOM   334  C  CA  . ALA A 1 47  ? -8.845  -4.571  -6.633  1.00 21.05 ? 47   ALA A CA  1 
ATOM   335  C  C   . ALA A 1 47  ? -9.159  -3.201  -7.179  1.00 20.31 ? 47   ALA A C   1 
ATOM   336  O  O   . ALA A 1 47  ? -9.248  -3.033  -8.374  1.00 22.09 ? 47   ALA A O   1 
ATOM   337  C  CB  . ALA A 1 47  ? -7.420  -4.963  -6.994  1.00 21.27 ? 47   ALA A CB  1 
ATOM   338  N  N   . VAL A 1 48  ? -9.383  -2.251  -6.270  1.00 20.49 ? 48   VAL A N   1 
ATOM   339  C  CA  . VAL A 1 48  ? -9.461  -0.840  -6.583  1.00 19.44 ? 48   VAL A CA  1 
ATOM   340  C  C   . VAL A 1 48  ? -8.156  -0.132  -6.168  1.00 17.93 ? 48   VAL A C   1 
ATOM   341  O  O   . VAL A 1 48  ? -7.847  0.021   -4.953  1.00 16.03 ? 48   VAL A O   1 
ATOM   342  C  CB  . VAL A 1 48  ? -10.660 -0.225  -5.861  1.00 20.72 ? 48   VAL A CB  1 
ATOM   343  C  CG1 . VAL A 1 48  ? -10.800 1.245   -6.273  1.00 21.62 ? 48   VAL A CG1 1 
ATOM   344  C  CG2 . VAL A 1 48  ? -11.919 -1.018  -6.216  1.00 21.02 ? 48   VAL A CG2 1 
ATOM   345  N  N   . VAL A 1 49  ? -7.403  0.281   -7.183  1.00 17.06 ? 49   VAL A N   1 
ATOM   346  C  CA  . VAL A 1 49  ? -6.058  0.771   -7.007  1.00 17.78 ? 49   VAL A CA  1 
ATOM   347  C  C   . VAL A 1 49  ? -6.051  2.256   -7.288  1.00 19.56 ? 49   VAL A C   1 
ATOM   348  O  O   . VAL A 1 49  ? -6.425  2.693   -8.394  1.00 18.57 ? 49   VAL A O   1 
ATOM   349  C  CB  . VAL A 1 49  ? -5.047  0.104   -7.946  1.00 17.80 ? 49   VAL A CB  1 
ATOM   350  C  CG1 . VAL A 1 49  ? -3.624  0.444   -7.528  1.00 18.27 ? 49   VAL A CG1 1 
ATOM   351  C  CG2 . VAL A 1 49  ? -5.224  -1.397  -7.931  1.00 18.53 ? 49   VAL A CG2 1 
ATOM   352  N  N   . ARG A 1 50  ? -5.587  3.019   -6.291  1.00 19.93 ? 50   ARG A N   1 
ATOM   353  C  CA  . ARG A 1 50  ? -5.572  4.472   -6.367  1.00 20.48 ? 50   ARG A CA  1 
ATOM   354  C  C   . ARG A 1 50  ? -4.296  5.043   -5.784  1.00 19.02 ? 50   ARG A C   1 
ATOM   355  O  O   . ARG A 1 50  ? -3.718  4.462   -4.843  1.00 17.31 ? 50   ARG A O   1 
ATOM   356  C  CB  . ARG A 1 50  ? -6.813  5.001   -5.633  1.00 24.17 ? 50   ARG A CB  1 
ATOM   357  C  CG  . ARG A 1 50  ? -8.052  4.679   -6.464  1.00 27.78 ? 50   ARG A CG  1 
ATOM   358  C  CD  . ARG A 1 50  ? -9.331  5.181   -5.861  1.00 30.95 ? 50   ARG A CD  1 
ATOM   359  N  NE  . ARG A 1 50  ? -9.560  4.437   -4.667  1.00 33.72 ? 50   ARG A NE  1 
ATOM   360  C  CZ  . ARG A 1 50  ? -10.681 4.479   -3.964  1.00 42.12 ? 50   ARG A CZ  1 
ATOM   361  N  NH1 . ARG A 1 50  ? -11.704 5.260   -4.362  1.00 43.64 ? 50   ARG A NH1 1 
ATOM   362  N  NH2 . ARG A 1 50  ? -10.772 3.727   -2.854  1.00 40.22 ? 50   ARG A NH2 1 
ATOM   363  N  N   . GLN A 1 51  ? -3.874  6.180   -6.339  1.00 16.22 ? 51   GLN A N   1 
ATOM   364  C  CA  . GLN A 1 51  ? -2.664  6.832   -5.967  1.00 15.39 ? 51   GLN A CA  1 
ATOM   365  C  C   . GLN A 1 51  ? -2.944  8.324   -5.874  1.00 15.17 ? 51   GLN A C   1 
ATOM   366  O  O   . GLN A 1 51  ? -3.683  8.857   -6.689  1.00 13.79 ? 51   GLN A O   1 
ATOM   367  C  CB  . GLN A 1 51  ? -1.570  6.542   -7.007  1.00 15.08 ? 51   GLN A CB  1 
ATOM   368  C  CG  . GLN A 1 51  ? -0.161  6.973   -6.593  1.00 15.42 ? 51   GLN A CG  1 
ATOM   369  C  CD  . GLN A 1 51  ? 0.143   8.471   -6.753  1.00 15.12 ? 51   GLN A CD  1 
ATOM   370  O  OE1 . GLN A 1 51  ? -0.159  9.064   -7.783  1.00 15.74 ? 51   GLN A OE1 1 
ATOM   371  N  NE2 . GLN A 1 51  ? 0.775   9.074   -5.747  1.00 15.18 ? 51   GLN A NE2 1 
ATOM   372  N  N   . SER A 1 52  ? -2.346  8.980   -4.877  1.00 15.02 ? 52   SER A N   1 
ATOM   373  C  CA  . SER A 1 52  ? -2.388  10.449  -4.743  1.00 14.43 ? 52   SER A CA  1 
ATOM   374  C  C   . SER A 1 52  ? -1.166  10.922  -3.977  1.00 14.66 ? 52   SER A C   1 
ATOM   375  O  O   . SER A 1 52  ? -0.657  10.207  -3.091  1.00 14.53 ? 52   SER A O   1 
ATOM   376  C  CB  . SER A 1 52  ? -3.632  10.869  -3.987  1.00 14.29 ? 52   SER A CB  1 
ATOM   377  O  OG  . SER A 1 52  ? -3.688  12.274  -3.858  1.00 14.89 ? 52   SER A OG  1 
ATOM   378  N  N   . ASP A 1 53  ? -0.705  12.123  -4.315  1.00 15.18 ? 53   ASP A N   1 
ATOM   379  C  CA  . ASP A 1 53  ? 0.335   12.808  -3.548  1.00 15.52 ? 53   ASP A CA  1 
ATOM   380  C  C   . ASP A 1 53  ? -0.264  13.695  -2.451  1.00 14.26 ? 53   ASP A C   1 
ATOM   381  O  O   . ASP A 1 53  ? 0.459   14.374  -1.747  1.00 13.52 ? 53   ASP A O   1 
ATOM   382  C  CB  . ASP A 1 53  ? 1.193   13.684  -4.457  1.00 16.08 ? 53   ASP A CB  1 
ATOM   383  C  CG  . ASP A 1 53  ? 1.984   12.904  -5.465  1.00 17.96 ? 53   ASP A CG  1 
ATOM   384  O  OD1 . ASP A 1 53  ? 2.328   11.732  -5.224  1.00 17.03 ? 53   ASP A OD1 1 
ATOM   385  O  OD2 . ASP A 1 53  ? 2.286   13.527  -6.523  1.00 20.31 ? 53   ASP A OD2 1 
ATOM   386  N  N   . SER A 1 54  ? -1.581  13.707  -2.352  1.00 14.86 ? 54   SER A N   1 
ATOM   387  C  CA  . SER A 1 54  ? -2.316  14.539  -1.387  1.00 15.40 ? 54   SER A CA  1 
ATOM   388  C  C   . SER A 1 54  ? -2.782  13.729  -0.207  1.00 16.50 ? 54   SER A C   1 
ATOM   389  O  O   . SER A 1 54  ? -3.662  12.848  -0.358  1.00 15.61 ? 54   SER A O   1 
ATOM   390  C  CB  . SER A 1 54  ? -3.560  15.122  -2.049  1.00 15.97 ? 54   SER A CB  1 
ATOM   391  O  OG  . SER A 1 54  ? -4.427  15.675  -1.063  1.00 15.72 ? 54   SER A OG  1 
ATOM   392  N  N   . GLU A 1 55  ? -2.262  14.058  0.977   1.00 17.37 ? 55   GLU A N   1 
ATOM   393  C  CA  . GLU A 1 55  ? -2.679  13.413  2.222   1.00 17.89 ? 55   GLU A CA  1 
ATOM   394  C  C   . GLU A 1 55  ? -4.196  13.426  2.425   1.00 16.43 ? 55   GLU A C   1 
ATOM   395  O  O   . GLU A 1 55  ? -4.766  12.432  2.884   1.00 14.21 ? 55   GLU A O   1 
ATOM   396  C  CB  . GLU A 1 55  ? -1.977  14.052  3.444   1.00 20.89 ? 55   GLU A CB  1 
ATOM   397  C  CG  . GLU A 1 55  ? -2.251  13.362  4.781   1.00 23.97 ? 55   GLU A CG  1 
ATOM   398  C  CD  . GLU A 1 55  ? -1.499  14.011  5.959   1.00 29.88 ? 55   GLU A CD  1 
ATOM   399  O  OE1 . GLU A 1 55  ? -1.643  15.244  6.221   1.00 37.49 ? 55   GLU A OE1 1 
ATOM   400  O  OE2 . GLU A 1 55  ? -0.760  13.285  6.633   1.00 30.64 ? 55   GLU A OE2 1 
ATOM   401  N  N   . ALA A 1 56  ? -4.840  14.551  2.122   1.00 15.87 ? 56   ALA A N   1 
ATOM   402  C  CA  . ALA A 1 56  ? -6.286  14.667  2.296   1.00 16.16 ? 56   ALA A CA  1 
ATOM   403  C  C   . ALA A 1 56  ? -7.059  13.690  1.415   1.00 16.06 ? 56   ALA A C   1 
ATOM   404  O  O   . ALA A 1 56  ? -8.070  13.127  1.836   1.00 16.56 ? 56   ALA A O   1 
ATOM   405  C  CB  . ALA A 1 56  ? -6.756  16.098  2.021   1.00 16.86 ? 56   ALA A CB  1 
ATOM   406  N  N   . GLN A 1 57  ? -6.622  13.533  0.177   1.00 15.38 ? 57   GLN A N   1 
ATOM   407  C  CA  . GLN A 1 57  ? -7.191  12.540  -0.696  1.00 15.65 ? 57   GLN A CA  1 
ATOM   408  C  C   . GLN A 1 57  ? -6.951  11.124  -0.139  1.00 15.01 ? 57   GLN A C   1 
ATOM   409  O  O   . GLN A 1 57  ? -7.857  10.309  -0.090  1.00 13.94 ? 57   GLN A O   1 
ATOM   410  C  CB  . GLN A 1 57  ? -6.580  12.662  -2.089  1.00 17.49 ? 57   GLN A CB  1 
ATOM   411  C  CG  . GLN A 1 57  ? -7.081  11.612  -3.066  1.00 20.01 ? 57   GLN A CG  1 
ATOM   412  C  CD  . GLN A 1 57  ? -8.534  11.844  -3.401  1.00 23.38 ? 57   GLN A CD  1 
ATOM   413  O  OE1 . GLN A 1 57  ? -8.835  12.580  -4.315  1.00 29.92 ? 57   GLN A OE1 1 
ATOM   414  N  NE2 . GLN A 1 57  ? -9.440  11.234  -2.644  1.00 25.91 ? 57   GLN A NE2 1 
ATOM   415  N  N   . LEU A 1 58  ? -5.737  10.826  0.302   1.00 14.07 ? 58   LEU A N   1 
ATOM   416  C  CA  . LEU A 1 58  ? -5.510  9.513   0.902   1.00 14.56 ? 58   LEU A CA  1 
ATOM   417  C  C   . LEU A 1 58  ? -6.439  9.230   2.083   1.00 13.99 ? 58   LEU A C   1 
ATOM   418  O  O   . LEU A 1 58  ? -7.004  8.138   2.205   1.00 13.49 ? 58   LEU A O   1 
ATOM   419  C  CB  . LEU A 1 58  ? -4.081  9.381   1.385   1.00 14.64 ? 58   LEU A CB  1 
ATOM   420  C  CG  . LEU A 1 58  ? -3.041  9.498   0.299   1.00 14.69 ? 58   LEU A CG  1 
ATOM   421  C  CD1 . LEU A 1 58  ? -1.640  9.517   0.936   1.00 15.79 ? 58   LEU A CD1 1 
ATOM   422  C  CD2 . LEU A 1 58  ? -3.221  8.388   -0.688  1.00 14.24 ? 58   LEU A CD2 1 
ATOM   423  N  N   . LEU A 1 59  ? -6.584  10.217  2.953   1.00 14.33 ? 59   LEU A N   1 
ATOM   424  C  CA  . LEU A 1 59  ? -7.475  10.114  4.129   1.00 15.04 ? 59   LEU A CA  1 
ATOM   425  C  C   . LEU A 1 59  ? -8.912  9.802   3.687   1.00 15.02 ? 59   LEU A C   1 
ATOM   426  O  O   . LEU A 1 59  ? -9.587  8.948   4.291   1.00 13.93 ? 59   LEU A O   1 
ATOM   427  C  CB  . LEU A 1 59  ? -7.467  11.419  4.953   1.00 14.97 ? 59   LEU A CB  1 
ATOM   428  C  CG  . LEU A 1 59  ? -6.227  11.737  5.784   1.00 16.52 ? 59   LEU A CG  1 
ATOM   429  C  CD1 . LEU A 1 59  ? -6.317  13.096  6.451   1.00 16.99 ? 59   LEU A CD1 1 
ATOM   430  C  CD2 . LEU A 1 59  ? -5.955  10.726  6.883   1.00 17.64 ? 59   LEU A CD2 1 
ATOM   431  N  N   . ASP A 1 60  ? -9.368  10.460  2.622   1.00 15.04 ? 60   ASP A N   1 
ATOM   432  C  CA  . ASP A 1 60  ? -10.745 10.271  2.171   1.00 16.25 ? 60   ASP A CA  1 
ATOM   433  C  C   . ASP A 1 60  ? -10.940 8.843   1.666   1.00 15.72 ? 60   ASP A C   1 
ATOM   434  O  O   . ASP A 1 60  ? -11.920 8.206   2.006   1.00 15.73 ? 60   ASP A O   1 
ATOM   435  C  CB  . ASP A 1 60  ? -11.128 11.276  1.097   1.00 18.46 ? 60   ASP A CB  1 
ATOM   436  C  CG  . ASP A 1 60  ? -12.596 11.138  0.668   1.00 21.20 ? 60   ASP A CG  1 
ATOM   437  O  OD1 . ASP A 1 60  ? -13.534 11.141  1.497   1.00 25.92 ? 60   ASP A OD1 1 
ATOM   438  O  OD2 . ASP A 1 60  ? -12.820 11.011  -0.513  1.00 24.89 ? 60   ASP A OD2 1 
ATOM   439  N  N   . TRP A 1 61  ? -9.979  8.332   0.890   1.00 15.32 ? 61   TRP A N   1 
ATOM   440  C  CA  . TRP A 1 61  ? -10.018 6.918   0.483   1.00 14.92 ? 61   TRP A CA  1 
ATOM   441  C  C   . TRP A 1 61  ? -10.034 5.957   1.672   1.00 14.09 ? 61   TRP A C   1 
ATOM   442  O  O   . TRP A 1 61  ? -10.811 5.014   1.666   1.00 13.26 ? 61   TRP A O   1 
ATOM   443  C  CB  . TRP A 1 61  ? -8.889  6.588   -0.485  1.00 14.51 ? 61   TRP A CB  1 
ATOM   444  C  CG  . TRP A 1 61  ? -9.031  7.297   -1.810  1.00 15.24 ? 61   TRP A CG  1 
ATOM   445  C  CD1 . TRP A 1 61  ? -10.204 7.711   -2.405  1.00 15.40 ? 61   TRP A CD1 1 
ATOM   446  C  CD2 . TRP A 1 61  ? -7.973  7.667   -2.718  1.00 14.89 ? 61   TRP A CD2 1 
ATOM   447  N  NE1 . TRP A 1 61  ? -9.929  8.334   -3.591  1.00 15.89 ? 61   TRP A NE1 1 
ATOM   448  C  CE2 . TRP A 1 61  ? -8.580  8.307   -3.829  1.00 15.49 ? 61   TRP A CE2 1 
ATOM   449  C  CE3 . TRP A 1 61  ? -6.588  7.534   -2.694  1.00 15.49 ? 61   TRP A CE3 1 
ATOM   450  C  CZ2 . TRP A 1 61  ? -7.848  8.779   -4.922  1.00 15.12 ? 61   TRP A CZ2 1 
ATOM   451  C  CZ3 . TRP A 1 61  ? -5.857  8.017   -3.756  1.00 15.25 ? 61   TRP A CZ3 1 
ATOM   452  C  CH2 . TRP A 1 61  ? -6.491  8.633   -4.869  1.00 16.11 ? 61   TRP A CH2 1 
ATOM   453  N  N   . ILE A 1 62  ? -9.225  6.213   2.709   1.00 14.74 ? 62   ILE A N   1 
ATOM   454  C  CA  . ILE A 1 62  ? -9.221  5.365   3.908   1.00 14.34 ? 62   ILE A CA  1 
ATOM   455  C  C   . ILE A 1 62  ? -10.584 5.465   4.627   1.00 15.34 ? 62   ILE A C   1 
ATOM   456  O  O   . ILE A 1 62  ? -11.114 4.464   5.080   1.00 14.78 ? 62   ILE A O   1 
ATOM   457  C  CB  A ILE A 1 62  ? -8.112  5.765   4.907   0.50 14.57 ? 62   ILE A CB  1 
ATOM   458  C  CB  B ILE A 1 62  ? -8.036  5.706   4.834   0.50 14.61 ? 62   ILE A CB  1 
ATOM   459  C  CG1 A ILE A 1 62  ? -6.724  5.618   4.280   0.50 14.99 ? 62   ILE A CG1 1 
ATOM   460  C  CG1 B ILE A 1 62  ? -6.729  5.227   4.184   0.50 15.04 ? 62   ILE A CG1 1 
ATOM   461  C  CG2 A ILE A 1 62  ? -8.177  4.912   6.172   0.50 14.52 ? 62   ILE A CG2 1 
ATOM   462  C  CG2 B ILE A 1 62  ? -8.179  5.033   6.196   0.50 14.59 ? 62   ILE A CG2 1 
ATOM   463  C  CD1 A ILE A 1 62  ? -6.350  4.190   3.949   0.50 14.89 ? 62   ILE A CD1 1 
ATOM   464  C  CD1 B ILE A 1 62  ? -5.517  6.072   4.510   0.50 15.01 ? 62   ILE A CD1 1 
ATOM   465  N  N   . HIS A 1 63  ? -11.150 6.673   4.713   1.00 16.54 ? 63   HIS A N   1 
ATOM   466  C  CA  . HIS A 1 63  ? -12.478 6.851   5.309   1.00 17.20 ? 63   HIS A CA  1 
ATOM   467  C  C   . HIS A 1 63  ? -13.525 5.973   4.603   1.00 17.01 ? 63   HIS A C   1 
ATOM   468  O  O   . HIS A 1 63  ? -14.322 5.321   5.261   1.00 15.07 ? 63   HIS A O   1 
ATOM   469  C  CB  . HIS A 1 63  ? -12.942 8.322   5.291   1.00 17.21 ? 63   HIS A CB  1 
ATOM   470  C  CG  . HIS A 1 63  ? -12.077 9.242   6.091   1.00 17.57 ? 63   HIS A CG  1 
ATOM   471  N  ND1 . HIS A 1 63  ? -11.982 10.593  5.826   1.00 18.80 ? 63   HIS A ND1 1 
ATOM   472  C  CD2 . HIS A 1 63  ? -11.256 9.011   7.139   1.00 17.75 ? 63   HIS A CD2 1 
ATOM   473  C  CE1 . HIS A 1 63  ? -11.164 11.154  6.694   1.00 17.44 ? 63   HIS A CE1 1 
ATOM   474  N  NE2 . HIS A 1 63  ? -10.690 10.211  7.480   1.00 17.52 ? 63   HIS A NE2 1 
ATOM   475  N  N   . GLN A 1 64  ? -13.497 5.936   3.282   1.00 17.30 ? 64   GLN A N   1 
ATOM   476  C  CA  . GLN A 1 64  ? -14.477 5.146   2.540   1.00 18.74 ? 64   GLN A CA  1 
ATOM   477  C  C   . GLN A 1 64  ? -14.293 3.654   2.789   1.00 18.67 ? 64   GLN A C   1 
ATOM   478  O  O   . GLN A 1 64  ? -15.266 2.921   2.949   1.00 16.15 ? 64   GLN A O   1 
ATOM   479  C  CB  . GLN A 1 64  ? -14.373 5.417   1.035   1.00 21.21 ? 64   GLN A CB  1 
ATOM   480  C  CG  . GLN A 1 64  ? -14.829 6.814   0.594   1.00 23.79 ? 64   GLN A CG  1 
ATOM   481  C  CD  . GLN A 1 64  ? -14.514 7.055   -0.890  1.00 27.12 ? 64   GLN A CD  1 
ATOM   482  O  OE1 . GLN A 1 64  ? -14.458 6.107   -1.681  1.00 31.16 ? 64   GLN A OE1 1 
ATOM   483  N  NE2 . GLN A 1 64  ? -14.204 8.303   -1.249  1.00 28.42 ? 64   GLN A NE2 1 
ATOM   484  N  N   . ALA A 1 65  ? -13.044 3.200   2.797   1.00 18.63 ? 65   ALA A N   1 
ATOM   485  C  CA  . ALA A 1 65  ? -12.754 1.804   3.158   1.00 17.82 ? 65   ALA A CA  1 
ATOM   486  C  C   . ALA A 1 65  ? -13.235 1.475   4.576   1.00 17.60 ? 65   ALA A C   1 
ATOM   487  O  O   . ALA A 1 65  ? -13.772 0.393   4.807   1.00 17.34 ? 65   ALA A O   1 
ATOM   488  C  CB  . ALA A 1 65  ? -11.262 1.509   3.001   1.00 17.96 ? 65   ALA A CB  1 
ATOM   489  N  N   . ALA A 1 66  ? -13.076 2.404   5.522   1.00 16.69 ? 66   ALA A N   1 
ATOM   490  C  CA  . ALA A 1 66  ? -13.589 2.203   6.865   1.00 16.73 ? 66   ALA A CA  1 
ATOM   491  C  C   . ALA A 1 66  ? -15.117 2.046   6.867   1.00 18.99 ? 66   ALA A C   1 
ATOM   492  O  O   . ALA A 1 66  ? -15.644 1.144   7.523   1.00 19.00 ? 66   ALA A O   1 
ATOM   493  C  CB  . ALA A 1 66  ? -13.180 3.348   7.787   1.00 17.14 ? 66   ALA A CB  1 
ATOM   494  N  N   . ASP A 1 67  ? -15.823 2.901   6.131   1.00 20.54 ? 67   ASP A N   1 
ATOM   495  C  CA  . ASP A 1 67  ? -17.288 2.855   6.099   1.00 23.11 ? 67   ASP A CA  1 
ATOM   496  C  C   . ASP A 1 67  ? -17.803 1.602   5.350   1.00 25.46 ? 67   ASP A C   1 
ATOM   497  O  O   . ASP A 1 67  ? -18.859 1.085   5.674   1.00 29.14 ? 67   ASP A O   1 
ATOM   498  C  CB  . ASP A 1 67  ? -17.852 4.114   5.434   1.00 23.24 ? 67   ASP A CB  1 
ATOM   499  C  CG  . ASP A 1 67  ? -17.686 5.378   6.291   1.00 25.32 ? 67   ASP A CG  1 
ATOM   500  O  OD1 . ASP A 1 67  ? -17.655 5.297   7.535   1.00 25.22 ? 67   ASP A OD1 1 
ATOM   501  O  OD2 . ASP A 1 67  ? -17.593 6.471   5.692   1.00 27.48 ? 67   ASP A OD2 1 
ATOM   502  N  N   . ALA A 1 68  ? -17.072 1.140   4.340   1.00 23.59 ? 68   ALA A N   1 
ATOM   503  C  CA  . ALA A 1 68  ? -17.464 -0.035  3.603   1.00 24.19 ? 68   ALA A CA  1 
ATOM   504  C  C   . ALA A 1 68  ? -16.967 -1.352  4.262   1.00 23.82 ? 68   ALA A C   1 
ATOM   505  O  O   . ALA A 1 68  ? -17.250 -2.430  3.761   1.00 24.30 ? 68   ALA A O   1 
ATOM   506  C  CB  . ALA A 1 68  ? -16.942 0.084   2.166   1.00 24.07 ? 68   ALA A CB  1 
ATOM   507  N  N   . ALA A 1 69  ? -16.229 -1.259  5.369   1.00 23.16 ? 69   ALA A N   1 
ATOM   508  C  CA  . ALA A 1 69  ? -15.535 -2.407  5.958   1.00 23.01 ? 69   ALA A CA  1 
ATOM   509  C  C   . ALA A 1 69  ? -14.715 -3.212  4.933   1.00 21.52 ? 69   ALA A C   1 
ATOM   510  O  O   . ALA A 1 69  ? -14.753 -4.443  4.918   1.00 20.04 ? 69   ALA A O   1 
ATOM   511  C  CB  . ALA A 1 69  ? -16.541 -3.317  6.708   1.00 24.59 ? 69   ALA A CB  1 
ATOM   512  N  N   . GLU A 1 70  ? -13.982 -2.512  4.070   1.00 20.24 ? 70   GLU A N   1 
ATOM   513  C  CA  . GLU A 1 70  ? -13.171 -3.147  3.034   1.00 20.59 ? 70   GLU A CA  1 
ATOM   514  C  C   . GLU A 1 70  ? -11.698 -3.185  3.475   1.00 20.10 ? 70   GLU A C   1 
ATOM   515  O  O   . GLU A 1 70  ? -11.229 -2.281  4.138   1.00 20.98 ? 70   GLU A O   1 
ATOM   516  C  CB  . GLU A 1 70  ? -13.273 -2.388  1.722   1.00 21.20 ? 70   GLU A CB  1 
ATOM   517  C  CG  . GLU A 1 70  ? -14.595 -2.610  1.013   1.00 22.97 ? 70   GLU A CG  1 
ATOM   518  C  CD  . GLU A 1 70  ? -14.859 -1.611  -0.105  1.00 23.97 ? 70   GLU A CD  1 
ATOM   519  O  OE1 . GLU A 1 70  ? -13.996 -0.727  -0.341  1.00 24.08 ? 70   GLU A OE1 1 
ATOM   520  O  OE2 . GLU A 1 70  ? -15.929 -1.712  -0.772  1.00 25.84 ? 70   GLU A OE2 1 
ATOM   521  N  N   . PRO A 1 71  ? -10.974 -4.240  3.099   1.00 19.62 ? 71   PRO A N   1 
ATOM   522  C  CA  . PRO A 1 71  ? -9.550  -4.306  3.424   1.00 18.34 ? 71   PRO A CA  1 
ATOM   523  C  C   . PRO A 1 71  ? -8.731  -3.334  2.578   1.00 16.91 ? 71   PRO A C   1 
ATOM   524  O  O   . PRO A 1 71  ? -9.121  -2.985  1.470   1.00 14.69 ? 71   PRO A O   1 
ATOM   525  C  CB  . PRO A 1 71  ? -9.177  -5.769  3.120   1.00 18.83 ? 71   PRO A CB  1 
ATOM   526  C  CG  . PRO A 1 71  ? -10.236 -6.259  2.196   1.00 19.26 ? 71   PRO A CG  1 
ATOM   527  C  CD  . PRO A 1 71  ? -11.472 -5.485  2.476   1.00 19.53 ? 71   PRO A CD  1 
ATOM   528  N  N   . VAL A 1 72  ? -7.614  -2.884  3.151   1.00 16.44 ? 72   VAL A N   1 
ATOM   529  C  CA  . VAL A 1 72  ? -6.729  -1.921  2.502   1.00 15.17 ? 72   VAL A CA  1 
ATOM   530  C  C   . VAL A 1 72  ? -5.303  -2.482  2.462   1.00 15.11 ? 72   VAL A C   1 
ATOM   531  O  O   . VAL A 1 72  ? -4.808  -2.996  3.459   1.00 15.45 ? 72   VAL A O   1 
ATOM   532  C  CB  . VAL A 1 72  ? -6.726  -0.611  3.294   1.00 14.61 ? 72   VAL A CB  1 
ATOM   533  C  CG1 . VAL A 1 72  ? -5.712  0.363   2.722   1.00 14.69 ? 72   VAL A CG1 1 
ATOM   534  C  CG2 . VAL A 1 72  ? -8.124  -0.019  3.373   1.00 14.23 ? 72   VAL A CG2 1 
ATOM   535  N  N   . ILE A 1 73  ? -4.678  -2.401  1.291   1.00 15.09 ? 73   ILE A N   1 
ATOM   536  C  CA  . ILE A 1 73  ? -3.223  -2.551  1.123   1.00 14.24 ? 73   ILE A CA  1 
ATOM   537  C  C   . ILE A 1 73  ? -2.724  -1.150  0.871   1.00 13.98 ? 73   ILE A C   1 
ATOM   538  O  O   . ILE A 1 73  ? -3.193  -0.476  -0.072  1.00 14.30 ? 73   ILE A O   1 
ATOM   539  C  CB  . ILE A 1 73  ? -2.895  -3.465  -0.063  1.00 13.68 ? 73   ILE A CB  1 
ATOM   540  C  CG1 . ILE A 1 73  ? -3.500  -4.833  0.185   1.00 14.36 ? 73   ILE A CG1 1 
ATOM   541  C  CG2 . ILE A 1 73  ? -1.404  -3.533  -0.284  1.00 13.48 ? 73   ILE A CG2 1 
ATOM   542  C  CD1 . ILE A 1 73  ? -3.460  -5.745  -1.018  1.00 15.24 ? 73   ILE A CD1 1 
ATOM   543  N  N   . LEU A 1 74  ? -1.843  -0.676  1.752   1.00 13.76 ? 74   LEU A N   1 
ATOM   544  C  CA  . LEU A 1 74  ? -1.462  0.738   1.787   1.00 13.68 ? 74   LEU A CA  1 
ATOM   545  C  C   . LEU A 1 74  ? 0.034   0.843   1.727   1.00 13.57 ? 74   LEU A C   1 
ATOM   546  O  O   . LEU A 1 74  ? 0.740   0.267   2.583   1.00 13.04 ? 74   LEU A O   1 
ATOM   547  C  CB  . LEU A 1 74  ? -1.932  1.386   3.071   1.00 13.83 ? 74   LEU A CB  1 
ATOM   548  C  CG  . LEU A 1 74  ? -1.468  2.820   3.340   1.00 14.75 ? 74   LEU A CG  1 
ATOM   549  C  CD1 . LEU A 1 74  ? -1.907  3.788   2.226   1.00 15.65 ? 74   LEU A CD1 1 
ATOM   550  C  CD2 . LEU A 1 74  ? -2.016  3.272   4.695   1.00 14.90 ? 74   LEU A CD2 1 
ATOM   551  N  N   . ASN A 1 75  ? 0.513   1.550   0.710   1.00 12.93 ? 75   ASN A N   1 
ATOM   552  C  CA  . ASN A 1 75  ? 1.884   1.976   0.669   1.00 12.91 ? 75   ASN A CA  1 
ATOM   553  C  C   . ASN A 1 75  ? 1.857   3.491   0.713   1.00 13.72 ? 75   ASN A C   1 
ATOM   554  O  O   . ASN A 1 75  ? 1.593   4.171   -0.310  1.00 14.19 ? 75   ASN A O   1 
ATOM   555  C  CB  . ASN A 1 75  ? 2.579   1.500   -0.595  1.00 12.79 ? 75   ASN A CB  1 
ATOM   556  C  CG  . ASN A 1 75  ? 4.006   1.977   -0.658  1.00 13.17 ? 75   ASN A CG  1 
ATOM   557  O  OD1 . ASN A 1 75  ? 4.443   2.844   0.144   1.00 11.74 ? 75   ASN A OD1 1 
ATOM   558  N  ND2 . ASN A 1 75  ? 4.746   1.437   -1.614  1.00 13.80 ? 75   ASN A ND2 1 
ATOM   559  N  N   . ALA A 1 76  ? 2.084   4.037   1.899   1.00 14.12 ? 76   ALA A N   1 
ATOM   560  C  CA  . ALA A 1 76  ? 1.916   5.486   2.121   1.00 14.21 ? 76   ALA A CA  1 
ATOM   561  C  C   . ALA A 1 76  ? 3.080   6.384   1.667   1.00 14.61 ? 76   ALA A C   1 
ATOM   562  O  O   . ALA A 1 76  ? 3.016   7.633   1.843   1.00 14.69 ? 76   ALA A O   1 
ATOM   563  C  CB  . ALA A 1 76  ? 1.654   5.718   3.596   1.00 14.70 ? 76   ALA A CB  1 
ATOM   564  N  N   . GLY A 1 77  ? 4.136   5.790   1.116   1.00 14.49 ? 77   GLY A N   1 
ATOM   565  C  CA  . GLY A 1 77  ? 5.343   6.533   0.732   1.00 14.35 ? 77   GLY A CA  1 
ATOM   566  C  C   . GLY A 1 77  ? 5.940   7.197   1.961   1.00 14.26 ? 77   GLY A C   1 
ATOM   567  O  O   . GLY A 1 77  ? 5.978   6.591   3.028   1.00 14.57 ? 77   GLY A O   1 
ATOM   568  N  N   . GLY A 1 78  ? 6.343   8.460   1.833   1.00 14.32 ? 78   GLY A N   1 
ATOM   569  C  CA  . GLY A 1 78  ? 7.053   9.163   2.908   1.00 14.36 ? 78   GLY A CA  1 
ATOM   570  C  C   . GLY A 1 78  ? 6.179   9.439   4.127   1.00 15.83 ? 78   GLY A C   1 
ATOM   571  O  O   . GLY A 1 78  ? 6.694   9.625   5.259   1.00 15.36 ? 78   GLY A O   1 
ATOM   572  N  N   . LEU A 1 79  ? 4.852   9.464   3.913   1.00 15.68 ? 79   LEU A N   1 
ATOM   573  C  CA  . LEU A 1 79  ? 3.912   9.700   5.002   1.00 14.92 ? 79   LEU A CA  1 
ATOM   574  C  C   . LEU A 1 79  ? 3.902   8.562   6.032   1.00 15.16 ? 79   LEU A C   1 
ATOM   575  O  O   . LEU A 1 79  ? 3.446   8.745   7.168   1.00 14.88 ? 79   LEU A O   1 
ATOM   576  C  CB  . LEU A 1 79  ? 2.512   9.877   4.462   1.00 15.31 ? 79   LEU A CB  1 
ATOM   577  C  CG  . LEU A 1 79  ? 2.268   10.994  3.451   1.00 15.97 ? 79   LEU A CG  1 
ATOM   578  C  CD1 . LEU A 1 79  ? 0.821   11.011  3.036   1.00 15.92 ? 79   LEU A CD1 1 
ATOM   579  C  CD2 . LEU A 1 79  ? 2.613   12.343  4.045   1.00 17.09 ? 79   LEU A CD2 1 
ATOM   580  N  N   . THR A 1 80  ? 4.372   7.377   5.637   1.00 14.87 ? 80   THR A N   1 
ATOM   581  C  CA  . THR A 1 80  ? 4.566   6.263   6.571   1.00 14.70 ? 80   THR A CA  1 
ATOM   582  C  C   . THR A 1 80  ? 5.303   6.730   7.817   1.00 14.08 ? 80   THR A C   1 
ATOM   583  O  O   . THR A 1 80  ? 4.977   6.347   8.949   1.00 13.72 ? 80   THR A O   1 
ATOM   584  C  CB  . THR A 1 80  ? 5.411   5.173   5.882   1.00 15.70 ? 80   THR A CB  1 
ATOM   585  O  OG1 . THR A 1 80  ? 4.787   4.797   4.639   1.00 15.86 ? 80   THR A OG1 1 
ATOM   586  C  CG2 . THR A 1 80  ? 5.575   3.943   6.758   1.00 16.15 ? 80   THR A CG2 1 
ATOM   587  N  N   . HIS A 1 81  ? 6.314   7.562   7.607   1.00 13.74 ? 81   HIS A N   1 
ATOM   588  C  CA  . HIS A 1 81  ? 7.258   7.893   8.666   1.00 14.68 ? 81   HIS A CA  1 
ATOM   589  C  C   . HIS A 1 81  ? 6.893   9.161   9.385   1.00 15.56 ? 81   HIS A C   1 
ATOM   590  O  O   . HIS A 1 81  ? 7.518   9.468   10.393  1.00 17.57 ? 81   HIS A O   1 
ATOM   591  C  CB  . HIS A 1 81  ? 8.673   8.044   8.095   1.00 14.68 ? 81   HIS A CB  1 
ATOM   592  C  CG  . HIS A 1 81  ? 9.001   7.027   7.062   1.00 14.24 ? 81   HIS A CG  1 
ATOM   593  N  ND1 . HIS A 1 81  ? 9.094   5.686   7.353   1.00 15.08 ? 81   HIS A ND1 1 
ATOM   594  C  CD2 . HIS A 1 81  ? 9.214   7.137   5.735   1.00 15.03 ? 81   HIS A CD2 1 
ATOM   595  C  CE1 . HIS A 1 81  ? 9.364   5.013   6.251   1.00 14.73 ? 81   HIS A CE1 1 
ATOM   596  N  NE2 . HIS A 1 81  ? 9.433   5.871   5.253   1.00 14.89 ? 81   HIS A NE2 1 
ATOM   597  N  N   . THR A 1 82  ? 5.888   9.891   8.891   1.00 15.68 ? 82   THR A N   1 
ATOM   598  C  CA  . THR A 1 82  ? 5.620   11.256  9.369   1.00 16.17 ? 82   THR A CA  1 
ATOM   599  C  C   . THR A 1 82  ? 4.177   11.584  9.771   1.00 17.01 ? 82   THR A C   1 
ATOM   600  O  O   . THR A 1 82  ? 3.984   12.512  10.537  1.00 18.10 ? 82   THR A O   1 
ATOM   601  C  CB  . THR A 1 82  ? 6.006   12.292  8.292   1.00 16.31 ? 82   THR A CB  1 
ATOM   602  O  OG1 . THR A 1 82  ? 5.185   12.109  7.132   1.00 16.14 ? 82   THR A OG1 1 
ATOM   603  C  CG2 . THR A 1 82  ? 7.446   12.110  7.890   1.00 16.58 ? 82   THR A CG2 1 
ATOM   604  N  N   . SER A 1 83  ? 3.166   10.866  9.266   1.00 16.22 ? 83   SER A N   1 
ATOM   605  C  CA  . SER A 1 83  ? 1.776   11.291  9.439   1.00 15.92 ? 83   SER A CA  1 
ATOM   606  C  C   . SER A 1 83  ? 0.991   10.514  10.508  1.00 16.20 ? 83   SER A C   1 
ATOM   607  O  O   . SER A 1 83  ? 0.645   9.321   10.318  1.00 17.65 ? 83   SER A O   1 
ATOM   608  C  CB  . SER A 1 83  ? 1.027   11.188  8.116   1.00 16.13 ? 83   SER A CB  1 
ATOM   609  O  OG  . SER A 1 83  ? -0.312  11.539  8.274   1.00 16.62 ? 83   SER A OG  1 
ATOM   610  N  N   . VAL A 1 84  ? 0.700   11.213  11.599  1.00 14.75 ? 84   VAL A N   1 
ATOM   611  C  CA  . VAL A 1 84  ? -0.238  10.747  12.636  1.00 14.82 ? 84   VAL A CA  1 
ATOM   612  C  C   . VAL A 1 84  ? -1.667  10.739  12.082  1.00 14.64 ? 84   VAL A C   1 
ATOM   613  O  O   . VAL A 1 84  ? -2.408  9.809   12.329  1.00 15.10 ? 84   VAL A O   1 
ATOM   614  C  CB  . VAL A 1 84  ? -0.114  11.625  13.909  1.00 13.97 ? 84   VAL A CB  1 
ATOM   615  C  CG1 . VAL A 1 84  ? -1.155  11.262  14.962  1.00 14.33 ? 84   VAL A CG1 1 
ATOM   616  C  CG2 . VAL A 1 84  ? 1.281   11.449  14.481  1.00 13.86 ? 84   VAL A CG2 1 
ATOM   617  N  N   . ALA A 1 85  ? -2.030  11.743  11.283  1.00 15.38 ? 85   ALA A N   1 
ATOM   618  C  CA  . ALA A 1 85  ? -3.367  11.824  10.665  1.00 15.57 ? 85   ALA A CA  1 
ATOM   619  C  C   . ALA A 1 85  ? -3.726  10.567  9.876   1.00 15.71 ? 85   ALA A C   1 
ATOM   620  O  O   . ALA A 1 85  ? -4.841  10.056  9.971   1.00 15.72 ? 85   ALA A O   1 
ATOM   621  C  CB  . ALA A 1 85  ? -3.460  13.054  9.766   1.00 16.04 ? 85   ALA A CB  1 
ATOM   622  N  N   . LEU A 1 86  ? -2.764  10.056  9.116   1.00 15.93 ? 86   LEU A N   1 
ATOM   623  C  CA  . LEU A 1 86  ? -2.968  8.838   8.350   1.00 17.21 ? 86   LEU A CA  1 
ATOM   624  C  C   . LEU A 1 86  ? -3.149  7.677   9.312   1.00 16.68 ? 86   LEU A C   1 
ATOM   625  O  O   . LEU A 1 86  ? -4.035  6.853   9.142   1.00 16.06 ? 86   LEU A O   1 
ATOM   626  C  CB  . LEU A 1 86  ? -1.771  8.590   7.425   1.00 19.76 ? 86   LEU A CB  1 
ATOM   627  C  CG  . LEU A 1 86  ? -1.954  7.591   6.311   1.00 24.01 ? 86   LEU A CG  1 
ATOM   628  C  CD1 . LEU A 1 86  ? -3.164  7.950   5.466   1.00 25.42 ? 86   LEU A CD1 1 
ATOM   629  C  CD2 . LEU A 1 86  ? -0.703  7.561   5.431   1.00 25.83 ? 86   LEU A CD2 1 
ATOM   630  N  N   . ARG A 1 87  ? -2.304  7.607   10.336  1.00 15.46 ? 87   ARG A N   1 
ATOM   631  C  CA  . ARG A 1 87  ? -2.490  6.595   11.336  1.00 15.60 ? 87   ARG A CA  1 
ATOM   632  C  C   . ARG A 1 87  ? -3.879  6.612   11.954  1.00 15.60 ? 87   ARG A C   1 
ATOM   633  O  O   . ARG A 1 87  ? -4.503  5.562   12.098  1.00 15.98 ? 87   ARG A O   1 
ATOM   634  C  CB  . ARG A 1 87  ? -1.470  6.746   12.420  1.00 16.38 ? 87   ARG A CB  1 
ATOM   635  C  CG  . ARG A 1 87  ? -1.567  5.646   13.453  1.00 17.74 ? 87   ARG A CG  1 
ATOM   636  C  CD  . ARG A 1 87  ? -0.650  6.008   14.583  1.00 19.27 ? 87   ARG A CD  1 
ATOM   637  N  NE  . ARG A 1 87  ? -0.842  5.175   15.755  1.00 20.40 ? 87   ARG A NE  1 
ATOM   638  C  CZ  . ARG A 1 87  ? 0.081   4.396   16.298  1.00 20.23 ? 87   ARG A CZ  1 
ATOM   639  N  NH1 . ARG A 1 87  ? 1.279   4.287   15.742  1.00 20.27 ? 87   ARG A NH1 1 
ATOM   640  N  NH2 . ARG A 1 87  ? -0.210  3.731   17.418  1.00 20.49 ? 87   ARG A NH2 1 
ATOM   641  N  N   . ASP A 1 88  ? -4.339  7.784   12.355  1.00 16.54 ? 88   ASP A N   1 
ATOM   642  C  CA  . ASP A 1 88  ? -5.680  7.920   12.939  1.00 18.10 ? 88   ASP A CA  1 
ATOM   643  C  C   . ASP A 1 88  ? -6.819  7.433   12.001  1.00 17.81 ? 88   ASP A C   1 
ATOM   644  O  O   . ASP A 1 88  ? -7.785  6.828   12.460  1.00 17.78 ? 88   ASP A O   1 
ATOM   645  C  CB  A ASP A 1 88  ? -5.900  9.322   13.494  0.50 18.63 ? 88   ASP A CB  1 
ATOM   646  C  CB  B ASP A 1 88  ? -6.036  9.408   13.194  0.50 18.03 ? 88   ASP A CB  1 
ATOM   647  C  CG  A ASP A 1 88  ? -5.166  9.532   14.823  0.50 19.35 ? 88   ASP A CG  1 
ATOM   648  C  CG  B ASP A 1 88  ? -5.071  10.139  14.125  0.50 18.53 ? 88   ASP A CG  1 
ATOM   649  O  OD1 A ASP A 1 88  ? -4.604  8.551   15.378  0.50 19.89 ? 88   ASP A OD1 1 
ATOM   650  O  OD1 B ASP A 1 88  ? -4.456  9.485   15.002  0.50 19.29 ? 88   ASP A OD1 1 
ATOM   651  O  OD2 A ASP A 1 88  ? -5.141  10.674  15.318  0.50 19.68 ? 88   ASP A OD2 1 
ATOM   652  O  OD2 B ASP A 1 88  ? -4.972  11.390  13.989  0.50 16.95 ? 88   ASP A OD2 1 
ATOM   653  N  N   . ALA A 1 89  ? -6.714  7.736   10.715  1.00 17.71 ? 89   ALA A N   1 
ATOM   654  C  CA  . ALA A 1 89  ? -7.700  7.259   9.734   1.00 18.05 ? 89   ALA A CA  1 
ATOM   655  C  C   . ALA A 1 89  ? -7.633  5.733   9.621   1.00 17.71 ? 89   ALA A C   1 
ATOM   656  O  O   . ALA A 1 89  ? -8.675  5.081   9.579   1.00 18.41 ? 89   ALA A O   1 
ATOM   657  C  CB  . ALA A 1 89  ? -7.441  7.869   8.377   1.00 18.61 ? 89   ALA A CB  1 
ATOM   658  N  N   . CYS A 1 90  ? -6.417  5.169   9.544   1.00 16.01 ? 90   CYS A N   1 
ATOM   659  C  CA  . CYS A 1 90  ? -6.267  3.732   9.410   1.00 15.86 ? 90   CYS A CA  1 
ATOM   660  C  C   . CYS A 1 90  ? -6.728  2.969   10.642  1.00 16.37 ? 90   CYS A C   1 
ATOM   661  O  O   . CYS A 1 90  ? -7.123  1.841   10.498  1.00 16.13 ? 90   CYS A O   1 
ATOM   662  C  CB  . CYS A 1 90  ? -4.837  3.350   9.128   1.00 16.58 ? 90   CYS A CB  1 
ATOM   663  S  SG  . CYS A 1 90  ? -4.310  3.875   7.510   1.00 16.05 ? 90   CYS A SG  1 
ATOM   664  N  N   . ALA A 1 91  ? -6.680  3.587   11.830  1.00 16.81 ? 91   ALA A N   1 
ATOM   665  C  CA  . ALA A 1 91  ? -7.174  2.951   13.057  1.00 18.22 ? 91   ALA A CA  1 
ATOM   666  C  C   . ALA A 1 91  ? -8.678  2.757   13.079  1.00 19.21 ? 91   ALA A C   1 
ATOM   667  O  O   . ALA A 1 91  ? -9.173  2.048   13.928  1.00 18.21 ? 91   ALA A O   1 
ATOM   668  C  CB  . ALA A 1 91  ? -6.757  3.745   14.293  1.00 18.58 ? 91   ALA A CB  1 
ATOM   669  N  N   . GLU A 1 92  ? -9.412  3.402   12.173  1.00 20.15 ? 92   GLU A N   1 
ATOM   670  C  CA  . GLU A 1 92  ? -10.835 3.143   12.059  1.00 22.04 ? 92   GLU A CA  1 
ATOM   671  C  C   . GLU A 1 92  ? -11.131 1.866   11.308  1.00 21.65 ? 92   GLU A C   1 
ATOM   672  O  O   . GLU A 1 92  ? -12.249 1.411   11.352  1.00 21.21 ? 92   GLU A O   1 
ATOM   673  C  CB  . GLU A 1 92  ? -11.515 4.220   11.249  1.00 24.30 ? 92   GLU A CB  1 
ATOM   674  C  CG  . GLU A 1 92  ? -11.777 5.518   11.941  1.00 28.55 ? 92   GLU A CG  1 
ATOM   675  C  CD  . GLU A 1 92  ? -12.773 6.322   11.126  1.00 31.95 ? 92   GLU A CD  1 
ATOM   676  O  OE1 . GLU A 1 92  ? -13.975 5.933   11.092  1.00 41.22 ? 92   GLU A OE1 1 
ATOM   677  O  OE2 . GLU A 1 92  ? -12.365 7.301   10.478  1.00 32.32 ? 92   GLU A OE2 1 
ATOM   678  N  N   . LEU A 1 93  ? -10.183 1.371   10.507  1.00 21.30 ? 93   LEU A N   1 
ATOM   679  C  CA  . LEU A 1 93  ? -10.466 0.263   9.616   1.00 21.90 ? 93   LEU A CA  1 
ATOM   680  C  C   . LEU A 1 93  ? -10.788 -0.961  10.434  1.00 22.69 ? 93   LEU A C   1 
ATOM   681  O  O   . LEU A 1 93  ? -10.033 -1.296  11.346  1.00 22.47 ? 93   LEU A O   1 
ATOM   682  C  CB  . LEU A 1 93  ? -9.258  -0.034  8.736   1.00 21.86 ? 93   LEU A CB  1 
ATOM   683  C  CG  . LEU A 1 93  ? -8.860  1.020   7.681   1.00 21.47 ? 93   LEU A CG  1 
ATOM   684  C  CD1 . LEU A 1 93  ? -7.508  0.645   7.074   1.00 21.79 ? 93   LEU A CD1 1 
ATOM   685  C  CD2 . LEU A 1 93  ? -9.899  1.182   6.587   1.00 20.10 ? 93   LEU A CD2 1 
ATOM   686  N  N   . SER A 1 94  ? -11.881 -1.648  10.096  1.00 23.33 ? 94   SER A N   1 
ATOM   687  C  CA  . SER A 1 94  ? -12.264 -2.883  10.796  1.00 24.17 ? 94   SER A CA  1 
ATOM   688  C  C   . SER A 1 94  ? -11.781 -4.141  10.050  1.00 23.66 ? 94   SER A C   1 
ATOM   689  O  O   . SER A 1 94  ? -11.554 -5.169  10.674  1.00 23.68 ? 94   SER A O   1 
ATOM   690  C  CB  . SER A 1 94  ? -13.783 -2.942  11.016  1.00 23.84 ? 94   SER A CB  1 
ATOM   691  O  OG  . SER A 1 94  ? -14.459 -3.019  9.768   1.00 25.47 ? 94   SER A OG  1 
ATOM   692  N  N   . ALA A 1 95  ? -11.667 -4.068  8.728   1.00 21.95 ? 95   ALA A N   1 
ATOM   693  C  CA  . ALA A 1 95  ? -11.060 -5.146  7.935   1.00 20.83 ? 95   ALA A CA  1 
ATOM   694  C  C   . ALA A 1 95  ? -9.521  -5.001  7.924   1.00 19.59 ? 95   ALA A C   1 
ATOM   695  O  O   . ALA A 1 95  ? -9.001  -4.004  8.381   1.00 20.04 ? 95   ALA A O   1 
ATOM   696  C  CB  . ALA A 1 95  ? -11.616 -5.131  6.510   1.00 21.03 ? 95   ALA A CB  1 
ATOM   697  N  N   . PRO A 1 96  ? -8.790  -6.014  7.433   1.00 18.85 ? 96   PRO A N   1 
ATOM   698  C  CA  . PRO A 1 96  ? -7.351  -5.968  7.544   1.00 17.62 ? 96   PRO A CA  1 
ATOM   699  C  C   . PRO A 1 96  ? -6.698  -4.823  6.800   1.00 16.07 ? 96   PRO A C   1 
ATOM   700  O  O   . PRO A 1 96  ? -7.230  -4.323  5.822   1.00 16.98 ? 96   PRO A O   1 
ATOM   701  C  CB  . PRO A 1 96  ? -6.911  -7.298  6.920   1.00 19.16 ? 96   PRO A CB  1 
ATOM   702  C  CG  . PRO A 1 96  ? -8.049  -8.218  7.164   1.00 19.80 ? 96   PRO A CG  1 
ATOM   703  C  CD  . PRO A 1 96  ? -9.247  -7.332  6.932   1.00 19.70 ? 96   PRO A CD  1 
ATOM   704  N  N   . LEU A 1 97  ? -5.550  -4.418  7.317   1.00 14.91 ? 97   LEU A N   1 
ATOM   705  C  CA  . LEU A 1 97  ? -4.712  -3.388  6.765   1.00 14.10 ? 97   LEU A CA  1 
ATOM   706  C  C   . LEU A 1 97  ? -3.343  -4.020  6.623   1.00 13.77 ? 97   LEU A C   1 
ATOM   707  O  O   . LEU A 1 97  ? -2.710  -4.465  7.619   1.00 12.56 ? 97   LEU A O   1 
ATOM   708  C  CB  . LEU A 1 97  ? -4.654  -2.195  7.703   1.00 13.97 ? 97   LEU A CB  1 
ATOM   709  C  CG  . LEU A 1 97  ? -3.619  -1.125  7.352   1.00 14.39 ? 97   LEU A CG  1 
ATOM   710  C  CD1 . LEU A 1 97  ? -3.913  -0.432  6.039   1.00 14.41 ? 97   LEU A CD1 1 
ATOM   711  C  CD2 . LEU A 1 97  ? -3.613  -0.131  8.494   1.00 15.12 ? 97   LEU A CD2 1 
ATOM   712  N  N   . ILE A 1 98  ? -2.890  -4.112  5.382   1.00 14.29 ? 98   ILE A N   1 
ATOM   713  C  CA  . ILE A 1 98  ? -1.528  -4.589  5.134   1.00 13.98 ? 98   ILE A CA  1 
ATOM   714  C  C   . ILE A 1 98  ? -0.702  -3.436  4.592   1.00 14.58 ? 98   ILE A C   1 
ATOM   715  O  O   . ILE A 1 98  ? -1.060  -2.817  3.575   1.00 15.21 ? 98   ILE A O   1 
ATOM   716  C  CB  A ILE A 1 98  ? -1.504  -5.746  4.128   0.50 14.31 ? 98   ILE A CB  1 
ATOM   717  C  CB  B ILE A 1 98  ? -1.497  -5.800  4.202   0.50 14.29 ? 98   ILE A CB  1 
ATOM   718  C  CG1 A ILE A 1 98  ? -2.679  -6.732  4.348   0.50 14.18 ? 98   ILE A CG1 1 
ATOM   719  C  CG1 B ILE A 1 98  ? -2.366  -6.934  4.776   0.50 14.21 ? 98   ILE A CG1 1 
ATOM   720  C  CG2 A ILE A 1 98  ? -0.147  -6.444  4.157   0.50 14.27 ? 98   ILE A CG2 1 
ATOM   721  C  CG2 B ILE A 1 98  ? -0.064  -6.287  4.005   0.50 14.23 ? 98   ILE A CG2 1 
ATOM   722  C  CD1 A ILE A 1 98  ? -2.744  -7.382  5.715   0.50 13.92 ? 98   ILE A CD1 1 
ATOM   723  C  CD1 B ILE A 1 98  ? -2.354  -8.197  3.948   0.50 14.04 ? 98   ILE A CD1 1 
ATOM   724  N  N   . GLU A 1 99  ? 0.361   -3.112  5.318   1.00 14.61 ? 99   GLU A N   1 
ATOM   725  C  CA  . GLU A 1 99  ? 1.310   -2.071  4.938   1.00 15.85 ? 99   GLU A CA  1 
ATOM   726  C  C   . GLU A 1 99  ? 2.383   -2.675  4.032   1.00 15.44 ? 99   GLU A C   1 
ATOM   727  O  O   . GLU A 1 99  ? 2.922   -3.739  4.325   1.00 16.01 ? 99   GLU A O   1 
ATOM   728  C  CB  . GLU A 1 99  ? 1.897   -1.447  6.231   1.00 17.36 ? 99   GLU A CB  1 
ATOM   729  C  CG  . GLU A 1 99  ? 3.029   -0.455  6.038   1.00 20.46 ? 99   GLU A CG  1 
ATOM   730  C  CD  . GLU A 1 99  ? 3.696   -0.012  7.360   1.00 22.36 ? 99   GLU A CD  1 
ATOM   731  O  OE1 . GLU A 1 99  ? 3.281   -0.448  8.465   1.00 23.24 ? 99   GLU A OE1 1 
ATOM   732  O  OE2 . GLU A 1 99  ? 4.630   0.804   7.295   1.00 24.23 ? 99   GLU A OE2 1 
ATOM   733  N  N   . VAL A 1 100 ? 2.659   -2.025  2.914   1.00 15.40 ? 100  VAL A N   1 
ATOM   734  C  CA  . VAL A 1 100 ? 3.582   -2.531  1.911   1.00 16.05 ? 100  VAL A CA  1 
ATOM   735  C  C   . VAL A 1 100 ? 4.611   -1.466  1.621   1.00 15.67 ? 100  VAL A C   1 
ATOM   736  O  O   . VAL A 1 100 ? 4.249   -0.305  1.473   1.00 16.81 ? 100  VAL A O   1 
ATOM   737  C  CB  . VAL A 1 100 ? 2.838   -2.918  0.609   1.00 16.93 ? 100  VAL A CB  1 
ATOM   738  C  CG1 . VAL A 1 100 ? 3.815   -3.194  -0.542  1.00 18.15 ? 100  VAL A CG1 1 
ATOM   739  C  CG2 . VAL A 1 100 ? 2.000   -4.162  0.849   1.00 17.01 ? 100  VAL A CG2 1 
ATOM   740  N  N   . HIS A 1 101 ? 5.878   -1.853  1.585   1.00 15.51 ? 101  HIS A N   1 
ATOM   741  C  CA  . HIS A 1 101 ? 6.963   -1.038  1.051   1.00 16.89 ? 101  HIS A CA  1 
ATOM   742  C  C   . HIS A 1 101 ? 7.675   -1.846  -0.007  1.00 16.12 ? 101  HIS A C   1 
ATOM   743  O  O   . HIS A 1 101 ? 8.034   -3.010  0.217   1.00 15.45 ? 101  HIS A O   1 
ATOM   744  C  CB  . HIS A 1 101 ? 7.935   -0.586  2.144   1.00 19.34 ? 101  HIS A CB  1 
ATOM   745  C  CG  . HIS A 1 101 ? 7.257   0.222   3.193   1.00 24.40 ? 101  HIS A CG  1 
ATOM   746  N  ND1 . HIS A 1 101 ? 6.756   1.482   2.939   1.00 28.19 ? 101  HIS A ND1 1 
ATOM   747  C  CD2 . HIS A 1 101 ? 6.859   -0.094  4.447   1.00 26.62 ? 101  HIS A CD2 1 
ATOM   748  C  CE1 . HIS A 1 101 ? 6.132   1.928   4.015   1.00 29.64 ? 101  HIS A CE1 1 
ATOM   749  N  NE2 . HIS A 1 101 ? 6.183   0.989   4.947   1.00 27.84 ? 101  HIS A NE2 1 
ATOM   750  N  N   . ILE A 1 102 ? 7.891   -1.207  -1.148  1.00 14.62 ? 102  ILE A N   1 
ATOM   751  C  CA  . ILE A 1 102 ? 8.576   -1.808  -2.279  1.00 14.48 ? 102  ILE A CA  1 
ATOM   752  C  C   . ILE A 1 102 ? 10.048  -2.033  -1.915  1.00 14.57 ? 102  ILE A C   1 
ATOM   753  O  O   . ILE A 1 102 ? 10.588  -3.132  -2.143  1.00 14.40 ? 102  ILE A O   1 
ATOM   754  C  CB  . ILE A 1 102 ? 8.443   -0.910  -3.539  1.00 13.99 ? 102  ILE A CB  1 
ATOM   755  C  CG1 . ILE A 1 102 ? 6.994   -0.867  -3.982  1.00 13.23 ? 102  ILE A CG1 1 
ATOM   756  C  CG2 . ILE A 1 102 ? 9.341   -1.371  -4.707  1.00 14.22 ? 102  ILE A CG2 1 
ATOM   757  C  CD1 . ILE A 1 102 ? 6.748   0.212   -4.992  1.00 14.01 ? 102  ILE A CD1 1 
ATOM   758  N  N   . SER A 1 103 ? 10.682  -0.997  -1.363  1.00 14.20 ? 103  SER A N   1 
ATOM   759  C  CA  . SER A 1 103 ? 12.091  -1.084  -1.005  1.00 14.55 ? 103  SER A CA  1 
ATOM   760  C  C   . SER A 1 103 ? 12.204  -1.667  0.394   1.00 13.92 ? 103  SER A C   1 
ATOM   761  O  O   . SER A 1 103 ? 11.241  -1.646  1.167   1.00 13.02 ? 103  SER A O   1 
ATOM   762  C  CB  . SER A 1 103 ? 12.762  0.302   -1.053  1.00 14.94 ? 103  SER A CB  1 
ATOM   763  O  OG  . SER A 1 103 ? 12.310  1.147   0.010   1.00 16.19 ? 103  SER A OG  1 
ATOM   764  N  N   . ASN A 1 104 ? 13.384  -2.195  0.717   1.00 15.03 ? 104  ASN A N   1 
ATOM   765  C  CA  . ASN A 1 104 ? 13.673  -2.604  2.089   1.00 15.43 ? 104  ASN A CA  1 
ATOM   766  C  C   . ASN A 1 104 ? 14.098  -1.351  2.853   1.00 15.66 ? 104  ASN A C   1 
ATOM   767  O  O   . ASN A 1 104 ? 15.268  -0.933  2.812   1.00 15.93 ? 104  ASN A O   1 
ATOM   768  C  CB  . ASN A 1 104 ? 14.731  -3.703  2.148   1.00 16.32 ? 104  ASN A CB  1 
ATOM   769  C  CG  . ASN A 1 104 ? 15.003  -4.184  3.578   1.00 17.78 ? 104  ASN A CG  1 
ATOM   770  O  OD1 . ASN A 1 104 ? 14.518  -3.599  4.559   1.00 16.48 ? 104  ASN A OD1 1 
ATOM   771  N  ND2 . ASN A 1 104 ? 15.772  -5.266  3.695   1.00 18.89 ? 104  ASN A ND2 1 
ATOM   772  N  N   . VAL A 1 105 ? 13.125  -0.741  3.527   1.00 15.81 ? 105  VAL A N   1 
ATOM   773  C  CA  . VAL A 1 105 ? 13.365  0.486   4.308   1.00 17.36 ? 105  VAL A CA  1 
ATOM   774  C  C   . VAL A 1 105 ? 14.446  0.315   5.429   1.00 18.24 ? 105  VAL A C   1 
ATOM   775  O  O   . VAL A 1 105 ? 15.125  1.273   5.814   1.00 18.78 ? 105  VAL A O   1 
ATOM   776  C  CB  . VAL A 1 105 ? 12.052  1.063   4.868   1.00 17.81 ? 105  VAL A CB  1 
ATOM   777  C  CG1 . VAL A 1 105 ? 11.125  1.478   3.741   1.00 18.46 ? 105  VAL A CG1 1 
ATOM   778  C  CG2 . VAL A 1 105 ? 11.306  0.074   5.759   1.00 19.20 ? 105  VAL A CG2 1 
ATOM   779  N  N   . HIS A 1 106 ? 14.620  -0.918  5.901   1.00 17.78 ? 106  HIS A N   1 
ATOM   780  C  CA  . HIS A 1 106 ? 15.590  -1.235  6.951   1.00 18.48 ? 106  HIS A CA  1 
ATOM   781  C  C   . HIS A 1 106 ? 17.018  -1.206  6.475   1.00 17.80 ? 106  HIS A C   1 
ATOM   782  O  O   . HIS A 1 106 ? 17.925  -1.182  7.283   1.00 19.89 ? 106  HIS A O   1 
ATOM   783  C  CB  . HIS A 1 106 ? 15.235  -2.576  7.621   1.00 18.58 ? 106  HIS A CB  1 
ATOM   784  C  CG  . HIS A 1 106 ? 13.832  -2.593  8.135   1.00 19.63 ? 106  HIS A CG  1 
ATOM   785  N  ND1 . HIS A 1 106 ? 13.420  -1.823  9.207   1.00 19.73 ? 106  HIS A ND1 1 
ATOM   786  C  CD2 . HIS A 1 106 ? 12.723  -3.203  7.658   1.00 20.41 ? 106  HIS A CD2 1 
ATOM   787  C  CE1 . HIS A 1 106 ? 12.128  -1.996  9.398   1.00 20.41 ? 106  HIS A CE1 1 
ATOM   788  N  NE2 . HIS A 1 106 ? 11.681  -2.834  8.474   1.00 21.34 ? 106  HIS A NE2 1 
ATOM   789  N  N   . ALA A 1 107 ? 17.223  -1.198  5.174   1.00 18.51 ? 107  ALA A N   1 
ATOM   790  C  CA  . ALA A 1 107 ? 18.536  -1.072  4.584   1.00 19.08 ? 107  ALA A CA  1 
ATOM   791  C  C   . ALA A 1 107 ? 18.816  0.356   4.086   1.00 20.18 ? 107  ALA A C   1 
ATOM   792  O  O   . ALA A 1 107 ? 19.738  0.567   3.338   1.00 22.52 ? 107  ALA A O   1 
ATOM   793  C  CB  . ALA A 1 107 ? 18.672  -2.063  3.415   1.00 19.87 ? 107  ALA A CB  1 
ATOM   794  N  N   . ARG A 1 108 ? 18.028  1.338   4.480   1.00 20.19 ? 108  ARG A N   1 
ATOM   795  C  CA  . ARG A 1 108 ? 18.177  2.704   3.963   1.00 20.67 ? 108  ARG A CA  1 
ATOM   796  C  C   . ARG A 1 108 ? 18.469  3.641   5.134   1.00 21.72 ? 108  ARG A C   1 
ATOM   797  O  O   . ARG A 1 108 ? 19.045  3.202   6.133   1.00 23.65 ? 108  ARG A O   1 
ATOM   798  C  CB  . ARG A 1 108 ? 16.904  3.075   3.206   1.00 20.07 ? 108  ARG A CB  1 
ATOM   799  C  CG  . ARG A 1 108 ? 16.709  2.162   1.997   1.00 21.16 ? 108  ARG A CG  1 
ATOM   800  C  CD  . ARG A 1 108 ? 15.458  2.503   1.212   1.00 21.73 ? 108  ARG A CD  1 
ATOM   801  N  NE  . ARG A 1 108 ? 15.599  3.798   0.568   1.00 21.72 ? 108  ARG A NE  1 
ATOM   802  C  CZ  . ARG A 1 108 ? 14.625  4.454   -0.046  1.00 21.98 ? 108  ARG A CZ  1 
ATOM   803  N  NH1 . ARG A 1 108 ? 13.388  3.952   -0.121  1.00 22.02 ? 108  ARG A NH1 1 
ATOM   804  N  NH2 . ARG A 1 108 ? 14.902  5.633   -0.591  1.00 22.09 ? 108  ARG A NH2 1 
ATOM   805  N  N   . GLU A 1 109 ? 18.056  4.898   5.057   1.00 21.00 ? 109  GLU A N   1 
ATOM   806  C  CA  . GLU A 1 109 ? 18.207  5.796   6.202   1.00 22.05 ? 109  GLU A CA  1 
ATOM   807  C  C   . GLU A 1 109 ? 17.414  5.332   7.407   1.00 22.81 ? 109  GLU A C   1 
ATOM   808  O  O   . GLU A 1 109 ? 16.333  4.770   7.278   1.00 22.76 ? 109  GLU A O   1 
ATOM   809  C  CB  . GLU A 1 109 ? 17.784  7.217   5.861   1.00 22.94 ? 109  GLU A CB  1 
ATOM   810  C  CG  . GLU A 1 109 ? 18.583  7.809   4.703   1.00 24.15 ? 109  GLU A CG  1 
ATOM   811  C  CD  . GLU A 1 109 ? 17.883  7.652   3.390   1.00 24.54 ? 109  GLU A CD  1 
ATOM   812  O  OE1 . GLU A 1 109 ? 17.118  6.687   3.215   1.00 25.28 ? 109  GLU A OE1 1 
ATOM   813  O  OE2 . GLU A 1 109 ? 18.114  8.507   2.512   1.00 30.89 ? 109  GLU A OE2 1 
ATOM   814  N  N   . GLU A 1 110 ? 17.973  5.577   8.577   1.00 23.57 ? 110  GLU A N   1 
ATOM   815  C  CA  . GLU A 1 110 ? 17.336  5.288   9.858   1.00 26.95 ? 110  GLU A CA  1 
ATOM   816  C  C   . GLU A 1 110 ? 15.911  5.882   10.000  1.00 24.66 ? 110  GLU A C   1 
ATOM   817  O  O   . GLU A 1 110 ? 15.004  5.237   10.579  1.00 23.55 ? 110  GLU A O   1 
ATOM   818  C  CB  . GLU A 1 110 ? 18.264  5.785   10.993  1.00 32.45 ? 110  GLU A CB  1 
ATOM   819  C  CG  . GLU A 1 110 ? 17.648  5.837   12.399  1.00 41.16 ? 110  GLU A CG  1 
ATOM   820  C  CD  . GLU A 1 110 ? 17.300  4.457   12.969  1.00 48.68 ? 110  GLU A CD  1 
ATOM   821  O  OE1 . GLU A 1 110 ? 17.922  3.441   12.534  1.00 51.92 ? 110  GLU A OE1 1 
ATOM   822  O  OE2 . GLU A 1 110 ? 16.398  4.402   13.857  1.00 54.80 ? 110  GLU A OE2 1 
ATOM   823  N  N   . PHE A 1 111 ? 15.672  7.071   9.464   1.00 20.51 ? 111  PHE A N   1 
ATOM   824  C  CA  . PHE A 1 111 ? 14.322  7.627   9.592   1.00 20.95 ? 111  PHE A CA  1 
ATOM   825  C  C   . PHE A 1 111 ? 13.226  6.799   8.872   1.00 20.65 ? 111  PHE A C   1 
ATOM   826  O  O   . PHE A 1 111 ? 12.050  6.896   9.237   1.00 21.65 ? 111  PHE A O   1 
ATOM   827  C  CB  . PHE A 1 111 ? 14.263  9.091   9.175   1.00 20.26 ? 111  PHE A CB  1 
ATOM   828  C  CG  . PHE A 1 111 ? 14.553  9.348   7.728   1.00 19.87 ? 111  PHE A CG  1 
ATOM   829  C  CD1 . PHE A 1 111 ? 13.606  9.109   6.761   1.00 20.29 ? 111  PHE A CD1 1 
ATOM   830  C  CD2 . PHE A 1 111 ? 15.765  9.896   7.341   1.00 20.31 ? 111  PHE A CD2 1 
ATOM   831  C  CE1 . PHE A 1 111 ? 13.865  9.396   5.454   1.00 19.64 ? 111  PHE A CE1 1 
ATOM   832  C  CE2 . PHE A 1 111 ? 16.034  10.177  6.026   1.00 18.62 ? 111  PHE A CE2 1 
ATOM   833  C  CZ  . PHE A 1 111 ? 15.098  9.909   5.087   1.00 19.72 ? 111  PHE A CZ  1 
ATOM   834  N  N   . ARG A 1 112 ? 13.622  5.971   7.893   1.00 19.06 ? 112  ARG A N   1 
ATOM   835  C  CA  . ARG A 1 112 ? 12.703  5.074   7.192   1.00 17.76 ? 112  ARG A CA  1 
ATOM   836  C  C   . ARG A 1 112 ? 12.391  3.821   7.966   1.00 17.70 ? 112  ARG A C   1 
ATOM   837  O  O   . ARG A 1 112 ? 11.466  3.099   7.607   1.00 17.40 ? 112  ARG A O   1 
ATOM   838  C  CB  . ARG A 1 112 ? 13.234  4.697   5.829   1.00 17.40 ? 112  ARG A CB  1 
ATOM   839  C  CG  . ARG A 1 112 ? 13.370  5.890   4.902   1.00 17.95 ? 112  ARG A CG  1 
ATOM   840  C  CD  . ARG A 1 112 ? 13.678  5.493   3.451   1.00 18.04 ? 112  ARG A CD  1 
ATOM   841  N  NE  . ARG A 1 112 ? 14.238  6.649   2.767   1.00 18.66 ? 112  ARG A NE  1 
ATOM   842  C  CZ  . ARG A 1 112 ? 13.536  7.608   2.171   1.00 19.90 ? 112  ARG A CZ  1 
ATOM   843  N  NH1 . ARG A 1 112 ? 12.182  7.535   2.074   1.00 18.99 ? 112  ARG A NH1 1 
ATOM   844  N  NH2 . ARG A 1 112 ? 14.203  8.631   1.614   1.00 19.73 ? 112  ARG A NH2 1 
ATOM   845  N  N   . ARG A 1 113 ? 13.140  3.575   9.029   1.00 18.28 ? 113  ARG A N   1 
ATOM   846  C  CA  . ARG A 1 113 ? 12.923  2.420   9.880   1.00 20.51 ? 113  ARG A CA  1 
ATOM   847  C  C   . ARG A 1 113 ? 11.837  2.648   10.927  1.00 20.77 ? 113  ARG A C   1 
ATOM   848  O  O   . ARG A 1 113 ? 11.531  1.745   11.671  1.00 21.62 ? 113  ARG A O   1 
ATOM   849  C  CB  . ARG A 1 113 ? 14.246  1.984   10.535  1.00 20.67 ? 113  ARG A CB  1 
ATOM   850  C  CG  . ARG A 1 113 ? 15.299  1.713   9.461   1.00 21.21 ? 113  ARG A CG  1 
ATOM   851  C  CD  . ARG A 1 113 ? 16.520  1.017   10.027  1.00 22.61 ? 113  ARG A CD  1 
ATOM   852  N  NE  . ARG A 1 113 ? 16.235  -0.350  10.524  1.00 23.09 ? 113  ARG A NE  1 
ATOM   853  C  CZ  . ARG A 1 113 ? 17.127  -1.128  11.143  1.00 23.29 ? 113  ARG A CZ  1 
ATOM   854  N  NH1 . ARG A 1 113 ? 18.355  -0.671  11.383  1.00 23.44 ? 113  ARG A NH1 1 
ATOM   855  N  NH2 . ARG A 1 113 ? 16.794  -2.360  11.525  1.00 23.60 ? 113  ARG A NH2 1 
ATOM   856  N  N   . HIS A 1 114 ? 11.239  3.832   10.988  1.00 21.19 ? 114  HIS A N   1 
ATOM   857  C  CA  . HIS A 1 114 ? 10.049  3.991   11.828  1.00 22.78 ? 114  HIS A CA  1 
ATOM   858  C  C   . HIS A 1 114 ? 8.802   4.243   10.979  1.00 19.93 ? 114  HIS A C   1 
ATOM   859  O  O   . HIS A 1 114 ? 8.820   5.074   10.054  1.00 19.17 ? 114  HIS A O   1 
ATOM   860  C  CB  . HIS A 1 114 ? 10.220  5.109   12.876  1.00 26.18 ? 114  HIS A CB  1 
ATOM   861  C  CG  . HIS A 1 114 ? 8.944   5.448   13.614  1.00 31.26 ? 114  HIS A CG  1 
ATOM   862  N  ND1 . HIS A 1 114 ? 8.098   6.468   13.219  1.00 33.19 ? 114  HIS A ND1 1 
ATOM   863  C  CD2 . HIS A 1 114 ? 8.353   4.875   14.697  1.00 34.71 ? 114  HIS A CD2 1 
ATOM   864  C  CE1 . HIS A 1 114 ? 7.064   6.531   14.043  1.00 33.66 ? 114  HIS A CE1 1 
ATOM   865  N  NE2 . HIS A 1 114 ? 7.197   5.577   14.950  1.00 35.49 ? 114  HIS A NE2 1 
ATOM   866  N  N   . SER A 1 115 ? 7.732   3.541   11.340  1.00 17.57 ? 115  SER A N   1 
ATOM   867  C  CA  . SER A 1 115 ? 6.424   3.667   10.741  1.00 17.01 ? 115  SER A CA  1 
ATOM   868  C  C   . SER A 1 115 ? 5.358   3.945   11.786  1.00 17.42 ? 115  SER A C   1 
ATOM   869  O  O   . SER A 1 115 ? 5.226   3.183   12.764  1.00 17.40 ? 115  SER A O   1 
ATOM   870  C  CB  . SER A 1 115 ? 6.040   2.364   10.031  1.00 16.82 ? 115  SER A CB  1 
ATOM   871  O  OG  . SER A 1 115 ? 4.709   2.437   9.546   1.00 16.35 ? 115  SER A OG  1 
ATOM   872  N  N   . TYR A 1 116 ? 4.558   4.991   11.553  1.00 16.50 ? 116  TYR A N   1 
ATOM   873  C  CA  . TYR A 1 116 ? 3.373   5.246   12.373  1.00 16.32 ? 116  TYR A CA  1 
ATOM   874  C  C   . TYR A 1 116 ? 2.267   4.251   12.080  1.00 16.02 ? 116  TYR A C   1 
ATOM   875  O  O   . TYR A 1 116 ? 1.315   4.126   12.855  1.00 16.49 ? 116  TYR A O   1 
ATOM   876  C  CB  . TYR A 1 116 ? 2.822   6.647   12.140  1.00 16.80 ? 116  TYR A CB  1 
ATOM   877  C  CG  . TYR A 1 116 ? 3.541   7.714   12.903  1.00 17.85 ? 116  TYR A CG  1 
ATOM   878  C  CD1 . TYR A 1 116 ? 3.435   7.811   14.291  1.00 18.65 ? 116  TYR A CD1 1 
ATOM   879  C  CD2 . TYR A 1 116 ? 4.327   8.611   12.246  1.00 18.83 ? 116  TYR A CD2 1 
ATOM   880  C  CE1 . TYR A 1 116 ? 4.111   8.796   14.987  1.00 20.10 ? 116  TYR A CE1 1 
ATOM   881  C  CE2 . TYR A 1 116 ? 5.012   9.595   12.925  1.00 21.85 ? 116  TYR A CE2 1 
ATOM   882  C  CZ  . TYR A 1 116 ? 4.901   9.690   14.280  1.00 21.28 ? 116  TYR A CZ  1 
ATOM   883  O  OH  . TYR A 1 116 ? 5.631   10.682  14.878  1.00 26.88 ? 116  TYR A OH  1 
ATOM   884  N  N   . LEU A 1 117 ? 2.360   3.579   10.941  1.00 16.36 ? 117  LEU A N   1 
ATOM   885  C  CA  . LEU A 1 117 ? 1.317   2.633   10.516  1.00 17.10 ? 117  LEU A CA  1 
ATOM   886  C  C   . LEU A 1 117 ? 1.485   1.192   11.010  1.00 15.70 ? 117  LEU A C   1 
ATOM   887  O  O   . LEU A 1 117 ? 0.494   0.504   11.277  1.00 16.58 ? 117  LEU A O   1 
ATOM   888  C  CB  . LEU A 1 117 ? 1.186   2.638   8.979   1.00 17.50 ? 117  LEU A CB  1 
ATOM   889  C  CG  . LEU A 1 117 ? 0.957   3.989   8.329   1.00 18.56 ? 117  LEU A CG  1 
ATOM   890  C  CD1 . LEU A 1 117 ? 1.121   3.888   6.818   1.00 19.42 ? 117  LEU A CD1 1 
ATOM   891  C  CD2 . LEU A 1 117 ? -0.405  4.539   8.705   1.00 18.97 ? 117  LEU A CD2 1 
ATOM   892  N  N   . SER A 1 118 ? 2.714   0.720   11.112  1.00 15.95 ? 118  SER A N   1 
ATOM   893  C  CA  . SER A 1 118 ? 2.956   -0.678  11.521  1.00 15.42 ? 118  SER A CA  1 
ATOM   894  C  C   . SER A 1 118 ? 2.247   -1.143  12.776  1.00 15.70 ? 118  SER A C   1 
ATOM   895  O  O   . SER A 1 118 ? 1.668   -2.227  12.761  1.00 17.76 ? 118  SER A O   1 
ATOM   896  C  CB  . SER A 1 118 ? 4.455   -0.933  11.613  1.00 15.75 ? 118  SER A CB  1 
ATOM   897  O  OG  . SER A 1 118 ? 5.013   -0.775  10.343  1.00 14.85 ? 118  SER A OG  1 
ATOM   898  N  N   . PRO A 1 119 ? 2.226   -0.337  13.856  1.00 15.26 ? 119  PRO A N   1 
ATOM   899  C  CA  . PRO A 1 119 ? 1.561   -0.798  15.084  1.00 16.31 ? 119  PRO A CA  1 
ATOM   900  C  C   . PRO A 1 119 ? 0.062   -1.057  14.942  1.00 17.17 ? 119  PRO A C   1 
ATOM   901  O  O   . PRO A 1 119 ? -0.472  -1.894  15.645  1.00 18.82 ? 119  PRO A O   1 
ATOM   902  C  CB  . PRO A 1 119 ? 1.832   0.335   16.087  1.00 15.97 ? 119  PRO A CB  1 
ATOM   903  C  CG  . PRO A 1 119 ? 3.081   0.970   15.583  1.00 15.69 ? 119  PRO A CG  1 
ATOM   904  C  CD  . PRO A 1 119 ? 2.919   0.939   14.084  1.00 16.32 ? 119  PRO A CD  1 
ATOM   905  N  N   . ILE A 1 120 ? -0.592  -0.406  13.994  1.00 19.19 ? 120  ILE A N   1 
ATOM   906  C  CA  . ILE A 1 120 ? -2.054  -0.605  13.784  1.00 20.30 ? 120  ILE A CA  1 
ATOM   907  C  C   . ILE A 1 120 ? -2.408  -1.467  12.564  1.00 18.88 ? 120  ILE A C   1 
ATOM   908  O  O   . ILE A 1 120 ? -3.554  -1.814  12.372  1.00 19.87 ? 120  ILE A O   1 
ATOM   909  C  CB  . ILE A 1 120 ? -2.835  0.755   13.805  1.00 21.82 ? 120  ILE A CB  1 
ATOM   910  C  CG1 . ILE A 1 120 ? -2.228  1.836   12.921  1.00 22.35 ? 120  ILE A CG1 1 
ATOM   911  C  CG2 . ILE A 1 120 ? -2.779  1.364   15.224  1.00 22.32 ? 120  ILE A CG2 1 
ATOM   912  C  CD1 . ILE A 1 120 ? -2.418  1.699   11.442  1.00 24.04 ? 120  ILE A CD1 1 
ATOM   913  N  N   . ALA A 1 121 ? -1.415  -1.836  11.769  1.00 17.41 ? 121  ALA A N   1 
ATOM   914  C  CA  . ALA A 1 121 ? -1.616  -2.695  10.599  1.00 16.99 ? 121  ALA A CA  1 
ATOM   915  C  C   . ALA A 1 121 ? -1.805  -4.129  11.064  1.00 15.79 ? 121  ALA A C   1 
ATOM   916  O  O   . ALA A 1 121 ? -1.367  -4.479  12.140  1.00 15.68 ? 121  ALA A O   1 
ATOM   917  C  CB  . ALA A 1 121 ? -0.409  -2.607  9.659   1.00 17.13 ? 121  ALA A CB  1 
ATOM   918  N  N   . THR A 1 122 ? -2.498  -4.928  10.269  1.00 15.54 ? 122  THR A N   1 
ATOM   919  C  CA  . THR A 1 122 ? -2.498  -6.362  10.451  1.00 15.92 ? 122  THR A CA  1 
ATOM   920  C  C   . THR A 1 122 ? -1.076  -6.930  10.275  1.00 15.05 ? 122  THR A C   1 
ATOM   921  O  O   . THR A 1 122 ? -0.590  -7.692  11.090  1.00 15.69 ? 122  THR A O   1 
ATOM   922  C  CB  . THR A 1 122 ? -3.426  -7.075  9.457   1.00 16.93 ? 122  THR A CB  1 
ATOM   923  O  OG1 . THR A 1 122 ? -4.743  -6.510  9.535   1.00 18.25 ? 122  THR A OG1 1 
ATOM   924  C  CG2 . THR A 1 122 ? -3.518  -8.599  9.799   1.00 17.20 ? 122  THR A CG2 1 
ATOM   925  N  N   . GLY A 1 123 ? -0.423  -6.518  9.207   1.00 14.91 ? 123  GLY A N   1 
ATOM   926  C  CA  . GLY A 1 123 ? 0.921   -6.943  8.907   1.00 14.36 ? 123  GLY A CA  1 
ATOM   927  C  C   . GLY A 1 123 ? 1.594   -6.021  7.929   1.00 14.23 ? 123  GLY A C   1 
ATOM   928  O  O   . GLY A 1 123 ? 0.958   -5.083  7.375   1.00 12.97 ? 123  GLY A O   1 
ATOM   929  N  N   . VAL A 1 124 ? 2.874   -6.323  7.688   1.00 13.17 ? 124  VAL A N   1 
ATOM   930  C  CA  . VAL A 1 124 ? 3.735   -5.464  6.931   1.00 13.36 ? 124  VAL A CA  1 
ATOM   931  C  C   . VAL A 1 124 ? 4.625   -6.332  6.028   1.00 13.41 ? 124  VAL A C   1 
ATOM   932  O  O   . VAL A 1 124 ? 5.203   -7.317  6.484   1.00 12.47 ? 124  VAL A O   1 
ATOM   933  C  CB  . VAL A 1 124 ? 4.654   -4.636  7.869   1.00 13.44 ? 124  VAL A CB  1 
ATOM   934  C  CG1 . VAL A 1 124 ? 5.362   -3.539  7.086   1.00 13.63 ? 124  VAL A CG1 1 
ATOM   935  C  CG2 . VAL A 1 124 ? 3.882   -4.108  9.068   1.00 13.82 ? 124  VAL A CG2 1 
ATOM   936  N  N   . ILE A 1 125 ? 4.752   -5.934  4.767   1.00 13.03 ? 125  ILE A N   1 
ATOM   937  C  CA  . ILE A 1 125 ? 5.641   -6.569  3.836   1.00 13.04 ? 125  ILE A CA  1 
ATOM   938  C  C   . ILE A 1 125 ? 6.582   -5.509  3.323   1.00 13.53 ? 125  ILE A C   1 
ATOM   939  O  O   . ILE A 1 125 ? 6.097   -4.496  2.814   1.00 13.06 ? 125  ILE A O   1 
ATOM   940  C  CB  . ILE A 1 125 ? 4.870   -7.136  2.639   1.00 13.33 ? 125  ILE A CB  1 
ATOM   941  C  CG1 . ILE A 1 125 ? 3.846   -8.148  3.130   1.00 13.90 ? 125  ILE A CG1 1 
ATOM   942  C  CG2 . ILE A 1 125 ? 5.830   -7.759  1.620   1.00 13.37 ? 125  ILE A CG2 1 
ATOM   943  C  CD1 . ILE A 1 125 ? 2.882   -8.666  2.080   1.00 14.61 ? 125  ILE A CD1 1 
ATOM   944  N  N   . VAL A 1 126 ? 7.903   -5.702  3.484   1.00 13.39 ? 126  VAL A N   1 
ATOM   945  C  CA  . VAL A 1 126 ? 8.873   -4.771  2.915   1.00 14.16 ? 126  VAL A CA  1 
ATOM   946  C  C   . VAL A 1 126 ? 9.945   -5.484  2.114   1.00 14.29 ? 126  VAL A C   1 
ATOM   947  O  O   . VAL A 1 126 ? 10.305  -6.628  2.414   1.00 13.70 ? 126  VAL A O   1 
ATOM   948  C  CB  . VAL A 1 126 ? 9.485   -3.788  3.965   1.00 15.10 ? 126  VAL A CB  1 
ATOM   949  C  CG1 . VAL A 1 126 ? 8.425   -3.354  4.961   1.00 15.52 ? 126  VAL A CG1 1 
ATOM   950  C  CG2 . VAL A 1 126 ? 10.713  -4.331  4.649   1.00 15.51 ? 126  VAL A CG2 1 
ATOM   951  N  N   . GLY A 1 127 ? 10.419  -4.800  1.081   1.00 14.64 ? 127  GLY A N   1 
ATOM   952  C  CA  . GLY A 1 127 ? 11.616  -5.191  0.358   1.00 15.87 ? 127  GLY A CA  1 
ATOM   953  C  C   . GLY A 1 127 ? 11.451  -6.287  -0.682  1.00 16.34 ? 127  GLY A C   1 
ATOM   954  O  O   . GLY A 1 127 ? 12.450  -6.769  -1.207  1.00 16.98 ? 127  GLY A O   1 
ATOM   955  N  N   . LEU A 1 128 ? 10.204  -6.678  -0.971  1.00 16.50 ? 128  LEU A N   1 
ATOM   956  C  CA  . LEU A 1 128 ? 9.904   -7.714  -1.970  1.00 15.36 ? 128  LEU A CA  1 
ATOM   957  C  C   . LEU A 1 128 ? 9.445   -7.103  -3.296  1.00 16.85 ? 128  LEU A C   1 
ATOM   958  O  O   . LEU A 1 128 ? 8.856   -7.783  -4.177  1.00 16.37 ? 128  LEU A O   1 
ATOM   959  C  CB  . LEU A 1 128 ? 8.869   -8.686  -1.415  1.00 14.72 ? 128  LEU A CB  1 
ATOM   960  C  CG  . LEU A 1 128 ? 9.302   -9.402  -0.113  1.00 15.02 ? 128  LEU A CG  1 
ATOM   961  C  CD1 . LEU A 1 128 ? 8.304   -10.425 0.359   1.00 15.11 ? 128  LEU A CD1 1 
ATOM   962  C  CD2 . LEU A 1 128 ? 10.657  -10.095 -0.300  1.00 15.38 ? 128  LEU A CD2 1 
ATOM   963  N  N   . GLY A 1 129 ? 9.760   -5.817  -3.453  1.00 17.84 ? 129  GLY A N   1 
ATOM   964  C  CA  . GLY A 1 129 ? 9.397   -5.078  -4.637  1.00 18.39 ? 129  GLY A CA  1 
ATOM   965  C  C   . GLY A 1 129 ? 7.877   -5.066  -4.814  1.00 19.48 ? 129  GLY A C   1 
ATOM   966  O  O   . GLY A 1 129 ? 7.101   -5.208  -3.844  1.00 20.18 ? 129  GLY A O   1 
ATOM   967  N  N   . ILE A 1 130 ? 7.456   -4.906  -6.051  1.00 19.89 ? 130  ILE A N   1 
ATOM   968  C  CA  . ILE A 1 130 ? 6.044   -4.881  -6.371  1.00 21.36 ? 130  ILE A CA  1 
ATOM   969  C  C   . ILE A 1 130 ? 5.321   -6.217  -6.080  1.00 20.31 ? 130  ILE A C   1 
ATOM   970  O  O   . ILE A 1 130 ? 4.106   -6.221  -5.873  1.00 19.86 ? 130  ILE A O   1 
ATOM   971  C  CB  . ILE A 1 130 ? 5.778   -4.322  -7.803  1.00 24.31 ? 130  ILE A CB  1 
ATOM   972  C  CG1 . ILE A 1 130 ? 6.416   -5.171  -8.888  1.00 26.08 ? 130  ILE A CG1 1 
ATOM   973  C  CG2 . ILE A 1 130 ? 6.287   -2.886  -7.952  1.00 24.79 ? 130  ILE A CG2 1 
ATOM   974  C  CD1 . ILE A 1 130 ? 5.579   -6.373  -9.258  1.00 30.92 ? 130  ILE A CD1 1 
ATOM   975  N  N   . GLN A 1 131 ? 6.042   -7.339  -5.994  1.00 19.32 ? 131  GLN A N   1 
ATOM   976  C  CA  A GLN A 1 131 ? 5.383   -8.609  -5.644  0.50 19.38 ? 131  GLN A CA  1 
ATOM   977  C  CA  B GLN A 1 131 ? 5.445   -8.618  -5.617  0.50 19.48 ? 131  GLN A CA  1 
ATOM   978  C  C   . GLN A 1 131 ? 4.794   -8.512  -4.236  1.00 18.68 ? 131  GLN A C   1 
ATOM   979  O  O   . GLN A 1 131 ? 3.888   -9.243  -3.915  1.00 17.66 ? 131  GLN A O   1 
ATOM   980  C  CB  A GLN A 1 131 ? 6.288   -9.855  -5.756  0.50 20.26 ? 131  GLN A CB  1 
ATOM   981  C  CB  B GLN A 1 131 ? 6.526   -9.700  -5.660  0.50 20.56 ? 131  GLN A CB  1 
ATOM   982  C  CG  A GLN A 1 131 ? 6.992   -10.103 -7.093  0.50 21.42 ? 131  GLN A CG  1 
ATOM   983  C  CG  B GLN A 1 131 ? 6.170   -11.066 -5.129  0.50 22.16 ? 131  GLN A CG  1 
ATOM   984  C  CD  A GLN A 1 131 ? 6.100   -10.524 -8.239  0.50 22.49 ? 131  GLN A CD  1 
ATOM   985  C  CD  B GLN A 1 131 ? 5.515   -11.949 -6.137  0.50 21.59 ? 131  GLN A CD  1 
ATOM   986  O  OE1 A GLN A 1 131 ? 5.239   -11.380 -8.091  0.50 24.83 ? 131  GLN A OE1 1 
ATOM   987  O  OE1 B GLN A 1 131 ? 4.802   -11.476 -7.012  0.50 23.97 ? 131  GLN A OE1 1 
ATOM   988  N  NE2 A GLN A 1 131 ? 6.338   -9.946  -9.416  0.50 23.04 ? 131  GLN A NE2 1 
ATOM   989  N  NE2 B GLN A 1 131 ? 5.734   -13.246 -6.009  0.50 20.60 ? 131  GLN A NE2 1 
ATOM   990  N  N   . GLY A 1 132 ? 5.276   -7.574  -3.417  1.00 17.04 ? 132  GLY A N   1 
ATOM   991  C  CA  . GLY A 1 132 ? 4.698   -7.346  -2.116  1.00 17.26 ? 132  GLY A CA  1 
ATOM   992  C  C   . GLY A 1 132 ? 3.202   -7.067  -2.119  1.00 15.98 ? 132  GLY A C   1 
ATOM   993  O  O   . GLY A 1 132 ? 2.481   -7.569  -1.249  1.00 15.45 ? 132  GLY A O   1 
ATOM   994  N  N   . TYR A 1 133 ? 2.736   -6.298  -3.115  1.00 15.12 ? 133  TYR A N   1 
ATOM   995  C  CA  . TYR A 1 133 ? 1.289   -6.065  -3.335  1.00 14.73 ? 133  TYR A CA  1 
ATOM   996  C  C   . TYR A 1 133 ? 0.509   -7.364  -3.674  1.00 15.16 ? 133  TYR A C   1 
ATOM   997  O  O   . TYR A 1 133 ? -0.567  -7.614  -3.142  1.00 13.85 ? 133  TYR A O   1 
ATOM   998  C  CB  . TYR A 1 133 ? 1.057   -5.069  -4.471  1.00 14.73 ? 133  TYR A CB  1 
ATOM   999  C  CG  . TYR A 1 133 ? 1.537   -3.656  -4.230  1.00 14.82 ? 133  TYR A CG  1 
ATOM   1000 C  CD1 . TYR A 1 133 ? 0.699   -2.701  -3.638  1.00 14.74 ? 133  TYR A CD1 1 
ATOM   1001 C  CD2 . TYR A 1 133 ? 2.820   -3.274  -4.616  1.00 14.47 ? 133  TYR A CD2 1 
ATOM   1002 C  CE1 . TYR A 1 133 ? 1.139   -1.407  -3.404  1.00 15.14 ? 133  TYR A CE1 1 
ATOM   1003 C  CE2 . TYR A 1 133 ? 3.273   -1.984  -4.414  1.00 14.93 ? 133  TYR A CE2 1 
ATOM   1004 C  CZ  . TYR A 1 133 ? 2.440   -1.046  -3.808  1.00 15.22 ? 133  TYR A CZ  1 
ATOM   1005 O  OH  . TYR A 1 133 ? 2.905   0.228   -3.613  1.00 15.15 ? 133  TYR A OH  1 
ATOM   1006 N  N   . LEU A 1 134 ? 1.070   -8.152  -4.598  1.00 16.60 ? 134  LEU A N   1 
ATOM   1007 C  CA  . LEU A 1 134 ? 0.501   -9.437  -5.034  1.00 17.91 ? 134  LEU A CA  1 
ATOM   1008 C  C   . LEU A 1 134 ? 0.422   -10.407 -3.868  1.00 17.65 ? 134  LEU A C   1 
ATOM   1009 O  O   . LEU A 1 134 ? -0.584  -11.090 -3.666  1.00 18.31 ? 134  LEU A O   1 
ATOM   1010 C  CB  . LEU A 1 134 ? 1.319   -10.031 -6.187  1.00 19.28 ? 134  LEU A CB  1 
ATOM   1011 C  CG  . LEU A 1 134 ? 1.492   -9.061  -7.387  1.00 21.93 ? 134  LEU A CG  1 
ATOM   1012 C  CD1 . LEU A 1 134 ? 2.028   -9.758  -8.644  1.00 23.57 ? 134  LEU A CD1 1 
ATOM   1013 C  CD2 . LEU A 1 134 ? 0.226   -8.289  -7.701  1.00 22.19 ? 134  LEU A CD2 1 
ATOM   1014 N  N   . LEU A 1 135 ? 1.458   -10.431 -3.048  1.00 18.47 ? 135  LEU A N   1 
ATOM   1015 C  CA  . LEU A 1 135 ? 1.458   -11.319 -1.879  1.00 18.18 ? 135  LEU A CA  1 
ATOM   1016 C  C   . LEU A 1 135 ? 0.421   -10.851 -0.857  1.00 17.14 ? 135  LEU A C   1 
ATOM   1017 O  O   . LEU A 1 135 ? -0.247  -11.687 -0.231  1.00 16.16 ? 135  LEU A O   1 
ATOM   1018 C  CB  . LEU A 1 135 ? 2.837   -11.375 -1.247  1.00 18.98 ? 135  LEU A CB  1 
ATOM   1019 C  CG  . LEU A 1 135 ? 3.934   -11.891 -2.179  1.00 20.18 ? 135  LEU A CG  1 
ATOM   1020 C  CD1 . LEU A 1 135 ? 5.222   -11.823 -1.374  1.00 22.82 ? 135  LEU A CD1 1 
ATOM   1021 C  CD2 . LEU A 1 135 ? 3.684   -13.305 -2.685  1.00 20.53 ? 135  LEU A CD2 1 
ATOM   1022 N  N   . ALA A 1 136 ? 0.272   -9.536  -0.692  1.00 16.02 ? 136  ALA A N   1 
ATOM   1023 C  CA  . ALA A 1 136 ? -0.796  -9.037  0.183   1.00 15.96 ? 136  ALA A CA  1 
ATOM   1024 C  C   . ALA A 1 136 ? -2.161  -9.445  -0.341  1.00 16.58 ? 136  ALA A C   1 
ATOM   1025 O  O   . ALA A 1 136 ? -3.011  -9.817  0.447   1.00 15.46 ? 136  ALA A O   1 
ATOM   1026 C  CB  . ALA A 1 136 ? -0.734  -7.529  0.360   1.00 15.68 ? 136  ALA A CB  1 
ATOM   1027 N  N   . LEU A 1 137 ? -2.397  -9.339  -1.651  1.00 18.28 ? 137  LEU A N   1 
ATOM   1028 C  CA  . LEU A 1 137 ? -3.701  -9.750  -2.200  1.00 19.91 ? 137  LEU A CA  1 
ATOM   1029 C  C   . LEU A 1 137 ? -3.995  -11.162 -1.848  1.00 20.71 ? 137  LEU A C   1 
ATOM   1030 O  O   . LEU A 1 137 ? -5.124  -11.507 -1.488  1.00 21.60 ? 137  LEU A O   1 
ATOM   1031 C  CB  . LEU A 1 137 ? -3.701  -9.686  -3.712  1.00 21.08 ? 137  LEU A CB  1 
ATOM   1032 C  CG  . LEU A 1 137 ? -3.974  -8.365  -4.372  1.00 22.41 ? 137  LEU A CG  1 
ATOM   1033 C  CD1 . LEU A 1 137 ? -3.870  -8.582  -5.871  1.00 23.65 ? 137  LEU A CD1 1 
ATOM   1034 C  CD2 . LEU A 1 137 ? -5.345  -7.854  -3.950  1.00 24.23 ? 137  LEU A CD2 1 
ATOM   1035 N  N   . ARG A 1 138 ? -2.970  -11.999 -1.962  1.00 22.37 ? 138  ARG A N   1 
ATOM   1036 C  CA  . ARG A 1 138 ? -3.133  -13.432 -1.721  1.00 24.28 ? 138  ARG A CA  1 
ATOM   1037 C  C   . ARG A 1 138 ? -3.429  -13.741 -0.266  1.00 23.09 ? 138  ARG A C   1 
ATOM   1038 O  O   . ARG A 1 138 ? -4.242  -14.613 0.028   1.00 22.67 ? 138  ARG A O   1 
ATOM   1039 C  CB  . ARG A 1 138 ? -1.913  -14.190 -2.176  1.00 28.03 ? 138  ARG A CB  1 
ATOM   1040 C  CG  . ARG A 1 138 ? -2.132  -15.685 -2.130  1.00 34.80 ? 138  ARG A CG  1 
ATOM   1041 C  CD  . ARG A 1 138 ? -0.983  -16.405 -2.802  1.00 37.56 ? 138  ARG A CD  1 
ATOM   1042 N  NE  . ARG A 1 138 ? -1.013  -16.167 -4.245  1.00 39.77 ? 138  ARG A NE  1 
ATOM   1043 C  CZ  . ARG A 1 138 ? -1.655  -16.933 -5.127  1.00 39.00 ? 138  ARG A CZ  1 
ATOM   1044 N  NH1 . ARG A 1 138 ? -2.340  -17.984 -4.711  1.00 40.55 ? 138  ARG A NH1 1 
ATOM   1045 N  NH2 . ARG A 1 138 ? -1.628  -16.625 -6.428  1.00 37.84 ? 138  ARG A NH2 1 
ATOM   1046 N  N   . TYR A 1 139 ? -2.772  -13.038 0.659   1.00 20.71 ? 139  TYR A N   1 
ATOM   1047 C  CA  . TYR A 1 139 ? -3.156  -13.137 2.066   1.00 18.95 ? 139  TYR A CA  1 
ATOM   1048 C  C   . TYR A 1 139 ? -4.649  -12.831 2.240   1.00 19.19 ? 139  TYR A C   1 
ATOM   1049 O  O   . TYR A 1 139 ? -5.357  -13.506 2.946   1.00 17.99 ? 139  TYR A O   1 
ATOM   1050 C  CB  . TYR A 1 139 ? -2.363  -12.129 2.879   1.00 18.84 ? 139  TYR A CB  1 
ATOM   1051 C  CG  . TYR A 1 139 ? -2.773  -12.111 4.306   1.00 18.40 ? 139  TYR A CG  1 
ATOM   1052 C  CD1 . TYR A 1 139 ? -2.240  -13.022 5.212   1.00 18.25 ? 139  TYR A CD1 1 
ATOM   1053 C  CD2 . TYR A 1 139 ? -3.744  -11.223 4.744   1.00 18.25 ? 139  TYR A CD2 1 
ATOM   1054 C  CE1 . TYR A 1 139 ? -2.642  -13.019 6.543   1.00 18.48 ? 139  TYR A CE1 1 
ATOM   1055 C  CE2 . TYR A 1 139 ? -4.155  -11.204 6.054   1.00 18.58 ? 139  TYR A CE2 1 
ATOM   1056 C  CZ  . TYR A 1 139 ? -3.622  -12.106 6.953   1.00 18.97 ? 139  TYR A CZ  1 
ATOM   1057 O  OH  . TYR A 1 139 ? -4.054  -12.066 8.271   1.00 20.08 ? 139  TYR A OH  1 
ATOM   1058 N  N   . LEU A 1 140 ? -5.117  -11.762 1.605   1.00 20.51 ? 140  LEU A N   1 
ATOM   1059 C  CA  . LEU A 1 140 ? -6.508  -11.315 1.787   1.00 22.43 ? 140  LEU A CA  1 
ATOM   1060 C  C   . LEU A 1 140 ? -7.502  -12.322 1.181   1.00 23.75 ? 140  LEU A C   1 
ATOM   1061 O  O   . LEU A 1 140 ? -8.563  -12.538 1.734   1.00 26.32 ? 140  LEU A O   1 
ATOM   1062 C  CB  . LEU A 1 140 ? -6.706  -9.933  1.165   1.00 20.38 ? 140  LEU A CB  1 
ATOM   1063 C  CG  . LEU A 1 140 ? -5.936  -8.805  1.844   1.00 19.51 ? 140  LEU A CG  1 
ATOM   1064 C  CD1 . LEU A 1 140 ? -6.076  -7.528  1.022   1.00 18.09 ? 140  LEU A CD1 1 
ATOM   1065 C  CD2 . LEU A 1 140 ? -6.443  -8.627  3.273   1.00 19.34 ? 140  LEU A CD2 1 
ATOM   1066 N  N   . ALA A 1 141 ? -7.139  -12.930 0.059   1.00 26.32 ? 141  ALA A N   1 
ATOM   1067 C  CA  . ALA A 1 141 ? -7.991  -13.936 -0.569  1.00 30.39 ? 141  ALA A CA  1 
ATOM   1068 C  C   . ALA A 1 141 ? -8.186  -15.144 0.375   1.00 35.24 ? 141  ALA A C   1 
ATOM   1069 O  O   . ALA A 1 141 ? -9.242  -15.714 0.370   1.00 33.63 ? 141  ALA A O   1 
ATOM   1070 C  CB  . ALA A 1 141 ? -7.425  -14.375 -1.924  1.00 27.51 ? 141  ALA A CB  1 
ATOM   1071 N  N   . GLU A 1 142 ? -7.184  -15.501 1.189   1.00 43.23 ? 142  GLU A N   1 
ATOM   1072 C  CA  . GLU A 1 142 ? -7.318  -16.606 2.188   1.00 49.64 ? 142  GLU A CA  1 
ATOM   1073 C  C   . GLU A 1 142 ? -7.908  -16.184 3.523   1.00 51.31 ? 142  GLU A C   1 
ATOM   1074 O  O   . GLU A 1 142 ? -8.279  -17.028 4.327   1.00 53.60 ? 142  GLU A O   1 
ATOM   1075 C  CB  . GLU A 1 142 ? -5.974  -17.244 2.566   1.00 52.88 ? 142  GLU A CB  1 
ATOM   1076 C  CG  . GLU A 1 142 ? -4.918  -17.351 1.486   1.00 57.01 ? 142  GLU A CG  1 
ATOM   1077 C  CD  . GLU A 1 142 ? -5.134  -18.480 0.519   1.00 59.57 ? 142  GLU A CD  1 
ATOM   1078 O  OE1 . GLU A 1 142 ? -5.519  -19.579 0.968   1.00 61.85 ? 142  GLU A OE1 1 
ATOM   1079 O  OE2 . GLU A 1 142 ? -4.876  -18.267 -0.686  1.00 62.27 ? 142  GLU A OE2 1 
ATOM   1080 N  N   . HIS A 1 143 ? -7.949  -14.892 3.792   1.00 54.99 ? 143  HIS A N   1 
ATOM   1081 C  CA  . HIS A 1 143 ? -8.209  -14.425 5.151   1.00 58.30 ? 143  HIS A CA  1 
ATOM   1082 C  C   . HIS A 1 143 ? -9.634  -14.773 5.653   1.00 55.05 ? 143  HIS A C   1 
ATOM   1083 O  O   . HIS A 1 143 ? -10.627 -14.631 4.934   1.00 53.03 ? 143  HIS A O   1 
ATOM   1084 C  CB  . HIS A 1 143 ? -7.916  -12.917 5.251   1.00 60.33 ? 143  HIS A CB  1 
ATOM   1085 C  CG  . HIS A 1 143 ? -8.738  -12.220 6.281   1.00 63.67 ? 143  HIS A CG  1 
ATOM   1086 N  ND1 . HIS A 1 143 ? -8.430  -12.256 7.624   1.00 62.39 ? 143  HIS A ND1 1 
ATOM   1087 C  CD2 . HIS A 1 143 ? -9.888  -11.513 6.172   1.00 66.36 ? 143  HIS A CD2 1 
ATOM   1088 C  CE1 . HIS A 1 143 ? -9.347  -11.583 8.299   1.00 68.47 ? 143  HIS A CE1 1 
ATOM   1089 N  NE2 . HIS A 1 143 ? -10.243 -11.122 7.443   1.00 68.87 ? 143  HIS A NE2 1 
HETATM 1090 S  S   . SO4 B 2 .   ? -4.200  19.363  -0.832  0.33 53.45 ? 1144 SO4 A S   1 
HETATM 1091 O  O1  . SO4 B 2 .   ? -4.593  20.183  -1.995  0.33 53.30 ? 1144 SO4 A O1  1 
HETATM 1092 O  O2  . SO4 B 2 .   ? -5.240  19.437  0.211   0.33 54.14 ? 1144 SO4 A O2  1 
HETATM 1093 O  O3  . SO4 B 2 .   ? -2.918  19.844  -0.278  0.33 52.41 ? 1144 SO4 A O3  1 
HETATM 1094 O  O4  . SO4 B 2 .   ? -4.038  17.965  -1.270  0.33 53.37 ? 1144 SO4 A O4  1 
HETATM 1095 NA NA  . NA  C 3 .   ? -13.646 0.390   -2.900  1.00 45.18 ? 1145 NA  A NA  1 
HETATM 1096 NA NA  . NA  D 3 .   ? 9.246   -7.839  -7.188  1.00 45.39 ? 1146 NA  A NA  1 
HETATM 1097 NA NA  . NA  E 3 .   ? 4.388   4.310   16.680  1.00 29.67 ? 1147 NA  A NA  1 
HETATM 1098 O  OAF . XH2 F 4 .   ? 8.997   7.274   1.042   1.00 27.69 ? 1148 XH2 A OAF 1 
HETATM 1099 C  CAC . XH2 F 4 .   ? 9.401   5.998   0.486   1.00 25.76 ? 1148 XH2 A CAC 1 
HETATM 1100 C  CAB . XH2 F 4 .   ? 9.280   4.995   1.678   1.00 24.83 ? 1148 XH2 A CAB 1 
HETATM 1101 O  OAG . XH2 F 4 .   ? 10.253  5.327   2.722   1.00 22.08 ? 1148 XH2 A OAG 1 
HETATM 1102 C  CAA . XH2 F 4 .   ? 9.489   3.577   1.145   1.00 24.30 ? 1148 XH2 A CAA 1 
HETATM 1103 C  CAI . XH2 F 4 .   ? 8.346   3.263   0.132   1.00 25.90 ? 1148 XH2 A CAI 1 
HETATM 1104 C  CAH . XH2 F 4 .   ? 8.612   2.003   -0.545  1.00 25.34 ? 1148 XH2 A CAH 1 
HETATM 1105 O  OAO . XH2 F 4 .   ? 7.671   1.539   -1.269  1.00 23.04 ? 1148 XH2 A OAO 1 
HETATM 1106 O  OAN . XH2 F 4 .   ? 9.752   1.441   -0.391  1.00 22.78 ? 1148 XH2 A OAN 1 
HETATM 1107 O  OAM . XH2 F 4 .   ? 7.073   3.188   0.869   1.00 27.84 ? 1148 XH2 A OAM 1 
HETATM 1108 C  CAE . XH2 F 4 .   ? 8.138   4.326   -0.810  1.00 24.85 ? 1148 XH2 A CAE 1 
HETATM 1109 C  CAD . XH2 F 4 .   ? 8.616   5.642   -0.686  1.00 26.29 ? 1148 XH2 A CAD 1 
HETATM 1110 C  CAL . XH2 F 4 .   ? 8.357   6.598   -1.726  1.00 28.53 ? 1148 XH2 A CAL 1 
HETATM 1111 C  CAK . XH2 F 4 .   ? 8.435   5.943   -3.125  1.00 31.19 ? 1148 XH2 A CAK 1 
HETATM 1112 O  OAJ . XH2 F 4 .   ? 8.746   6.929   -4.199  1.00 34.70 ? 1148 XH2 A OAJ 1 
HETATM 1113 O  O   . HOH G 5 .   ? -8.399  2.145   -3.363  1.00 36.52 ? 2001 HOH A O   1 
HETATM 1114 O  O   . HOH G 5 .   ? -11.433 3.321   -0.418  1.00 30.89 ? 2002 HOH A O   1 
HETATM 1115 O  O   . HOH G 5 .   ? 3.221   11.156  -10.160 1.00 24.44 ? 2003 HOH A O   1 
HETATM 1116 O  O   . HOH G 5 .   ? 6.917   9.678   -0.738  1.00 22.54 ? 2004 HOH A O   1 
HETATM 1117 O  O   . HOH G 5 .   ? 3.569   10.360  -7.430  1.00 17.02 ? 2005 HOH A O   1 
HETATM 1118 O  O   . HOH G 5 .   ? 4.883   5.594   -12.952 1.00 18.78 ? 2006 HOH A O   1 
HETATM 1119 O  O   . HOH G 5 .   ? 4.682   12.281  -12.611 1.00 31.54 ? 2007 HOH A O   1 
HETATM 1120 O  O   . HOH G 5 .   ? 11.644  4.091   -9.685  1.00 41.51 ? 2008 HOH A O   1 
HETATM 1121 O  O   . HOH G 5 .   ? 12.967  7.621   -2.078  1.00 26.39 ? 2009 HOH A O   1 
HETATM 1122 O  O   . HOH G 5 .   ? 13.010  9.182   -4.651  1.00 28.70 ? 2010 HOH A O   1 
HETATM 1123 O  O   . HOH G 5 .   ? 0.187   17.577  3.952   0.33 27.57 ? 2011 HOH A O   1 
HETATM 1124 O  O   . HOH G 5 .   ? 9.691   -3.977  -7.665  1.00 35.55 ? 2012 HOH A O   1 
HETATM 1125 O  O   . HOH G 5 .   ? 8.983   -0.892  -9.744  1.00 32.65 ? 2013 HOH A O   1 
HETATM 1126 O  O   . HOH G 5 .   ? 3.639   4.408   -17.419 1.00 39.95 ? 2014 HOH A O   1 
HETATM 1127 O  O   . HOH G 5 .   ? 2.758   4.997   -14.779 1.00 17.94 ? 2015 HOH A O   1 
HETATM 1128 O  O   . HOH G 5 .   ? -1.360  4.736   -12.592 1.00 28.83 ? 2016 HOH A O   1 
HETATM 1129 O  O   . HOH G 5 .   ? -3.000  0.297   -15.533 1.00 23.36 ? 2017 HOH A O   1 
HETATM 1130 O  O   . HOH G 5 .   ? -4.588  -6.625  -15.996 1.00 33.64 ? 2018 HOH A O   1 
HETATM 1131 O  O   . HOH G 5 .   ? -0.495  -10.147 -12.242 1.00 25.93 ? 2019 HOH A O   1 
HETATM 1132 O  O   . HOH G 5 .   ? -8.051  -0.528  -9.995  1.00 24.96 ? 2020 HOH A O   1 
HETATM 1133 O  O   . HOH G 5 .   ? 0.392   -13.785 -4.937  1.00 39.28 ? 2021 HOH A O   1 
HETATM 1134 O  O   . HOH G 5 .   ? -9.497  -6.115  -9.920  1.00 31.14 ? 2022 HOH A O   1 
HETATM 1135 O  O   . HOH G 5 .   ? -4.637  4.181   -9.724  1.00 33.78 ? 2023 HOH A O   1 
HETATM 1136 O  O   . HOH G 5 .   ? -13.720 2.903   -3.267  1.00 36.54 ? 2024 HOH A O   1 
HETATM 1137 O  O   . HOH G 5 .   ? -5.190  6.916   -8.839  1.00 30.04 ? 2025 HOH A O   1 
HETATM 1138 O  O   . HOH G 5 .   ? -0.892  8.094   -10.312 1.00 35.88 ? 2026 HOH A O   1 
HETATM 1139 O  O   . HOH G 5 .   ? -0.429  11.793  -8.453  1.00 33.95 ? 2027 HOH A O   1 
HETATM 1140 O  O   . HOH G 5 .   ? -1.781  13.258  -6.747  1.00 21.84 ? 2028 HOH A O   1 
HETATM 1141 O  O   . HOH G 5 .   ? -4.947  13.143  -6.201  1.00 26.88 ? 2029 HOH A O   1 
HETATM 1142 O  O   . HOH G 5 .   ? -0.176  15.940  1.017   1.00 24.79 ? 2030 HOH A O   1 
HETATM 1143 O  O   . HOH G 5 .   ? 1.746   13.134  -9.269  1.00 30.75 ? 2031 HOH A O   1 
HETATM 1144 O  O   . HOH G 5 .   ? -3.354  17.199  1.872   1.00 17.73 ? 2032 HOH A O   1 
HETATM 1145 O  O   . HOH G 5 .   ? 0.719   14.761  8.267   1.00 24.14 ? 2033 HOH A O   1 
HETATM 1146 O  O   . HOH G 5 .   ? -10.269 14.100  3.145   1.00 21.11 ? 2034 HOH A O   1 
HETATM 1147 O  O   . HOH G 5 .   ? -12.497 11.036  -2.976  1.00 31.62 ? 2035 HOH A O   1 
HETATM 1148 O  O   . HOH G 5 .   ? -13.696 11.797  4.043   1.00 21.79 ? 2036 HOH A O   1 
HETATM 1149 O  O   . HOH G 5 .   ? -16.098 9.832   3.207   1.00 41.60 ? 2037 HOH A O   1 
HETATM 1150 O  O   . HOH G 5 .   ? -14.042 1.932   -0.331  1.00 30.14 ? 2038 HOH A O   1 
HETATM 1151 O  O   . HOH G 5 .   ? -17.524 3.682   1.972   1.00 31.23 ? 2039 HOH A O   1 
HETATM 1152 O  O   . HOH G 5 .   ? -13.515 8.755   -4.674  1.00 37.99 ? 2040 HOH A O   1 
HETATM 1153 O  O   . HOH G 5 .   ? -12.145 -1.444  7.012   1.00 17.18 ? 2041 HOH A O   1 
HETATM 1154 O  O   . HOH G 5 .   ? -14.251 -0.600  8.828   1.00 33.97 ? 2042 HOH A O   1 
HETATM 1155 O  O   . HOH G 5 .   ? -17.933 -3.178  -0.110  1.00 44.04 ? 2043 HOH A O   1 
HETATM 1156 O  O   . HOH G 5 .   ? 3.185   2.092   3.931   1.00 36.62 ? 2044 HOH A O   1 
HETATM 1157 O  O   . HOH G 5 .   ? 6.500   13.094  4.695   1.00 13.89 ? 2045 HOH A O   1 
HETATM 1158 O  O   . HOH G 5 .   ? 1.412   7.276   8.773   1.00 20.95 ? 2046 HOH A O   1 
HETATM 1159 O  O   . HOH G 5 .   ? 8.691   8.432   12.201  1.00 34.09 ? 2047 HOH A O   1 
HETATM 1160 O  O   . HOH G 5 .   ? 6.040   13.141  12.480  1.00 33.76 ? 2048 HOH A O   1 
HETATM 1161 O  O   . HOH G 5 .   ? 3.447   14.016  7.391   1.00 25.39 ? 2049 HOH A O   1 
HETATM 1162 O  O   . HOH G 5 .   ? 4.847   15.690  8.991   0.33 17.92 ? 2050 HOH A O   1 
HETATM 1163 O  O   . HOH G 5 .   ? 2.595   2.838   18.706  1.00 35.05 ? 2051 HOH A O   1 
HETATM 1164 O  O   . HOH G 5 .   ? -10.854 6.172   8.528   1.00 23.49 ? 2052 HOH A O   1 
HETATM 1165 O  O   . HOH G 5 .   ? -7.356  -0.853  12.022  1.00 40.33 ? 2053 HOH A O   1 
HETATM 1166 O  O   . HOH G 5 .   ? -16.283 3.535   10.775  1.00 42.84 ? 2054 HOH A O   1 
HETATM 1167 O  O   . HOH G 5 .   ? -7.427  -3.330  10.691  1.00 26.77 ? 2055 HOH A O   1 
HETATM 1168 O  O   . HOH G 5 .   ? 7.496   -0.057  7.407   1.00 24.02 ? 2056 HOH A O   1 
HETATM 1169 O  O   . HOH G 5 .   ? 7.446   -5.494  -1.000  1.00 10.15 ? 2057 HOH A O   1 
HETATM 1170 O  O   . HOH G 5 .   ? 12.995  -3.534  -3.976  1.00 35.49 ? 2058 HOH A O   1 
HETATM 1171 O  O   . HOH G 5 .   ? 15.503  -2.200  -1.279  1.00 29.23 ? 2059 HOH A O   1 
HETATM 1172 O  O   . HOH G 5 .   ? 19.943  0.945   7.531   1.00 32.18 ? 2060 HOH A O   1 
HETATM 1173 O  O   . HOH G 5 .   ? 8.900   -4.665  8.915   0.50 23.04 ? 2061 HOH A O   1 
HETATM 1174 O  O   . HOH G 5 .   ? 9.171   -2.410  8.799   1.00 44.70 ? 2062 HOH A O   1 
HETATM 1175 O  O   . HOH G 5 .   ? 17.767  6.070   0.620   1.00 40.71 ? 2063 HOH A O   1 
HETATM 1176 O  O   . HOH G 5 .   ? 16.813  10.059  0.843   1.00 30.59 ? 2064 HOH A O   1 
HETATM 1177 O  O   . HOH G 5 .   ? 18.247  8.894   9.429   1.00 33.29 ? 2065 HOH A O   1 
HETATM 1178 O  O   . HOH G 5 .   ? 20.567  6.865   8.690   1.00 29.15 ? 2066 HOH A O   1 
HETATM 1179 O  O   . HOH G 5 .   ? 11.497  8.319   11.348  1.00 27.17 ? 2067 HOH A O   1 
HETATM 1180 O  O   . HOH G 5 .   ? 9.210   1.799   8.483   1.00 25.76 ? 2068 HOH A O   1 
HETATM 1181 O  O   . HOH G 5 .   ? 10.494  1.635   15.087  1.00 32.62 ? 2069 HOH A O   1 
HETATM 1182 O  O   . HOH G 5 .   ? 8.197   1.078   13.007  1.00 24.21 ? 2070 HOH A O   1 
HETATM 1183 O  O   . HOH G 5 .   ? 9.193   -0.117  11.127  1.00 31.57 ? 2071 HOH A O   1 
HETATM 1184 O  O   . HOH G 5 .   ? 7.436   -1.263  9.562   1.00 30.43 ? 2072 HOH A O   1 
HETATM 1185 O  O   . HOH G 5 .   ? -1.497  -9.084  13.280  1.00 24.10 ? 2073 HOH A O   1 
HETATM 1186 O  O   . HOH G 5 .   ? 7.765   -6.319  7.184   0.50 24.07 ? 2074 HOH A O   1 
HETATM 1187 O  O   . HOH G 5 .   ? 12.857  -7.797  -3.693  1.00 25.44 ? 2075 HOH A O   1 
HETATM 1188 O  O   . HOH G 5 .   ? 2.734   -13.768 -6.064  1.00 38.22 ? 2076 HOH A O   1 
HETATM 1189 O  O   . HOH G 5 .   ? -6.266  -10.961 8.606   1.00 39.60 ? 2077 HOH A O   1 
HETATM 1190 O  O   . HOH G 5 .   ? -5.126  22.521  -1.754  1.00 38.93 ? 2078 HOH A O   1 
HETATM 1191 O  O   . HOH G 5 .   ? -6.942  22.588  -0.062  1.00 34.70 ? 2079 HOH A O   1 
HETATM 1192 O  O   . HOH G 5 .   ? -15.670 -0.307  -4.615  1.00 43.25 ? 2080 HOH A O   1 
HETATM 1193 O  O   . HOH G 5 .   ? 10.805  8.514   -6.231  1.00 37.86 ? 2081 HOH A O   1 
# 
loop_
_pdbx_poly_seq_scheme.asym_id 
_pdbx_poly_seq_scheme.entity_id 
_pdbx_poly_seq_scheme.seq_id 
_pdbx_poly_seq_scheme.mon_id 
_pdbx_poly_seq_scheme.ndb_seq_num 
_pdbx_poly_seq_scheme.pdb_seq_num 
_pdbx_poly_seq_scheme.auth_seq_num 
_pdbx_poly_seq_scheme.pdb_mon_id 
_pdbx_poly_seq_scheme.auth_mon_id 
_pdbx_poly_seq_scheme.pdb_strand_id 
_pdbx_poly_seq_scheme.pdb_ins_code 
_pdbx_poly_seq_scheme.hetero 
A 1 1   SER 1   1   ?   ?   ?   A . n 
A 1 2   GLU 2   2   ?   ?   ?   A . n 
A 1 3   LEU 3   3   3   LEU LEU A . n 
A 1 4   ILE 4   4   4   ILE ILE A . n 
A 1 5   VAL 5   5   5   VAL VAL A . n 
A 1 6   ASN 6   6   6   ASN ASN A . n 
A 1 7   VAL 7   7   7   VAL VAL A . n 
A 1 8   ILE 8   8   8   ILE ILE A . n 
A 1 9   ASN 9   9   9   ASN ASN A . n 
A 1 10  GLY 10  10  10  GLY GLY A . n 
A 1 11  PRO 11  11  11  PRO PRO A . n 
A 1 12  ASN 12  12  12  ASN ASN A . n 
A 1 13  LEU 13  13  13  LEU LEU A . n 
A 1 14  GLY 14  14  14  GLY GLY A . n 
A 1 15  ARG 15  15  15  ARG ARG A . n 
A 1 16  LEU 16  16  16  LEU LEU A . n 
A 1 17  GLY 17  17  17  GLY GLY A . n 
A 1 18  ARG 18  18  18  ARG ARG A . n 
A 1 19  ARG 19  19  19  ARG ARG A . n 
A 1 20  GLU 20  20  20  GLU GLU A . n 
A 1 21  PRO 21  21  21  PRO PRO A . n 
A 1 22  ALA 22  22  22  ALA ALA A . n 
A 1 23  VAL 23  23  23  VAL VAL A . n 
A 1 24  TYR 24  24  24  TYR TYR A . n 
A 1 25  GLY 25  25  25  GLY GLY A . n 
A 1 26  GLY 26  26  26  GLY GLY A . n 
A 1 27  THR 27  27  27  THR THR A . n 
A 1 28  THR 28  28  28  THR THR A . n 
A 1 29  HIS 29  29  29  HIS HIS A . n 
A 1 30  ASP 30  30  30  ASP ASP A . n 
A 1 31  GLU 31  31  31  GLU GLU A . n 
A 1 32  LEU 32  32  32  LEU LEU A . n 
A 1 33  VAL 33  33  33  VAL VAL A . n 
A 1 34  ALA 34  34  34  ALA ALA A . n 
A 1 35  LEU 35  35  35  LEU LEU A . n 
A 1 36  ILE 36  36  36  ILE ILE A . n 
A 1 37  GLU 37  37  37  GLU GLU A . n 
A 1 38  ARG 38  38  38  ARG ARG A . n 
A 1 39  GLU 39  39  39  GLU GLU A . n 
A 1 40  ALA 40  40  40  ALA ALA A . n 
A 1 41  ALA 41  41  41  ALA ALA A . n 
A 1 42  GLU 42  42  42  GLU GLU A . n 
A 1 43  LEU 43  43  43  LEU LEU A . n 
A 1 44  GLY 44  44  44  GLY GLY A . n 
A 1 45  LEU 45  45  45  LEU LEU A . n 
A 1 46  LYS 46  46  46  LYS LYS A . n 
A 1 47  ALA 47  47  47  ALA ALA A . n 
A 1 48  VAL 48  48  48  VAL VAL A . n 
A 1 49  VAL 49  49  49  VAL VAL A . n 
A 1 50  ARG 50  50  50  ARG ARG A . n 
A 1 51  GLN 51  51  51  GLN GLN A . n 
A 1 52  SER 52  52  52  SER SER A . n 
A 1 53  ASP 53  53  53  ASP ASP A . n 
A 1 54  SER 54  54  54  SER SER A . n 
A 1 55  GLU 55  55  55  GLU GLU A . n 
A 1 56  ALA 56  56  56  ALA ALA A . n 
A 1 57  GLN 57  57  57  GLN GLN A . n 
A 1 58  LEU 58  58  58  LEU LEU A . n 
A 1 59  LEU 59  59  59  LEU LEU A . n 
A 1 60  ASP 60  60  60  ASP ASP A . n 
A 1 61  TRP 61  61  61  TRP TRP A . n 
A 1 62  ILE 62  62  62  ILE ILE A . n 
A 1 63  HIS 63  63  63  HIS HIS A . n 
A 1 64  GLN 64  64  64  GLN GLN A . n 
A 1 65  ALA 65  65  65  ALA ALA A . n 
A 1 66  ALA 66  66  66  ALA ALA A . n 
A 1 67  ASP 67  67  67  ASP ASP A . n 
A 1 68  ALA 68  68  68  ALA ALA A . n 
A 1 69  ALA 69  69  69  ALA ALA A . n 
A 1 70  GLU 70  70  70  GLU GLU A . n 
A 1 71  PRO 71  71  71  PRO PRO A . n 
A 1 72  VAL 72  72  72  VAL VAL A . n 
A 1 73  ILE 73  73  73  ILE ILE A . n 
A 1 74  LEU 74  74  74  LEU LEU A . n 
A 1 75  ASN 75  75  75  ASN ASN A . n 
A 1 76  ALA 76  76  76  ALA ALA A . n 
A 1 77  GLY 77  77  77  GLY GLY A . n 
A 1 78  GLY 78  78  78  GLY GLY A . n 
A 1 79  LEU 79  79  79  LEU LEU A . n 
A 1 80  THR 80  80  80  THR THR A . n 
A 1 81  HIS 81  81  81  HIS HIS A . n 
A 1 82  THR 82  82  82  THR THR A . n 
A 1 83  SER 83  83  83  SER SER A . n 
A 1 84  VAL 84  84  84  VAL VAL A . n 
A 1 85  ALA 85  85  85  ALA ALA A . n 
A 1 86  LEU 86  86  86  LEU LEU A . n 
A 1 87  ARG 87  87  87  ARG ARG A . n 
A 1 88  ASP 88  88  88  ASP ASP A . n 
A 1 89  ALA 89  89  89  ALA ALA A . n 
A 1 90  CYS 90  90  90  CYS CYS A . n 
A 1 91  ALA 91  91  91  ALA ALA A . n 
A 1 92  GLU 92  92  92  GLU GLU A . n 
A 1 93  LEU 93  93  93  LEU LEU A . n 
A 1 94  SER 94  94  94  SER SER A . n 
A 1 95  ALA 95  95  95  ALA ALA A . n 
A 1 96  PRO 96  96  96  PRO PRO A . n 
A 1 97  LEU 97  97  97  LEU LEU A . n 
A 1 98  ILE 98  98  98  ILE ILE A . n 
A 1 99  GLU 99  99  99  GLU GLU A . n 
A 1 100 VAL 100 100 100 VAL VAL A . n 
A 1 101 HIS 101 101 101 HIS HIS A . n 
A 1 102 ILE 102 102 102 ILE ILE A . n 
A 1 103 SER 103 103 103 SER SER A . n 
A 1 104 ASN 104 104 104 ASN ASN A . n 
A 1 105 VAL 105 105 105 VAL VAL A . n 
A 1 106 HIS 106 106 106 HIS HIS A . n 
A 1 107 ALA 107 107 107 ALA ALA A . n 
A 1 108 ARG 108 108 108 ARG ARG A . n 
A 1 109 GLU 109 109 109 GLU GLU A . n 
A 1 110 GLU 110 110 110 GLU GLU A . n 
A 1 111 PHE 111 111 111 PHE PHE A . n 
A 1 112 ARG 112 112 112 ARG ARG A . n 
A 1 113 ARG 113 113 113 ARG ARG A . n 
A 1 114 HIS 114 114 114 HIS HIS A . n 
A 1 115 SER 115 115 115 SER SER A . n 
A 1 116 TYR 116 116 116 TYR TYR A . n 
A 1 117 LEU 117 117 117 LEU LEU A . n 
A 1 118 SER 118 118 118 SER SER A . n 
A 1 119 PRO 119 119 119 PRO PRO A . n 
A 1 120 ILE 120 120 120 ILE ILE A . n 
A 1 121 ALA 121 121 121 ALA ALA A . n 
A 1 122 THR 122 122 122 THR THR A . n 
A 1 123 GLY 123 123 123 GLY GLY A . n 
A 1 124 VAL 124 124 124 VAL VAL A . n 
A 1 125 ILE 125 125 125 ILE ILE A . n 
A 1 126 VAL 126 126 126 VAL VAL A . n 
A 1 127 GLY 127 127 127 GLY GLY A . n 
A 1 128 LEU 128 128 128 LEU LEU A . n 
A 1 129 GLY 129 129 129 GLY GLY A . n 
A 1 130 ILE 130 130 130 ILE ILE A . n 
A 1 131 GLN 131 131 131 GLN GLN A . n 
A 1 132 GLY 132 132 132 GLY GLY A . n 
A 1 133 TYR 133 133 133 TYR TYR A . n 
A 1 134 LEU 134 134 134 LEU LEU A . n 
A 1 135 LEU 135 135 135 LEU LEU A . n 
A 1 136 ALA 136 136 136 ALA ALA A . n 
A 1 137 LEU 137 137 137 LEU LEU A . n 
A 1 138 ARG 138 138 138 ARG ARG A . n 
A 1 139 TYR 139 139 139 TYR TYR A . n 
A 1 140 LEU 140 140 140 LEU LEU A . n 
A 1 141 ALA 141 141 141 ALA ALA A . n 
A 1 142 GLU 142 142 142 GLU GLU A . n 
A 1 143 HIS 143 143 143 HIS HIS A . n 
A 1 144 VAL 144 144 ?   ?   ?   A . n 
A 1 145 GLY 145 145 ?   ?   ?   A . n 
A 1 146 THR 146 146 ?   ?   ?   A . n 
# 
loop_
_pdbx_nonpoly_scheme.asym_id 
_pdbx_nonpoly_scheme.entity_id 
_pdbx_nonpoly_scheme.mon_id 
_pdbx_nonpoly_scheme.ndb_seq_num 
_pdbx_nonpoly_scheme.pdb_seq_num 
_pdbx_nonpoly_scheme.auth_seq_num 
_pdbx_nonpoly_scheme.pdb_mon_id 
_pdbx_nonpoly_scheme.auth_mon_id 
_pdbx_nonpoly_scheme.pdb_strand_id 
_pdbx_nonpoly_scheme.pdb_ins_code 
B 2 SO4 1  1144 1144 SO4 SO4 A . 
C 3 NA  1  1145 1145 NA  NA  A . 
D 3 NA  1  1146 1146 NA  NA  A . 
E 3 NA  1  1147 1147 NA  NA  A . 
F 4 XH2 1  1148 1148 XH2 XH2 A . 
G 5 HOH 1  2001 2001 HOH HOH A . 
G 5 HOH 2  2002 2002 HOH HOH A . 
G 5 HOH 3  2003 2003 HOH HOH A . 
G 5 HOH 4  2004 2004 HOH HOH A . 
G 5 HOH 5  2005 2005 HOH HOH A . 
G 5 HOH 6  2006 2006 HOH HOH A . 
G 5 HOH 7  2007 2007 HOH HOH A . 
G 5 HOH 8  2008 2008 HOH HOH A . 
G 5 HOH 9  2009 2009 HOH HOH A . 
G 5 HOH 10 2010 2010 HOH HOH A . 
G 5 HOH 11 2011 2011 HOH HOH A . 
G 5 HOH 12 2012 2012 HOH HOH A . 
G 5 HOH 13 2013 2013 HOH HOH A . 
G 5 HOH 14 2014 2014 HOH HOH A . 
G 5 HOH 15 2015 2015 HOH HOH A . 
G 5 HOH 16 2016 2016 HOH HOH A . 
G 5 HOH 17 2017 2017 HOH HOH A . 
G 5 HOH 18 2018 2018 HOH HOH A . 
G 5 HOH 19 2019 2019 HOH HOH A . 
G 5 HOH 20 2020 2020 HOH HOH A . 
G 5 HOH 21 2021 2021 HOH HOH A . 
G 5 HOH 22 2022 2022 HOH HOH A . 
G 5 HOH 23 2023 2023 HOH HOH A . 
G 5 HOH 24 2024 2024 HOH HOH A . 
G 5 HOH 25 2025 2025 HOH HOH A . 
G 5 HOH 26 2026 2026 HOH HOH A . 
G 5 HOH 27 2027 2027 HOH HOH A . 
G 5 HOH 28 2028 2028 HOH HOH A . 
G 5 HOH 29 2029 2029 HOH HOH A . 
G 5 HOH 30 2030 2030 HOH HOH A . 
G 5 HOH 31 2031 2031 HOH HOH A . 
G 5 HOH 32 2032 2032 HOH HOH A . 
G 5 HOH 33 2033 2033 HOH HOH A . 
G 5 HOH 34 2034 2034 HOH HOH A . 
G 5 HOH 35 2035 2035 HOH HOH A . 
G 5 HOH 36 2036 2036 HOH HOH A . 
G 5 HOH 37 2037 2037 HOH HOH A . 
G 5 HOH 38 2038 2038 HOH HOH A . 
G 5 HOH 39 2039 2039 HOH HOH A . 
G 5 HOH 40 2040 2040 HOH HOH A . 
G 5 HOH 41 2041 2041 HOH HOH A . 
G 5 HOH 42 2042 2042 HOH HOH A . 
G 5 HOH 43 2043 2043 HOH HOH A . 
G 5 HOH 44 2044 2044 HOH HOH A . 
G 5 HOH 45 2045 2045 HOH HOH A . 
G 5 HOH 46 2046 2046 HOH HOH A . 
G 5 HOH 47 2047 2047 HOH HOH A . 
G 5 HOH 48 2048 2048 HOH HOH A . 
G 5 HOH 49 2049 2049 HOH HOH A . 
G 5 HOH 50 2050 2050 HOH HOH A . 
G 5 HOH 51 2051 2051 HOH HOH A . 
G 5 HOH 52 2052 2052 HOH HOH A . 
G 5 HOH 53 2053 2053 HOH HOH A . 
G 5 HOH 54 2054 2054 HOH HOH A . 
G 5 HOH 55 2055 2055 HOH HOH A . 
G 5 HOH 56 2056 2056 HOH HOH A . 
G 5 HOH 57 2057 2057 HOH HOH A . 
G 5 HOH 58 2058 2058 HOH HOH A . 
G 5 HOH 59 2059 2059 HOH HOH A . 
G 5 HOH 60 2060 2060 HOH HOH A . 
G 5 HOH 61 2061 2061 HOH HOH A . 
G 5 HOH 62 2062 2062 HOH HOH A . 
G 5 HOH 63 2063 2063 HOH HOH A . 
G 5 HOH 64 2064 2064 HOH HOH A . 
G 5 HOH 65 2065 2065 HOH HOH A . 
G 5 HOH 66 2066 2066 HOH HOH A . 
G 5 HOH 67 2067 2067 HOH HOH A . 
G 5 HOH 68 2068 2068 HOH HOH A . 
G 5 HOH 69 2069 2069 HOH HOH A . 
G 5 HOH 70 2070 2070 HOH HOH A . 
G 5 HOH 71 2071 2071 HOH HOH A . 
G 5 HOH 72 2072 2072 HOH HOH A . 
G 5 HOH 73 2073 2073 HOH HOH A . 
G 5 HOH 74 2074 2074 HOH HOH A . 
G 5 HOH 75 2075 2075 HOH HOH A . 
G 5 HOH 76 2076 2076 HOH HOH A . 
G 5 HOH 77 2077 2077 HOH HOH A . 
G 5 HOH 78 2078 2078 HOH HOH A . 
G 5 HOH 79 2079 2079 HOH HOH A . 
G 5 HOH 80 2080 2080 HOH HOH A . 
G 5 HOH 81 2081 2081 HOH HOH A . 
# 
_pdbx_struct_assembly.id                   1 
_pdbx_struct_assembly.details              author_and_software_defined_assembly 
_pdbx_struct_assembly.method_details       PQS 
_pdbx_struct_assembly.oligomeric_details   dodecameric 
_pdbx_struct_assembly.oligomeric_count     12 
# 
_pdbx_struct_assembly_gen.assembly_id       1 
_pdbx_struct_assembly_gen.oper_expression   1,2,3,4,5,6,7,8,9,10,11,12 
_pdbx_struct_assembly_gen.asym_id_list      A,B,C,D,E,F,G 
# 
loop_
_pdbx_struct_assembly_prop.biol_id 
_pdbx_struct_assembly_prop.type 
_pdbx_struct_assembly_prop.value 
_pdbx_struct_assembly_prop.details 
1 'ABSA (A^2)' 30740 ? 
1 MORE         -89.1 ? 
1 'SSA (A^2)'  68480 ? 
# 
loop_
_pdbx_struct_oper_list.id 
_pdbx_struct_oper_list.type 
_pdbx_struct_oper_list.name 
_pdbx_struct_oper_list.symmetry_operation 
_pdbx_struct_oper_list.matrix[1][1] 
_pdbx_struct_oper_list.matrix[1][2] 
_pdbx_struct_oper_list.matrix[1][3] 
_pdbx_struct_oper_list.vector[1] 
_pdbx_struct_oper_list.matrix[2][1] 
_pdbx_struct_oper_list.matrix[2][2] 
_pdbx_struct_oper_list.matrix[2][3] 
_pdbx_struct_oper_list.vector[2] 
_pdbx_struct_oper_list.matrix[3][1] 
_pdbx_struct_oper_list.matrix[3][2] 
_pdbx_struct_oper_list.matrix[3][3] 
_pdbx_struct_oper_list.vector[3] 
1  'identity operation'         1_555  x,y,z   1.0000000000  0.0000000000  0.0000000000  0.0000000000  0.0000000000  1.0000000000  0.0000000000  0.0000000000   0.0000000000  0.0000000000  1.0000000000  0.0000000000  
2  'crystal symmetry operation' 10_555 -y,z,-x -0.2970969893 0.6486855473  -0.7006714206 35.0846611763 -0.9091874253 -0.4163871100 0.0000179063  31.3669883511  -0.2917389324 0.6370469648  0.7134840993  6.1128013959  
3  'crystal symmetry operation' 6_555  z,-x,-y 0.6156460476  0.7530777456  0.2320643299  -5.8594406065 0.5015180566  -0.1472871861 -0.8525175210 22.6126265980  -0.6078318706 0.6412334941  -0.4683588615 40.7049072688 
4  'crystal symmetry operation' 2_555  -x,-y,z -0.6330137445 0.5349494789  0.5595736362  12.0406171263 0.5349494789  -0.2202134530 0.8156807526  -17.7250304733 0.5595736362  0.8156807526  -0.1467728025 9.0484156062  
5  'crystal symmetry operation' 5_555  z,x,y   0.1430032186  0.3527920889  0.9247095876  -9.6951937467 -0.8733053556 -0.3946606903 0.2856233455  23.5479505204  0.4657121809  -0.8483988929 0.2516574717  17.7824475829 
6  'crystal symmetry operation' 3_555  -x,y,-z -0.9352976036 0.2336247042  -0.2657778965 40.7806364101 0.2336247042  -0.1564376984 -0.9596597022 30.3769919446  -0.2657778965 -0.9596597022 0.0917353020  36.6299108722 
7  'crystal symmetry operation' 12_555 -y,-z,x 0.6156460476  0.5015180566  -0.6078318706 17.0084408333 0.7530777456  -0.1472871861 0.6412334941  -18.3581854493 0.2320643299  -0.8525175210 -0.4683588615 39.7019315535 
8  'crystal symmetry operation' 4_555  x,-y,-z 0.5683113481  -0.7685741831 -0.2937957396 22.9732021976 -0.7685741831 -0.6233488486 0.1439789496  27.2794407041  -0.2937957396 0.1439789496  -0.9449624995 51.2698375840 
9  'crystal symmetry operation' 9_555  y,z,x   0.1430032186  -0.8733053556 0.4657121809  13.6694927680 0.3527920889  -0.3946606903 -0.8483988929 27.8004469046  0.9247095876  0.2856233455  0.2516574717  -2.2356915940 
10 'crystal symmetry operation' 7_555  -z,-x,y -0.2970969893 -0.9091874253 -0.2917389324 40.7253607372 0.6486855473  -0.4163871100 0.6370469648  -13.5922445826 -0.7006714206 0.0000179063  0.7134840993  20.2208711239 
11 'crystal symmetry operation' 11_555 y,-z,-x -0.4615522769 -0.2768982484 0.8427911104  10.0318609565 -0.1966824092 0.9583349864  0.2071474926  -0.8778476310  -0.8650349852 -0.0701527892 -0.4967827096 53.3691227070 
12 'crystal symmetry operation' 8_555  -z,x,-y -0.4615522769 -0.1966824092 -0.8650349852 50.6237293500 -0.2768982484 0.9583349864  -0.0701527892 7.3630696396   0.8427911104  0.2071474926  -0.4967827096 18.2399380867 
# 
loop_
_pdbx_struct_special_symmetry.id 
_pdbx_struct_special_symmetry.PDB_model_num 
_pdbx_struct_special_symmetry.auth_asym_id 
_pdbx_struct_special_symmetry.auth_comp_id 
_pdbx_struct_special_symmetry.auth_seq_id 
_pdbx_struct_special_symmetry.PDB_ins_code 
_pdbx_struct_special_symmetry.label_asym_id 
_pdbx_struct_special_symmetry.label_comp_id 
_pdbx_struct_special_symmetry.label_seq_id 
1 1 A SO4 1144 ? B SO4 . 
2 1 A HOH 2011 ? G HOH . 
3 1 A HOH 2050 ? G HOH . 
4 1 A HOH 2061 ? G HOH . 
5 1 A HOH 2074 ? G HOH . 
# 
loop_
_pdbx_struct_conn_angle.id 
_pdbx_struct_conn_angle.ptnr1_label_atom_id 
_pdbx_struct_conn_angle.ptnr1_label_alt_id 
_pdbx_struct_conn_angle.ptnr1_label_asym_id 
_pdbx_struct_conn_angle.ptnr1_label_comp_id 
_pdbx_struct_conn_angle.ptnr1_label_seq_id 
_pdbx_struct_conn_angle.ptnr1_auth_atom_id 
_pdbx_struct_conn_angle.ptnr1_auth_asym_id 
_pdbx_struct_conn_angle.ptnr1_auth_comp_id 
_pdbx_struct_conn_angle.ptnr1_auth_seq_id 
_pdbx_struct_conn_angle.ptnr1_PDB_ins_code 
_pdbx_struct_conn_angle.ptnr1_symmetry 
_pdbx_struct_conn_angle.ptnr2_label_atom_id 
_pdbx_struct_conn_angle.ptnr2_label_alt_id 
_pdbx_struct_conn_angle.ptnr2_label_asym_id 
_pdbx_struct_conn_angle.ptnr2_label_comp_id 
_pdbx_struct_conn_angle.ptnr2_label_seq_id 
_pdbx_struct_conn_angle.ptnr2_auth_atom_id 
_pdbx_struct_conn_angle.ptnr2_auth_asym_id 
_pdbx_struct_conn_angle.ptnr2_auth_comp_id 
_pdbx_struct_conn_angle.ptnr2_auth_seq_id 
_pdbx_struct_conn_angle.ptnr2_PDB_ins_code 
_pdbx_struct_conn_angle.ptnr2_symmetry 
_pdbx_struct_conn_angle.ptnr3_label_atom_id 
_pdbx_struct_conn_angle.ptnr3_label_alt_id 
_pdbx_struct_conn_angle.ptnr3_label_asym_id 
_pdbx_struct_conn_angle.ptnr3_label_comp_id 
_pdbx_struct_conn_angle.ptnr3_label_seq_id 
_pdbx_struct_conn_angle.ptnr3_auth_atom_id 
_pdbx_struct_conn_angle.ptnr3_auth_asym_id 
_pdbx_struct_conn_angle.ptnr3_auth_comp_id 
_pdbx_struct_conn_angle.ptnr3_auth_seq_id 
_pdbx_struct_conn_angle.ptnr3_PDB_ins_code 
_pdbx_struct_conn_angle.ptnr3_symmetry 
_pdbx_struct_conn_angle.value 
_pdbx_struct_conn_angle.value_esd 
1  OD1 ? A ASN 6  ? A ASN 6    ? 1_555 NA ? C NA . ? A NA 1145 ? 1_555 OE1 ? A GLU 70 ? A GLU 70   ? 1_555 81.1  ? 
2  OD1 ? A ASN 6  ? A ASN 6    ? 1_555 NA ? C NA . ? A NA 1145 ? 1_555 O   ? G HOH .  ? A HOH 2024 ? 1_555 95.8  ? 
3  OE1 ? A GLU 70 ? A GLU 70   ? 1_555 NA ? C NA . ? A NA 1145 ? 1_555 O   ? G HOH .  ? A HOH 2024 ? 1_555 121.4 ? 
4  OD1 ? A ASN 6  ? A ASN 6    ? 1_555 NA ? C NA . ? A NA 1145 ? 1_555 O   ? G HOH .  ? A HOH 2038 ? 1_555 84.2  ? 
5  OE1 ? A GLU 70 ? A GLU 70   ? 1_555 NA ? C NA . ? A NA 1145 ? 1_555 O   ? G HOH .  ? A HOH 2038 ? 1_555 54.1  ? 
6  O   ? G HOH .  ? A HOH 2024 ? 1_555 NA ? C NA . ? A NA 1145 ? 1_555 O   ? G HOH .  ? A HOH 2038 ? 1_555 67.3  ? 
7  OD1 ? A ASN 6  ? A ASN 6    ? 1_555 NA ? C NA . ? A NA 1145 ? 1_555 O   ? G HOH .  ? A HOH 2080 ? 1_555 151.4 ? 
8  OE1 ? A GLU 70 ? A GLU 70   ? 1_555 NA ? C NA . ? A NA 1145 ? 1_555 O   ? G HOH .  ? A HOH 2080 ? 1_555 112.1 ? 
9  O   ? G HOH .  ? A HOH 2024 ? 1_555 NA ? C NA . ? A NA 1145 ? 1_555 O   ? G HOH .  ? A HOH 2080 ? 1_555 98.0  ? 
10 O   ? G HOH .  ? A HOH 2038 ? 1_555 NA ? C NA . ? A NA 1145 ? 1_555 O   ? G HOH .  ? A HOH 2080 ? 1_555 124.4 ? 
# 
loop_
_pdbx_audit_revision_history.ordinal 
_pdbx_audit_revision_history.data_content_type 
_pdbx_audit_revision_history.major_revision 
_pdbx_audit_revision_history.minor_revision 
_pdbx_audit_revision_history.revision_date 
1 'Structure model' 1 0 2014-04-16 
2 'Structure model' 1 1 2014-05-07 
3 'Structure model' 1 2 2018-01-24 
4 'Structure model' 1 3 2023-12-20 
# 
_pdbx_audit_revision_details.ordinal             1 
_pdbx_audit_revision_details.revision_ordinal    1 
_pdbx_audit_revision_details.data_content_type   'Structure model' 
_pdbx_audit_revision_details.provider            repository 
_pdbx_audit_revision_details.type                'Initial release' 
_pdbx_audit_revision_details.description         ? 
_pdbx_audit_revision_details.details             ? 
# 
loop_
_pdbx_audit_revision_group.ordinal 
_pdbx_audit_revision_group.revision_ordinal 
_pdbx_audit_revision_group.data_content_type 
_pdbx_audit_revision_group.group 
1 2 'Structure model' 'Database references'    
2 3 'Structure model' 'Database references'    
3 4 'Structure model' 'Data collection'        
4 4 'Structure model' 'Database references'    
5 4 'Structure model' 'Derived calculations'   
6 4 'Structure model' Other                    
7 4 'Structure model' 'Refinement description' 
# 
loop_
_pdbx_audit_revision_category.ordinal 
_pdbx_audit_revision_category.revision_ordinal 
_pdbx_audit_revision_category.data_content_type 
_pdbx_audit_revision_category.category 
1  3 'Structure model' citation                      
2  3 'Structure model' citation_author               
3  4 'Structure model' chem_comp_atom                
4  4 'Structure model' chem_comp_bond                
5  4 'Structure model' database_2                    
6  4 'Structure model' pdbx_database_status          
7  4 'Structure model' pdbx_initial_refinement_model 
8  4 'Structure model' pdbx_struct_conn_angle        
9  4 'Structure model' struct_conn                   
10 4 'Structure model' struct_site                   
# 
loop_
_pdbx_audit_revision_item.ordinal 
_pdbx_audit_revision_item.revision_ordinal 
_pdbx_audit_revision_item.data_content_type 
_pdbx_audit_revision_item.item 
1  3 'Structure model' '_citation.journal_abbrev'                    
2  3 'Structure model' '_citation.journal_id_ISSN'                   
3  3 'Structure model' '_citation.page_last'                         
4  3 'Structure model' '_citation.pdbx_database_id_DOI'              
5  3 'Structure model' '_citation.title'                             
6  3 'Structure model' '_citation_author.name'                       
7  4 'Structure model' '_database_2.pdbx_DOI'                        
8  4 'Structure model' '_database_2.pdbx_database_accession'         
9  4 'Structure model' '_pdbx_database_status.status_code_sf'        
10 4 'Structure model' '_pdbx_struct_conn_angle.ptnr1_auth_comp_id'  
11 4 'Structure model' '_pdbx_struct_conn_angle.ptnr1_auth_seq_id'   
12 4 'Structure model' '_pdbx_struct_conn_angle.ptnr1_label_atom_id' 
13 4 'Structure model' '_pdbx_struct_conn_angle.ptnr1_label_comp_id' 
14 4 'Structure model' '_pdbx_struct_conn_angle.ptnr1_label_seq_id'  
15 4 'Structure model' '_pdbx_struct_conn_angle.ptnr3_auth_comp_id'  
16 4 'Structure model' '_pdbx_struct_conn_angle.ptnr3_auth_seq_id'   
17 4 'Structure model' '_pdbx_struct_conn_angle.ptnr3_label_atom_id' 
18 4 'Structure model' '_pdbx_struct_conn_angle.ptnr3_label_comp_id' 
19 4 'Structure model' '_pdbx_struct_conn_angle.ptnr3_label_seq_id'  
20 4 'Structure model' '_pdbx_struct_conn_angle.value'               
21 4 'Structure model' '_struct_conn.pdbx_dist_value'                
22 4 'Structure model' '_struct_conn.ptnr1_auth_comp_id'             
23 4 'Structure model' '_struct_conn.ptnr1_auth_seq_id'              
24 4 'Structure model' '_struct_conn.ptnr1_label_asym_id'            
25 4 'Structure model' '_struct_conn.ptnr1_label_atom_id'            
26 4 'Structure model' '_struct_conn.ptnr1_label_comp_id'            
27 4 'Structure model' '_struct_conn.ptnr1_label_seq_id'             
28 4 'Structure model' '_struct_conn.ptnr2_auth_comp_id'             
29 4 'Structure model' '_struct_conn.ptnr2_auth_seq_id'              
30 4 'Structure model' '_struct_conn.ptnr2_label_asym_id'            
31 4 'Structure model' '_struct_conn.ptnr2_label_atom_id'            
32 4 'Structure model' '_struct_conn.ptnr2_label_comp_id'            
33 4 'Structure model' '_struct_conn.ptnr2_label_seq_id'             
34 4 'Structure model' '_struct_site.pdbx_auth_asym_id'              
35 4 'Structure model' '_struct_site.pdbx_auth_comp_id'              
36 4 'Structure model' '_struct_site.pdbx_auth_seq_id'               
# 
loop_
_software.name 
_software.classification 
_software.version 
_software.citation_id 
_software.pdbx_ordinal 
REFMAC refinement       5.7.0029 ? 1 
XDS    'data reduction' .        ? 2 
SCALE  'data scaling'   .        ? 3 
MOLREP phasing          .        ? 4 
# 
loop_
_pdbx_validate_torsion.id 
_pdbx_validate_torsion.PDB_model_num 
_pdbx_validate_torsion.auth_comp_id 
_pdbx_validate_torsion.auth_asym_id 
_pdbx_validate_torsion.auth_seq_id 
_pdbx_validate_torsion.PDB_ins_code 
_pdbx_validate_torsion.label_alt_id 
_pdbx_validate_torsion.phi 
_pdbx_validate_torsion.psi 
1 1 ASN A 12  ? ? 77.41   -4.33   
2 1 ARG A 108 ? ? -120.03 -149.68 
# 
loop_
_pdbx_unobs_or_zero_occ_residues.id 
_pdbx_unobs_or_zero_occ_residues.PDB_model_num 
_pdbx_unobs_or_zero_occ_residues.polymer_flag 
_pdbx_unobs_or_zero_occ_residues.occupancy_flag 
_pdbx_unobs_or_zero_occ_residues.auth_asym_id 
_pdbx_unobs_or_zero_occ_residues.auth_comp_id 
_pdbx_unobs_or_zero_occ_residues.auth_seq_id 
_pdbx_unobs_or_zero_occ_residues.PDB_ins_code 
_pdbx_unobs_or_zero_occ_residues.label_asym_id 
_pdbx_unobs_or_zero_occ_residues.label_comp_id 
_pdbx_unobs_or_zero_occ_residues.label_seq_id 
1 1 Y 1 A SER 1   ? A SER 1   
2 1 Y 1 A GLU 2   ? A GLU 2   
3 1 Y 1 A VAL 144 ? A VAL 144 
4 1 Y 1 A GLY 145 ? A GLY 145 
5 1 Y 1 A THR 146 ? A THR 146 
# 
loop_
_chem_comp_atom.comp_id 
_chem_comp_atom.atom_id 
_chem_comp_atom.type_symbol 
_chem_comp_atom.pdbx_aromatic_flag 
_chem_comp_atom.pdbx_stereo_config 
_chem_comp_atom.pdbx_ordinal 
ALA N    N  N N 1   
ALA CA   C  N S 2   
ALA C    C  N N 3   
ALA O    O  N N 4   
ALA CB   C  N N 5   
ALA OXT  O  N N 6   
ALA H    H  N N 7   
ALA H2   H  N N 8   
ALA HA   H  N N 9   
ALA HB1  H  N N 10  
ALA HB2  H  N N 11  
ALA HB3  H  N N 12  
ALA HXT  H  N N 13  
ARG N    N  N N 14  
ARG CA   C  N S 15  
ARG C    C  N N 16  
ARG O    O  N N 17  
ARG CB   C  N N 18  
ARG CG   C  N N 19  
ARG CD   C  N N 20  
ARG NE   N  N N 21  
ARG CZ   C  N N 22  
ARG NH1  N  N N 23  
ARG NH2  N  N N 24  
ARG OXT  O  N N 25  
ARG H    H  N N 26  
ARG H2   H  N N 27  
ARG HA   H  N N 28  
ARG HB2  H  N N 29  
ARG HB3  H  N N 30  
ARG HG2  H  N N 31  
ARG HG3  H  N N 32  
ARG HD2  H  N N 33  
ARG HD3  H  N N 34  
ARG HE   H  N N 35  
ARG HH11 H  N N 36  
ARG HH12 H  N N 37  
ARG HH21 H  N N 38  
ARG HH22 H  N N 39  
ARG HXT  H  N N 40  
ASN N    N  N N 41  
ASN CA   C  N S 42  
ASN C    C  N N 43  
ASN O    O  N N 44  
ASN CB   C  N N 45  
ASN CG   C  N N 46  
ASN OD1  O  N N 47  
ASN ND2  N  N N 48  
ASN OXT  O  N N 49  
ASN H    H  N N 50  
ASN H2   H  N N 51  
ASN HA   H  N N 52  
ASN HB2  H  N N 53  
ASN HB3  H  N N 54  
ASN HD21 H  N N 55  
ASN HD22 H  N N 56  
ASN HXT  H  N N 57  
ASP N    N  N N 58  
ASP CA   C  N S 59  
ASP C    C  N N 60  
ASP O    O  N N 61  
ASP CB   C  N N 62  
ASP CG   C  N N 63  
ASP OD1  O  N N 64  
ASP OD2  O  N N 65  
ASP OXT  O  N N 66  
ASP H    H  N N 67  
ASP H2   H  N N 68  
ASP HA   H  N N 69  
ASP HB2  H  N N 70  
ASP HB3  H  N N 71  
ASP HD2  H  N N 72  
ASP HXT  H  N N 73  
CYS N    N  N N 74  
CYS CA   C  N R 75  
CYS C    C  N N 76  
CYS O    O  N N 77  
CYS CB   C  N N 78  
CYS SG   S  N N 79  
CYS OXT  O  N N 80  
CYS H    H  N N 81  
CYS H2   H  N N 82  
CYS HA   H  N N 83  
CYS HB2  H  N N 84  
CYS HB3  H  N N 85  
CYS HG   H  N N 86  
CYS HXT  H  N N 87  
GLN N    N  N N 88  
GLN CA   C  N S 89  
GLN C    C  N N 90  
GLN O    O  N N 91  
GLN CB   C  N N 92  
GLN CG   C  N N 93  
GLN CD   C  N N 94  
GLN OE1  O  N N 95  
GLN NE2  N  N N 96  
GLN OXT  O  N N 97  
GLN H    H  N N 98  
GLN H2   H  N N 99  
GLN HA   H  N N 100 
GLN HB2  H  N N 101 
GLN HB3  H  N N 102 
GLN HG2  H  N N 103 
GLN HG3  H  N N 104 
GLN HE21 H  N N 105 
GLN HE22 H  N N 106 
GLN HXT  H  N N 107 
GLU N    N  N N 108 
GLU CA   C  N S 109 
GLU C    C  N N 110 
GLU O    O  N N 111 
GLU CB   C  N N 112 
GLU CG   C  N N 113 
GLU CD   C  N N 114 
GLU OE1  O  N N 115 
GLU OE2  O  N N 116 
GLU OXT  O  N N 117 
GLU H    H  N N 118 
GLU H2   H  N N 119 
GLU HA   H  N N 120 
GLU HB2  H  N N 121 
GLU HB3  H  N N 122 
GLU HG2  H  N N 123 
GLU HG3  H  N N 124 
GLU HE2  H  N N 125 
GLU HXT  H  N N 126 
GLY N    N  N N 127 
GLY CA   C  N N 128 
GLY C    C  N N 129 
GLY O    O  N N 130 
GLY OXT  O  N N 131 
GLY H    H  N N 132 
GLY H2   H  N N 133 
GLY HA2  H  N N 134 
GLY HA3  H  N N 135 
GLY HXT  H  N N 136 
HIS N    N  N N 137 
HIS CA   C  N S 138 
HIS C    C  N N 139 
HIS O    O  N N 140 
HIS CB   C  N N 141 
HIS CG   C  Y N 142 
HIS ND1  N  Y N 143 
HIS CD2  C  Y N 144 
HIS CE1  C  Y N 145 
HIS NE2  N  Y N 146 
HIS OXT  O  N N 147 
HIS H    H  N N 148 
HIS H2   H  N N 149 
HIS HA   H  N N 150 
HIS HB2  H  N N 151 
HIS HB3  H  N N 152 
HIS HD1  H  N N 153 
HIS HD2  H  N N 154 
HIS HE1  H  N N 155 
HIS HE2  H  N N 156 
HIS HXT  H  N N 157 
HOH O    O  N N 158 
HOH H1   H  N N 159 
HOH H2   H  N N 160 
ILE N    N  N N 161 
ILE CA   C  N S 162 
ILE C    C  N N 163 
ILE O    O  N N 164 
ILE CB   C  N S 165 
ILE CG1  C  N N 166 
ILE CG2  C  N N 167 
ILE CD1  C  N N 168 
ILE OXT  O  N N 169 
ILE H    H  N N 170 
ILE H2   H  N N 171 
ILE HA   H  N N 172 
ILE HB   H  N N 173 
ILE HG12 H  N N 174 
ILE HG13 H  N N 175 
ILE HG21 H  N N 176 
ILE HG22 H  N N 177 
ILE HG23 H  N N 178 
ILE HD11 H  N N 179 
ILE HD12 H  N N 180 
ILE HD13 H  N N 181 
ILE HXT  H  N N 182 
LEU N    N  N N 183 
LEU CA   C  N S 184 
LEU C    C  N N 185 
LEU O    O  N N 186 
LEU CB   C  N N 187 
LEU CG   C  N N 188 
LEU CD1  C  N N 189 
LEU CD2  C  N N 190 
LEU OXT  O  N N 191 
LEU H    H  N N 192 
LEU H2   H  N N 193 
LEU HA   H  N N 194 
LEU HB2  H  N N 195 
LEU HB3  H  N N 196 
LEU HG   H  N N 197 
LEU HD11 H  N N 198 
LEU HD12 H  N N 199 
LEU HD13 H  N N 200 
LEU HD21 H  N N 201 
LEU HD22 H  N N 202 
LEU HD23 H  N N 203 
LEU HXT  H  N N 204 
LYS N    N  N N 205 
LYS CA   C  N S 206 
LYS C    C  N N 207 
LYS O    O  N N 208 
LYS CB   C  N N 209 
LYS CG   C  N N 210 
LYS CD   C  N N 211 
LYS CE   C  N N 212 
LYS NZ   N  N N 213 
LYS OXT  O  N N 214 
LYS H    H  N N 215 
LYS H2   H  N N 216 
LYS HA   H  N N 217 
LYS HB2  H  N N 218 
LYS HB3  H  N N 219 
LYS HG2  H  N N 220 
LYS HG3  H  N N 221 
LYS HD2  H  N N 222 
LYS HD3  H  N N 223 
LYS HE2  H  N N 224 
LYS HE3  H  N N 225 
LYS HZ1  H  N N 226 
LYS HZ2  H  N N 227 
LYS HZ3  H  N N 228 
LYS HXT  H  N N 229 
NA  NA   NA N N 230 
PHE N    N  N N 231 
PHE CA   C  N S 232 
PHE C    C  N N 233 
PHE O    O  N N 234 
PHE CB   C  N N 235 
PHE CG   C  Y N 236 
PHE CD1  C  Y N 237 
PHE CD2  C  Y N 238 
PHE CE1  C  Y N 239 
PHE CE2  C  Y N 240 
PHE CZ   C  Y N 241 
PHE OXT  O  N N 242 
PHE H    H  N N 243 
PHE H2   H  N N 244 
PHE HA   H  N N 245 
PHE HB2  H  N N 246 
PHE HB3  H  N N 247 
PHE HD1  H  N N 248 
PHE HD2  H  N N 249 
PHE HE1  H  N N 250 
PHE HE2  H  N N 251 
PHE HZ   H  N N 252 
PHE HXT  H  N N 253 
PRO N    N  N N 254 
PRO CA   C  N S 255 
PRO C    C  N N 256 
PRO O    O  N N 257 
PRO CB   C  N N 258 
PRO CG   C  N N 259 
PRO CD   C  N N 260 
PRO OXT  O  N N 261 
PRO H    H  N N 262 
PRO HA   H  N N 263 
PRO HB2  H  N N 264 
PRO HB3  H  N N 265 
PRO HG2  H  N N 266 
PRO HG3  H  N N 267 
PRO HD2  H  N N 268 
PRO HD3  H  N N 269 
PRO HXT  H  N N 270 
SER N    N  N N 271 
SER CA   C  N S 272 
SER C    C  N N 273 
SER O    O  N N 274 
SER CB   C  N N 275 
SER OG   O  N N 276 
SER OXT  O  N N 277 
SER H    H  N N 278 
SER H2   H  N N 279 
SER HA   H  N N 280 
SER HB2  H  N N 281 
SER HB3  H  N N 282 
SER HG   H  N N 283 
SER HXT  H  N N 284 
SO4 S    S  N N 285 
SO4 O1   O  N N 286 
SO4 O2   O  N N 287 
SO4 O3   O  N N 288 
SO4 O4   O  N N 289 
THR N    N  N N 290 
THR CA   C  N S 291 
THR C    C  N N 292 
THR O    O  N N 293 
THR CB   C  N R 294 
THR OG1  O  N N 295 
THR CG2  C  N N 296 
THR OXT  O  N N 297 
THR H    H  N N 298 
THR H2   H  N N 299 
THR HA   H  N N 300 
THR HB   H  N N 301 
THR HG1  H  N N 302 
THR HG21 H  N N 303 
THR HG22 H  N N 304 
THR HG23 H  N N 305 
THR HXT  H  N N 306 
TRP N    N  N N 307 
TRP CA   C  N S 308 
TRP C    C  N N 309 
TRP O    O  N N 310 
TRP CB   C  N N 311 
TRP CG   C  Y N 312 
TRP CD1  C  Y N 313 
TRP CD2  C  Y N 314 
TRP NE1  N  Y N 315 
TRP CE2  C  Y N 316 
TRP CE3  C  Y N 317 
TRP CZ2  C  Y N 318 
TRP CZ3  C  Y N 319 
TRP CH2  C  Y N 320 
TRP OXT  O  N N 321 
TRP H    H  N N 322 
TRP H2   H  N N 323 
TRP HA   H  N N 324 
TRP HB2  H  N N 325 
TRP HB3  H  N N 326 
TRP HD1  H  N N 327 
TRP HE1  H  N N 328 
TRP HE3  H  N N 329 
TRP HZ2  H  N N 330 
TRP HZ3  H  N N 331 
TRP HH2  H  N N 332 
TRP HXT  H  N N 333 
TYR N    N  N N 334 
TYR CA   C  N S 335 
TYR C    C  N N 336 
TYR O    O  N N 337 
TYR CB   C  N N 338 
TYR CG   C  Y N 339 
TYR CD1  C  Y N 340 
TYR CD2  C  Y N 341 
TYR CE1  C  Y N 342 
TYR CE2  C  Y N 343 
TYR CZ   C  Y N 344 
TYR OH   O  N N 345 
TYR OXT  O  N N 346 
TYR H    H  N N 347 
TYR H2   H  N N 348 
TYR HA   H  N N 349 
TYR HB2  H  N N 350 
TYR HB3  H  N N 351 
TYR HD1  H  N N 352 
TYR HD2  H  N N 353 
TYR HE1  H  N N 354 
TYR HE2  H  N N 355 
TYR HH   H  N N 356 
TYR HXT  H  N N 357 
VAL N    N  N N 358 
VAL CA   C  N S 359 
VAL C    C  N N 360 
VAL O    O  N N 361 
VAL CB   C  N N 362 
VAL CG1  C  N N 363 
VAL CG2  C  N N 364 
VAL OXT  O  N N 365 
VAL H    H  N N 366 
VAL H2   H  N N 367 
VAL HA   H  N N 368 
VAL HB   H  N N 369 
VAL HG11 H  N N 370 
VAL HG12 H  N N 371 
VAL HG13 H  N N 372 
VAL HG21 H  N N 373 
VAL HG22 H  N N 374 
VAL HG23 H  N N 375 
VAL HXT  H  N N 376 
XH2 OAF  O  N N 377 
XH2 CAC  C  N R 378 
XH2 CAB  C  N R 379 
XH2 OAG  O  N N 380 
XH2 CAA  C  N N 381 
XH2 CAI  C  N R 382 
XH2 CAH  C  N N 383 
XH2 OAO  O  N N 384 
XH2 OAN  O  N N 385 
XH2 OAM  O  N N 386 
XH2 CAE  C  N N 387 
XH2 CAD  C  N N 388 
XH2 CAL  C  N N 389 
XH2 CAK  C  N N 390 
XH2 OAJ  O  N N 391 
XH2 HAF  H  N N 392 
XH2 HAC  H  N N 393 
XH2 HAB  H  N N 394 
XH2 HAG  H  N N 395 
XH2 HAA1 H  N N 396 
XH2 HAA2 H  N N 397 
XH2 HAM  H  N N 398 
XH2 HAE  H  N N 399 
XH2 HAN  H  N N 400 
XH2 HAL1 H  N N 401 
XH2 HAL2 H  N N 402 
XH2 HAK1 H  N N 403 
XH2 HAK2 H  N N 404 
XH2 HAJ  H  N N 405 
# 
loop_
_chem_comp_bond.comp_id 
_chem_comp_bond.atom_id_1 
_chem_comp_bond.atom_id_2 
_chem_comp_bond.value_order 
_chem_comp_bond.pdbx_aromatic_flag 
_chem_comp_bond.pdbx_stereo_config 
_chem_comp_bond.pdbx_ordinal 
ALA N   CA   sing N N 1   
ALA N   H    sing N N 2   
ALA N   H2   sing N N 3   
ALA CA  C    sing N N 4   
ALA CA  CB   sing N N 5   
ALA CA  HA   sing N N 6   
ALA C   O    doub N N 7   
ALA C   OXT  sing N N 8   
ALA CB  HB1  sing N N 9   
ALA CB  HB2  sing N N 10  
ALA CB  HB3  sing N N 11  
ALA OXT HXT  sing N N 12  
ARG N   CA   sing N N 13  
ARG N   H    sing N N 14  
ARG N   H2   sing N N 15  
ARG CA  C    sing N N 16  
ARG CA  CB   sing N N 17  
ARG CA  HA   sing N N 18  
ARG C   O    doub N N 19  
ARG C   OXT  sing N N 20  
ARG CB  CG   sing N N 21  
ARG CB  HB2  sing N N 22  
ARG CB  HB3  sing N N 23  
ARG CG  CD   sing N N 24  
ARG CG  HG2  sing N N 25  
ARG CG  HG3  sing N N 26  
ARG CD  NE   sing N N 27  
ARG CD  HD2  sing N N 28  
ARG CD  HD3  sing N N 29  
ARG NE  CZ   sing N N 30  
ARG NE  HE   sing N N 31  
ARG CZ  NH1  sing N N 32  
ARG CZ  NH2  doub N N 33  
ARG NH1 HH11 sing N N 34  
ARG NH1 HH12 sing N N 35  
ARG NH2 HH21 sing N N 36  
ARG NH2 HH22 sing N N 37  
ARG OXT HXT  sing N N 38  
ASN N   CA   sing N N 39  
ASN N   H    sing N N 40  
ASN N   H2   sing N N 41  
ASN CA  C    sing N N 42  
ASN CA  CB   sing N N 43  
ASN CA  HA   sing N N 44  
ASN C   O    doub N N 45  
ASN C   OXT  sing N N 46  
ASN CB  CG   sing N N 47  
ASN CB  HB2  sing N N 48  
ASN CB  HB3  sing N N 49  
ASN CG  OD1  doub N N 50  
ASN CG  ND2  sing N N 51  
ASN ND2 HD21 sing N N 52  
ASN ND2 HD22 sing N N 53  
ASN OXT HXT  sing N N 54  
ASP N   CA   sing N N 55  
ASP N   H    sing N N 56  
ASP N   H2   sing N N 57  
ASP CA  C    sing N N 58  
ASP CA  CB   sing N N 59  
ASP CA  HA   sing N N 60  
ASP C   O    doub N N 61  
ASP C   OXT  sing N N 62  
ASP CB  CG   sing N N 63  
ASP CB  HB2  sing N N 64  
ASP CB  HB3  sing N N 65  
ASP CG  OD1  doub N N 66  
ASP CG  OD2  sing N N 67  
ASP OD2 HD2  sing N N 68  
ASP OXT HXT  sing N N 69  
CYS N   CA   sing N N 70  
CYS N   H    sing N N 71  
CYS N   H2   sing N N 72  
CYS CA  C    sing N N 73  
CYS CA  CB   sing N N 74  
CYS CA  HA   sing N N 75  
CYS C   O    doub N N 76  
CYS C   OXT  sing N N 77  
CYS CB  SG   sing N N 78  
CYS CB  HB2  sing N N 79  
CYS CB  HB3  sing N N 80  
CYS SG  HG   sing N N 81  
CYS OXT HXT  sing N N 82  
GLN N   CA   sing N N 83  
GLN N   H    sing N N 84  
GLN N   H2   sing N N 85  
GLN CA  C    sing N N 86  
GLN CA  CB   sing N N 87  
GLN CA  HA   sing N N 88  
GLN C   O    doub N N 89  
GLN C   OXT  sing N N 90  
GLN CB  CG   sing N N 91  
GLN CB  HB2  sing N N 92  
GLN CB  HB3  sing N N 93  
GLN CG  CD   sing N N 94  
GLN CG  HG2  sing N N 95  
GLN CG  HG3  sing N N 96  
GLN CD  OE1  doub N N 97  
GLN CD  NE2  sing N N 98  
GLN NE2 HE21 sing N N 99  
GLN NE2 HE22 sing N N 100 
GLN OXT HXT  sing N N 101 
GLU N   CA   sing N N 102 
GLU N   H    sing N N 103 
GLU N   H2   sing N N 104 
GLU CA  C    sing N N 105 
GLU CA  CB   sing N N 106 
GLU CA  HA   sing N N 107 
GLU C   O    doub N N 108 
GLU C   OXT  sing N N 109 
GLU CB  CG   sing N N 110 
GLU CB  HB2  sing N N 111 
GLU CB  HB3  sing N N 112 
GLU CG  CD   sing N N 113 
GLU CG  HG2  sing N N 114 
GLU CG  HG3  sing N N 115 
GLU CD  OE1  doub N N 116 
GLU CD  OE2  sing N N 117 
GLU OE2 HE2  sing N N 118 
GLU OXT HXT  sing N N 119 
GLY N   CA   sing N N 120 
GLY N   H    sing N N 121 
GLY N   H2   sing N N 122 
GLY CA  C    sing N N 123 
GLY CA  HA2  sing N N 124 
GLY CA  HA3  sing N N 125 
GLY C   O    doub N N 126 
GLY C   OXT  sing N N 127 
GLY OXT HXT  sing N N 128 
HIS N   CA   sing N N 129 
HIS N   H    sing N N 130 
HIS N   H2   sing N N 131 
HIS CA  C    sing N N 132 
HIS CA  CB   sing N N 133 
HIS CA  HA   sing N N 134 
HIS C   O    doub N N 135 
HIS C   OXT  sing N N 136 
HIS CB  CG   sing N N 137 
HIS CB  HB2  sing N N 138 
HIS CB  HB3  sing N N 139 
HIS CG  ND1  sing Y N 140 
HIS CG  CD2  doub Y N 141 
HIS ND1 CE1  doub Y N 142 
HIS ND1 HD1  sing N N 143 
HIS CD2 NE2  sing Y N 144 
HIS CD2 HD2  sing N N 145 
HIS CE1 NE2  sing Y N 146 
HIS CE1 HE1  sing N N 147 
HIS NE2 HE2  sing N N 148 
HIS OXT HXT  sing N N 149 
HOH O   H1   sing N N 150 
HOH O   H2   sing N N 151 
ILE N   CA   sing N N 152 
ILE N   H    sing N N 153 
ILE N   H2   sing N N 154 
ILE CA  C    sing N N 155 
ILE CA  CB   sing N N 156 
ILE CA  HA   sing N N 157 
ILE C   O    doub N N 158 
ILE C   OXT  sing N N 159 
ILE CB  CG1  sing N N 160 
ILE CB  CG2  sing N N 161 
ILE CB  HB   sing N N 162 
ILE CG1 CD1  sing N N 163 
ILE CG1 HG12 sing N N 164 
ILE CG1 HG13 sing N N 165 
ILE CG2 HG21 sing N N 166 
ILE CG2 HG22 sing N N 167 
ILE CG2 HG23 sing N N 168 
ILE CD1 HD11 sing N N 169 
ILE CD1 HD12 sing N N 170 
ILE CD1 HD13 sing N N 171 
ILE OXT HXT  sing N N 172 
LEU N   CA   sing N N 173 
LEU N   H    sing N N 174 
LEU N   H2   sing N N 175 
LEU CA  C    sing N N 176 
LEU CA  CB   sing N N 177 
LEU CA  HA   sing N N 178 
LEU C   O    doub N N 179 
LEU C   OXT  sing N N 180 
LEU CB  CG   sing N N 181 
LEU CB  HB2  sing N N 182 
LEU CB  HB3  sing N N 183 
LEU CG  CD1  sing N N 184 
LEU CG  CD2  sing N N 185 
LEU CG  HG   sing N N 186 
LEU CD1 HD11 sing N N 187 
LEU CD1 HD12 sing N N 188 
LEU CD1 HD13 sing N N 189 
LEU CD2 HD21 sing N N 190 
LEU CD2 HD22 sing N N 191 
LEU CD2 HD23 sing N N 192 
LEU OXT HXT  sing N N 193 
LYS N   CA   sing N N 194 
LYS N   H    sing N N 195 
LYS N   H2   sing N N 196 
LYS CA  C    sing N N 197 
LYS CA  CB   sing N N 198 
LYS CA  HA   sing N N 199 
LYS C   O    doub N N 200 
LYS C   OXT  sing N N 201 
LYS CB  CG   sing N N 202 
LYS CB  HB2  sing N N 203 
LYS CB  HB3  sing N N 204 
LYS CG  CD   sing N N 205 
LYS CG  HG2  sing N N 206 
LYS CG  HG3  sing N N 207 
LYS CD  CE   sing N N 208 
LYS CD  HD2  sing N N 209 
LYS CD  HD3  sing N N 210 
LYS CE  NZ   sing N N 211 
LYS CE  HE2  sing N N 212 
LYS CE  HE3  sing N N 213 
LYS NZ  HZ1  sing N N 214 
LYS NZ  HZ2  sing N N 215 
LYS NZ  HZ3  sing N N 216 
LYS OXT HXT  sing N N 217 
PHE N   CA   sing N N 218 
PHE N   H    sing N N 219 
PHE N   H2   sing N N 220 
PHE CA  C    sing N N 221 
PHE CA  CB   sing N N 222 
PHE CA  HA   sing N N 223 
PHE C   O    doub N N 224 
PHE C   OXT  sing N N 225 
PHE CB  CG   sing N N 226 
PHE CB  HB2  sing N N 227 
PHE CB  HB3  sing N N 228 
PHE CG  CD1  doub Y N 229 
PHE CG  CD2  sing Y N 230 
PHE CD1 CE1  sing Y N 231 
PHE CD1 HD1  sing N N 232 
PHE CD2 CE2  doub Y N 233 
PHE CD2 HD2  sing N N 234 
PHE CE1 CZ   doub Y N 235 
PHE CE1 HE1  sing N N 236 
PHE CE2 CZ   sing Y N 237 
PHE CE2 HE2  sing N N 238 
PHE CZ  HZ   sing N N 239 
PHE OXT HXT  sing N N 240 
PRO N   CA   sing N N 241 
PRO N   CD   sing N N 242 
PRO N   H    sing N N 243 
PRO CA  C    sing N N 244 
PRO CA  CB   sing N N 245 
PRO CA  HA   sing N N 246 
PRO C   O    doub N N 247 
PRO C   OXT  sing N N 248 
PRO CB  CG   sing N N 249 
PRO CB  HB2  sing N N 250 
PRO CB  HB3  sing N N 251 
PRO CG  CD   sing N N 252 
PRO CG  HG2  sing N N 253 
PRO CG  HG3  sing N N 254 
PRO CD  HD2  sing N N 255 
PRO CD  HD3  sing N N 256 
PRO OXT HXT  sing N N 257 
SER N   CA   sing N N 258 
SER N   H    sing N N 259 
SER N   H2   sing N N 260 
SER CA  C    sing N N 261 
SER CA  CB   sing N N 262 
SER CA  HA   sing N N 263 
SER C   O    doub N N 264 
SER C   OXT  sing N N 265 
SER CB  OG   sing N N 266 
SER CB  HB2  sing N N 267 
SER CB  HB3  sing N N 268 
SER OG  HG   sing N N 269 
SER OXT HXT  sing N N 270 
SO4 S   O1   doub N N 271 
SO4 S   O2   doub N N 272 
SO4 S   O3   sing N N 273 
SO4 S   O4   sing N N 274 
THR N   CA   sing N N 275 
THR N   H    sing N N 276 
THR N   H2   sing N N 277 
THR CA  C    sing N N 278 
THR CA  CB   sing N N 279 
THR CA  HA   sing N N 280 
THR C   O    doub N N 281 
THR C   OXT  sing N N 282 
THR CB  OG1  sing N N 283 
THR CB  CG2  sing N N 284 
THR CB  HB   sing N N 285 
THR OG1 HG1  sing N N 286 
THR CG2 HG21 sing N N 287 
THR CG2 HG22 sing N N 288 
THR CG2 HG23 sing N N 289 
THR OXT HXT  sing N N 290 
TRP N   CA   sing N N 291 
TRP N   H    sing N N 292 
TRP N   H2   sing N N 293 
TRP CA  C    sing N N 294 
TRP CA  CB   sing N N 295 
TRP CA  HA   sing N N 296 
TRP C   O    doub N N 297 
TRP C   OXT  sing N N 298 
TRP CB  CG   sing N N 299 
TRP CB  HB2  sing N N 300 
TRP CB  HB3  sing N N 301 
TRP CG  CD1  doub Y N 302 
TRP CG  CD2  sing Y N 303 
TRP CD1 NE1  sing Y N 304 
TRP CD1 HD1  sing N N 305 
TRP CD2 CE2  doub Y N 306 
TRP CD2 CE3  sing Y N 307 
TRP NE1 CE2  sing Y N 308 
TRP NE1 HE1  sing N N 309 
TRP CE2 CZ2  sing Y N 310 
TRP CE3 CZ3  doub Y N 311 
TRP CE3 HE3  sing N N 312 
TRP CZ2 CH2  doub Y N 313 
TRP CZ2 HZ2  sing N N 314 
TRP CZ3 CH2  sing Y N 315 
TRP CZ3 HZ3  sing N N 316 
TRP CH2 HH2  sing N N 317 
TRP OXT HXT  sing N N 318 
TYR N   CA   sing N N 319 
TYR N   H    sing N N 320 
TYR N   H2   sing N N 321 
TYR CA  C    sing N N 322 
TYR CA  CB   sing N N 323 
TYR CA  HA   sing N N 324 
TYR C   O    doub N N 325 
TYR C   OXT  sing N N 326 
TYR CB  CG   sing N N 327 
TYR CB  HB2  sing N N 328 
TYR CB  HB3  sing N N 329 
TYR CG  CD1  doub Y N 330 
TYR CG  CD2  sing Y N 331 
TYR CD1 CE1  sing Y N 332 
TYR CD1 HD1  sing N N 333 
TYR CD2 CE2  doub Y N 334 
TYR CD2 HD2  sing N N 335 
TYR CE1 CZ   doub Y N 336 
TYR CE1 HE1  sing N N 337 
TYR CE2 CZ   sing Y N 338 
TYR CE2 HE2  sing N N 339 
TYR CZ  OH   sing N N 340 
TYR OH  HH   sing N N 341 
TYR OXT HXT  sing N N 342 
VAL N   CA   sing N N 343 
VAL N   H    sing N N 344 
VAL N   H2   sing N N 345 
VAL CA  C    sing N N 346 
VAL CA  CB   sing N N 347 
VAL CA  HA   sing N N 348 
VAL C   O    doub N N 349 
VAL C   OXT  sing N N 350 
VAL CB  CG1  sing N N 351 
VAL CB  CG2  sing N N 352 
VAL CB  HB   sing N N 353 
VAL CG1 HG11 sing N N 354 
VAL CG1 HG12 sing N N 355 
VAL CG1 HG13 sing N N 356 
VAL CG2 HG21 sing N N 357 
VAL CG2 HG22 sing N N 358 
VAL CG2 HG23 sing N N 359 
VAL OXT HXT  sing N N 360 
XH2 OAF CAC  sing N N 361 
XH2 CAC CAB  sing N N 362 
XH2 CAC CAD  sing N N 363 
XH2 CAB OAG  sing N N 364 
XH2 CAB CAA  sing N N 365 
XH2 CAA CAI  sing N N 366 
XH2 CAI CAH  sing N N 367 
XH2 CAI OAM  sing N N 368 
XH2 CAI CAE  sing N N 369 
XH2 CAH OAO  doub N N 370 
XH2 CAH OAN  sing N N 371 
XH2 CAE CAD  doub N N 372 
XH2 CAD CAL  sing N N 373 
XH2 CAL CAK  sing N N 374 
XH2 CAK OAJ  sing N N 375 
XH2 OAF HAF  sing N N 376 
XH2 CAC HAC  sing N N 377 
XH2 CAB HAB  sing N N 378 
XH2 OAG HAG  sing N N 379 
XH2 CAA HAA1 sing N N 380 
XH2 CAA HAA2 sing N N 381 
XH2 OAM HAM  sing N N 382 
XH2 CAE HAE  sing N N 383 
XH2 OAN HAN  sing N N 384 
XH2 CAL HAL1 sing N N 385 
XH2 CAL HAL2 sing N N 386 
XH2 CAK HAK1 sing N N 387 
XH2 CAK HAK2 sing N N 388 
XH2 OAJ HAJ  sing N N 389 
# 
loop_
_pdbx_entity_nonpoly.entity_id 
_pdbx_entity_nonpoly.name 
_pdbx_entity_nonpoly.comp_id 
2 'SULFATE ION'                                                                    SO4 
3 'SODIUM ION'                                                                     NA  
4 '(1R,4R,5R)-1,4,5-trihydroxy-3-(2-hydroxy)ethylcyclohex-2-ene-1-carboxylic acid' XH2 
5 water                                                                            HOH 
# 
_pdbx_initial_refinement_model.id               1 
_pdbx_initial_refinement_model.entity_id_list   ? 
_pdbx_initial_refinement_model.type             'experimental model' 
_pdbx_initial_refinement_model.source_name      PDB 
_pdbx_initial_refinement_model.accession_code   2Y71 
_pdbx_initial_refinement_model.details          'PDB ENTRY 2Y71' 
# 
